data_1A3D
# 
_entry.id   1A3D 
# 
_audit_conform.dict_name       mmcif_pdbx.dic 
_audit_conform.dict_version    5.397 
_audit_conform.dict_location   http://mmcif.pdb.org/dictionaries/ascii/mmcif_pdbx.dic 
# 
loop_
_database_2.database_id 
_database_2.database_code 
_database_2.pdbx_database_accession 
_database_2.pdbx_DOI 
PDB   1A3D         pdb_00001a3d 10.2210/pdb1a3d/pdb 
WWPDB D_1000170341 ?            ?                   
# 
loop_
_pdbx_audit_revision_history.ordinal 
_pdbx_audit_revision_history.data_content_type 
_pdbx_audit_revision_history.major_revision 
_pdbx_audit_revision_history.minor_revision 
_pdbx_audit_revision_history.revision_date 
1 'Structure model' 1 0 1998-04-29 
2 'Structure model' 1 1 2008-03-24 
3 'Structure model' 1 2 2011-07-13 
4 'Structure model' 1 3 2011-11-16 
5 'Structure model' 1 4 2023-08-02 
6 'Structure model' 1 5 2024-10-23 
# 
_pdbx_audit_revision_details.ordinal             1 
_pdbx_audit_revision_details.revision_ordinal    1 
_pdbx_audit_revision_details.data_content_type   'Structure model' 
_pdbx_audit_revision_details.provider            repository 
_pdbx_audit_revision_details.type                'Initial release' 
_pdbx_audit_revision_details.description         ? 
_pdbx_audit_revision_details.details             ? 
# 
loop_
_pdbx_audit_revision_group.ordinal 
_pdbx_audit_revision_group.revision_ordinal 
_pdbx_audit_revision_group.data_content_type 
_pdbx_audit_revision_group.group 
1 2 'Structure model' 'Version format compliance' 
2 3 'Structure model' 'Version format compliance' 
3 4 'Structure model' 'Atomic model'              
4 5 'Structure model' 'Database references'       
5 5 'Structure model' 'Derived calculations'      
6 5 'Structure model' Other                       
7 5 'Structure model' 'Refinement description'    
8 6 'Structure model' 'Data collection'           
9 6 'Structure model' 'Structure summary'         
# 
loop_
_pdbx_audit_revision_category.ordinal 
_pdbx_audit_revision_category.revision_ordinal 
_pdbx_audit_revision_category.data_content_type 
_pdbx_audit_revision_category.category 
1 5 'Structure model' database_2                    
2 5 'Structure model' pdbx_database_status          
3 5 'Structure model' pdbx_initial_refinement_model 
4 5 'Structure model' struct_conn                   
5 5 'Structure model' struct_site                   
6 6 'Structure model' chem_comp_atom                
7 6 'Structure model' chem_comp_bond                
8 6 'Structure model' pdbx_entry_details            
9 6 'Structure model' pdbx_modification_feature     
# 
loop_
_pdbx_audit_revision_item.ordinal 
_pdbx_audit_revision_item.revision_ordinal 
_pdbx_audit_revision_item.data_content_type 
_pdbx_audit_revision_item.item 
1  5 'Structure model' '_database_2.pdbx_DOI'                
2  5 'Structure model' '_database_2.pdbx_database_accession' 
3  5 'Structure model' '_pdbx_database_status.process_site'  
4  5 'Structure model' '_struct_conn.ptnr1_auth_comp_id'     
5  5 'Structure model' '_struct_conn.ptnr1_auth_seq_id'      
6  5 'Structure model' '_struct_conn.ptnr1_label_asym_id'    
7  5 'Structure model' '_struct_conn.ptnr1_label_atom_id'    
8  5 'Structure model' '_struct_conn.ptnr1_label_comp_id'    
9  5 'Structure model' '_struct_conn.ptnr1_label_seq_id'     
10 5 'Structure model' '_struct_conn.ptnr1_symmetry'         
11 5 'Structure model' '_struct_conn.ptnr2_auth_comp_id'     
12 5 'Structure model' '_struct_conn.ptnr2_auth_seq_id'      
13 5 'Structure model' '_struct_conn.ptnr2_label_asym_id'    
14 5 'Structure model' '_struct_conn.ptnr2_label_atom_id'    
15 5 'Structure model' '_struct_conn.ptnr2_label_comp_id'    
16 5 'Structure model' '_struct_conn.ptnr2_label_seq_id'     
17 5 'Structure model' '_struct_conn.ptnr2_symmetry'         
18 5 'Structure model' '_struct_site.pdbx_auth_asym_id'      
19 5 'Structure model' '_struct_site.pdbx_auth_comp_id'      
20 5 'Structure model' '_struct_site.pdbx_auth_seq_id'       
# 
_pdbx_database_status.status_code                     REL 
_pdbx_database_status.entry_id                        1A3D 
_pdbx_database_status.recvd_initial_deposition_date   1998-01-20 
_pdbx_database_status.deposit_site                    ? 
_pdbx_database_status.process_site                    BNL 
_pdbx_database_status.SG_entry                        . 
_pdbx_database_status.pdb_format_compatible           Y 
_pdbx_database_status.status_code_mr                  ? 
_pdbx_database_status.status_code_sf                  ? 
_pdbx_database_status.status_code_cs                  ? 
_pdbx_database_status.status_code_nmr_data            ? 
_pdbx_database_status.methods_development_category    ? 
# 
loop_
_audit_author.name 
_audit_author.pdbx_ordinal 
'Segelke, B.W.' 1 
'Nguyen, D.'    2 
'Chee, R.'      3 
'Xuong, H.N.'   4 
'Dennis, E.A.'  5 
# 
_citation.id                        primary 
_citation.title                     
'Structures of two novel crystal forms of Naja naja naja phospholipase A2 lacking Ca2+ reveal trimeric packing.' 
_citation.journal_abbrev            J.Mol.Biol. 
_citation.journal_volume            279 
_citation.page_first                223 
_citation.page_last                 232 
_citation.year                      1998 
_citation.journal_id_ASTM           JMOBAK 
_citation.country                   UK 
_citation.journal_id_ISSN           0022-2836 
_citation.journal_id_CSD            0070 
_citation.book_publisher            ? 
_citation.pdbx_database_id_PubMed   9636712 
_citation.pdbx_database_id_DOI      10.1006/jmbi.1998.1759 
# 
loop_
_citation_author.citation_id 
_citation_author.name 
_citation_author.ordinal 
_citation_author.identifier_ORCID 
primary 'Segelke, B.W.' 1 ? 
primary 'Nguyen, D.'    2 ? 
primary 'Chee, R.'      3 ? 
primary 'Xuong, N.H.'   4 ? 
primary 'Dennis, E.A.'  5 ? 
# 
loop_
_entity.id 
_entity.type 
_entity.src_method 
_entity.pdbx_description 
_entity.formula_weight 
_entity.pdbx_number_of_molecules 
_entity.pdbx_ec 
_entity.pdbx_mutation 
_entity.pdbx_fragment 
_entity.details 
1 polymer     nat 'PHOSPHOLIPASE A2' 13357.855 1   3.1.1.4 ? ? ? 
2 non-polymer syn 'SODIUM ION'       22.990    1   ?       ? ? ? 
3 water       nat water              18.015    119 ?       ? ? ? 
# 
_entity_poly.entity_id                      1 
_entity_poly.type                           'polypeptide(L)' 
_entity_poly.nstd_linkage                   no 
_entity_poly.nstd_monomer                   no 
_entity_poly.pdbx_seq_one_letter_code       
;NLYQFKNMIKCTVPSRSWWDFADYGCYCGRGGSGTPVDDLDRCCQVHDNCYNEAEKISGCWPYFKTYSYECSQGTLTCKG
DNNACAASVCDCDRLAAICFAGAPYNDNNYNIDLKARCQ
;
_entity_poly.pdbx_seq_one_letter_code_can   
;NLYQFKNMIKCTVPSRSWWDFADYGCYCGRGGSGTPVDDLDRCCQVHDNCYNEAEKISGCWPYFKTYSYECSQGTLTCKG
DNNACAASVCDCDRLAAICFAGAPYNDNNYNIDLKARCQ
;
_entity_poly.pdbx_strand_id                 A 
_entity_poly.pdbx_target_identifier         ? 
# 
loop_
_pdbx_entity_nonpoly.entity_id 
_pdbx_entity_nonpoly.name 
_pdbx_entity_nonpoly.comp_id 
2 'SODIUM ION' NA  
3 water        HOH 
# 
loop_
_entity_poly_seq.entity_id 
_entity_poly_seq.num 
_entity_poly_seq.mon_id 
_entity_poly_seq.hetero 
1 1   ASN n 
1 2   LEU n 
1 3   TYR n 
1 4   GLN n 
1 5   PHE n 
1 6   LYS n 
1 7   ASN n 
1 8   MET n 
1 9   ILE n 
1 10  LYS n 
1 11  CYS n 
1 12  THR n 
1 13  VAL n 
1 14  PRO n 
1 15  SER n 
1 16  ARG n 
1 17  SER n 
1 18  TRP n 
1 19  TRP n 
1 20  ASP n 
1 21  PHE n 
1 22  ALA n 
1 23  ASP n 
1 24  TYR n 
1 25  GLY n 
1 26  CYS n 
1 27  TYR n 
1 28  CYS n 
1 29  GLY n 
1 30  ARG n 
1 31  GLY n 
1 32  GLY n 
1 33  SER n 
1 34  GLY n 
1 35  THR n 
1 36  PRO n 
1 37  VAL n 
1 38  ASP n 
1 39  ASP n 
1 40  LEU n 
1 41  ASP n 
1 42  ARG n 
1 43  CYS n 
1 44  CYS n 
1 45  GLN n 
1 46  VAL n 
1 47  HIS n 
1 48  ASP n 
1 49  ASN n 
1 50  CYS n 
1 51  TYR n 
1 52  ASN n 
1 53  GLU n 
1 54  ALA n 
1 55  GLU n 
1 56  LYS n 
1 57  ILE n 
1 58  SER n 
1 59  GLY n 
1 60  CYS n 
1 61  TRP n 
1 62  PRO n 
1 63  TYR n 
1 64  PHE n 
1 65  LYS n 
1 66  THR n 
1 67  TYR n 
1 68  SER n 
1 69  TYR n 
1 70  GLU n 
1 71  CYS n 
1 72  SER n 
1 73  GLN n 
1 74  GLY n 
1 75  THR n 
1 76  LEU n 
1 77  THR n 
1 78  CYS n 
1 79  LYS n 
1 80  GLY n 
1 81  ASP n 
1 82  ASN n 
1 83  ASN n 
1 84  ALA n 
1 85  CYS n 
1 86  ALA n 
1 87  ALA n 
1 88  SER n 
1 89  VAL n 
1 90  CYS n 
1 91  ASP n 
1 92  CYS n 
1 93  ASP n 
1 94  ARG n 
1 95  LEU n 
1 96  ALA n 
1 97  ALA n 
1 98  ILE n 
1 99  CYS n 
1 100 PHE n 
1 101 ALA n 
1 102 GLY n 
1 103 ALA n 
1 104 PRO n 
1 105 TYR n 
1 106 ASN n 
1 107 ASP n 
1 108 ASN n 
1 109 ASN n 
1 110 TYR n 
1 111 ASN n 
1 112 ILE n 
1 113 ASP n 
1 114 LEU n 
1 115 LYS n 
1 116 ALA n 
1 117 ARG n 
1 118 CYS n 
1 119 GLN n 
# 
_entity_src_nat.entity_id                  1 
_entity_src_nat.pdbx_src_id                1 
_entity_src_nat.pdbx_alt_source_flag       sample 
_entity_src_nat.pdbx_beg_seq_num           ? 
_entity_src_nat.pdbx_end_seq_num           ? 
_entity_src_nat.common_name                'Indian cobra' 
_entity_src_nat.pdbx_organism_scientific   'Naja naja' 
_entity_src_nat.pdbx_ncbi_taxonomy_id      35670 
_entity_src_nat.genus                      Naja 
_entity_src_nat.species                    ? 
_entity_src_nat.strain                     ? 
_entity_src_nat.tissue                     ? 
_entity_src_nat.tissue_fraction            ? 
_entity_src_nat.pdbx_secretion             ? 
_entity_src_nat.pdbx_fragment              ? 
_entity_src_nat.pdbx_variant               ? 
_entity_src_nat.pdbx_cell_line             ? 
_entity_src_nat.pdbx_atcc                  ? 
_entity_src_nat.pdbx_cellular_location     'VENOM SACK' 
_entity_src_nat.pdbx_organ                 ? 
_entity_src_nat.pdbx_organelle             ? 
_entity_src_nat.pdbx_cell                  ? 
_entity_src_nat.pdbx_plasmid_name          ? 
_entity_src_nat.pdbx_plasmid_details       ? 
_entity_src_nat.details                    ? 
# 
loop_
_chem_comp.id 
_chem_comp.type 
_chem_comp.mon_nstd_flag 
_chem_comp.name 
_chem_comp.pdbx_synonyms 
_chem_comp.formula 
_chem_comp.formula_weight 
ALA 'L-peptide linking' y ALANINE         ? 'C3 H7 N O2'     89.093  
ARG 'L-peptide linking' y ARGININE        ? 'C6 H15 N4 O2 1' 175.209 
ASN 'L-peptide linking' y ASPARAGINE      ? 'C4 H8 N2 O3'    132.118 
ASP 'L-peptide linking' y 'ASPARTIC ACID' ? 'C4 H7 N O4'     133.103 
CYS 'L-peptide linking' y CYSTEINE        ? 'C3 H7 N O2 S'   121.158 
GLN 'L-peptide linking' y GLUTAMINE       ? 'C5 H10 N2 O3'   146.144 
GLU 'L-peptide linking' y 'GLUTAMIC ACID' ? 'C5 H9 N O4'     147.129 
GLY 'peptide linking'   y GLYCINE         ? 'C2 H5 N O2'     75.067  
HIS 'L-peptide linking' y HISTIDINE       ? 'C6 H10 N3 O2 1' 156.162 
HOH non-polymer         . WATER           ? 'H2 O'           18.015  
ILE 'L-peptide linking' y ISOLEUCINE      ? 'C6 H13 N O2'    131.173 
LEU 'L-peptide linking' y LEUCINE         ? 'C6 H13 N O2'    131.173 
LYS 'L-peptide linking' y LYSINE          ? 'C6 H15 N2 O2 1' 147.195 
MET 'L-peptide linking' y METHIONINE      ? 'C5 H11 N O2 S'  149.211 
NA  non-polymer         . 'SODIUM ION'    ? 'Na 1'           22.990  
PHE 'L-peptide linking' y PHENYLALANINE   ? 'C9 H11 N O2'    165.189 
PRO 'L-peptide linking' y PROLINE         ? 'C5 H9 N O2'     115.130 
SER 'L-peptide linking' y SERINE          ? 'C3 H7 N O3'     105.093 
THR 'L-peptide linking' y THREONINE       ? 'C4 H9 N O3'     119.119 
TRP 'L-peptide linking' y TRYPTOPHAN      ? 'C11 H12 N2 O2'  204.225 
TYR 'L-peptide linking' y TYROSINE        ? 'C9 H11 N O3'    181.189 
VAL 'L-peptide linking' y VALINE          ? 'C5 H11 N O2'    117.146 
# 
loop_
_pdbx_poly_seq_scheme.asym_id 
_pdbx_poly_seq_scheme.entity_id 
_pdbx_poly_seq_scheme.seq_id 
_pdbx_poly_seq_scheme.mon_id 
_pdbx_poly_seq_scheme.ndb_seq_num 
_pdbx_poly_seq_scheme.pdb_seq_num 
_pdbx_poly_seq_scheme.auth_seq_num 
_pdbx_poly_seq_scheme.pdb_mon_id 
_pdbx_poly_seq_scheme.auth_mon_id 
_pdbx_poly_seq_scheme.pdb_strand_id 
_pdbx_poly_seq_scheme.pdb_ins_code 
_pdbx_poly_seq_scheme.hetero 
A 1 1   ASN 1   1   1   ASN ASN A . n 
A 1 2   LEU 2   2   2   LEU LEU A . n 
A 1 3   TYR 3   3   3   TYR TYR A . n 
A 1 4   GLN 4   4   4   GLN GLN A . n 
A 1 5   PHE 5   5   5   PHE PHE A . n 
A 1 6   LYS 6   6   6   LYS LYS A . n 
A 1 7   ASN 7   7   7   ASN ASN A . n 
A 1 8   MET 8   8   8   MET MET A . n 
A 1 9   ILE 9   9   9   ILE ILE A . n 
A 1 10  LYS 10  10  10  LYS LYS A . n 
A 1 11  CYS 11  11  11  CYS CYS A . n 
A 1 12  THR 12  12  12  THR THR A . n 
A 1 13  VAL 13  13  13  VAL VAL A . n 
A 1 14  PRO 14  14  14  PRO PRO A . n 
A 1 15  SER 15  15  15  SER SER A . n 
A 1 16  ARG 16  16  16  ARG ARG A . n 
A 1 17  SER 17  17  17  SER SER A . n 
A 1 18  TRP 18  18  18  TRP TRP A . n 
A 1 19  TRP 19  19  19  TRP TRP A . n 
A 1 20  ASP 20  20  20  ASP ASP A . n 
A 1 21  PHE 21  21  21  PHE PHE A . n 
A 1 22  ALA 22  22  22  ALA ALA A . n 
A 1 23  ASP 23  23  23  ASP ASP A . n 
A 1 24  TYR 24  24  24  TYR TYR A . n 
A 1 25  GLY 25  25  25  GLY GLY A . n 
A 1 26  CYS 26  26  26  CYS CYS A . n 
A 1 27  TYR 27  27  27  TYR TYR A . n 
A 1 28  CYS 28  28  28  CYS CYS A . n 
A 1 29  GLY 29  29  29  GLY GLY A . n 
A 1 30  ARG 30  30  30  ARG ARG A . n 
A 1 31  GLY 31  31  31  GLY GLY A . n 
A 1 32  GLY 32  32  32  GLY GLY A . n 
A 1 33  SER 33  33  33  SER SER A . n 
A 1 34  GLY 34  34  34  GLY GLY A . n 
A 1 35  THR 35  35  35  THR THR A . n 
A 1 36  PRO 36  36  36  PRO PRO A . n 
A 1 37  VAL 37  37  37  VAL VAL A . n 
A 1 38  ASP 38  38  38  ASP ASP A . n 
A 1 39  ASP 39  39  39  ASP ASP A . n 
A 1 40  LEU 40  40  40  LEU LEU A . n 
A 1 41  ASP 41  41  41  ASP ASP A . n 
A 1 42  ARG 42  42  42  ARG ARG A . n 
A 1 43  CYS 43  43  43  CYS CYS A . n 
A 1 44  CYS 44  44  44  CYS CYS A . n 
A 1 45  GLN 45  45  45  GLN GLN A . n 
A 1 46  VAL 46  46  46  VAL VAL A . n 
A 1 47  HIS 47  47  47  HIS HIS A . n 
A 1 48  ASP 48  48  48  ASP ASP A . n 
A 1 49  ASN 49  49  49  ASN ASN A . n 
A 1 50  CYS 50  50  50  CYS CYS A . n 
A 1 51  TYR 51  51  51  TYR TYR A . n 
A 1 52  ASN 52  52  52  ASN ASN A . n 
A 1 53  GLU 53  53  53  GLU GLU A . n 
A 1 54  ALA 54  54  54  ALA ALA A . n 
A 1 55  GLU 55  55  55  GLU GLU A . n 
A 1 56  LYS 56  56  56  LYS LYS A . n 
A 1 57  ILE 57  57  57  ILE ILE A . n 
A 1 58  SER 58  58  58  SER SER A . n 
A 1 59  GLY 59  59  59  GLY GLY A . n 
A 1 60  CYS 60  60  60  CYS CYS A . n 
A 1 61  TRP 61  61  61  TRP TRP A . n 
A 1 62  PRO 62  62  62  PRO PRO A . n 
A 1 63  TYR 63  63  63  TYR TYR A . n 
A 1 64  PHE 64  64  64  PHE PHE A . n 
A 1 65  LYS 65  65  65  LYS LYS A . n 
A 1 66  THR 66  66  66  THR THR A . n 
A 1 67  TYR 67  67  67  TYR TYR A . n 
A 1 68  SER 68  68  68  SER SER A . n 
A 1 69  TYR 69  69  69  TYR TYR A . n 
A 1 70  GLU 70  70  70  GLU GLU A . n 
A 1 71  CYS 71  71  71  CYS CYS A . n 
A 1 72  SER 72  72  72  SER SER A . n 
A 1 73  GLN 73  73  73  GLN GLN A . n 
A 1 74  GLY 74  74  74  GLY GLY A . n 
A 1 75  THR 75  75  75  THR THR A . n 
A 1 76  LEU 76  76  76  LEU LEU A . n 
A 1 77  THR 77  77  77  THR THR A . n 
A 1 78  CYS 78  78  78  CYS CYS A . n 
A 1 79  LYS 79  79  79  LYS LYS A . n 
A 1 80  GLY 80  80  80  GLY GLY A . n 
A 1 81  ASP 81  81  81  ASP ASP A . n 
A 1 82  ASN 82  82  82  ASN ASN A . n 
A 1 83  ASN 83  83  83  ASN ASN A . n 
A 1 84  ALA 84  84  84  ALA ALA A . n 
A 1 85  CYS 85  85  85  CYS CYS A . n 
A 1 86  ALA 86  86  86  ALA ALA A . n 
A 1 87  ALA 87  87  87  ALA ALA A . n 
A 1 88  SER 88  88  88  SER SER A . n 
A 1 89  VAL 89  89  89  VAL VAL A . n 
A 1 90  CYS 90  90  90  CYS CYS A . n 
A 1 91  ASP 91  91  91  ASP ASP A . n 
A 1 92  CYS 92  92  92  CYS CYS A . n 
A 1 93  ASP 93  93  93  ASP ASP A . n 
A 1 94  ARG 94  94  94  ARG ARG A . n 
A 1 95  LEU 95  95  95  LEU LEU A . n 
A 1 96  ALA 96  96  96  ALA ALA A . n 
A 1 97  ALA 97  97  97  ALA ALA A . n 
A 1 98  ILE 98  98  98  ILE ILE A . n 
A 1 99  CYS 99  99  99  CYS CYS A . n 
A 1 100 PHE 100 100 100 PHE PHE A . n 
A 1 101 ALA 101 101 101 ALA ALA A . n 
A 1 102 GLY 102 102 102 GLY GLY A . n 
A 1 103 ALA 103 103 103 ALA ALA A . n 
A 1 104 PRO 104 104 104 PRO PRO A . n 
A 1 105 TYR 105 105 105 TYR TYR A . n 
A 1 106 ASN 106 106 106 ASN ASN A . n 
A 1 107 ASP 107 107 107 ASP ASP A . n 
A 1 108 ASN 108 108 108 ASN ASN A . n 
A 1 109 ASN 109 109 109 ASN ASN A . n 
A 1 110 TYR 110 110 110 TYR TYR A . n 
A 1 111 ASN 111 111 111 ASN ASN A . n 
A 1 112 ILE 112 112 112 ILE ILE A . n 
A 1 113 ASP 113 113 113 ASP ASP A . n 
A 1 114 LEU 114 114 114 LEU LEU A . n 
A 1 115 LYS 115 115 115 LYS LYS A . n 
A 1 116 ALA 116 116 116 ALA ALA A . n 
A 1 117 ARG 117 117 117 ARG ARG A . n 
A 1 118 CYS 118 118 118 CYS CYS A . n 
A 1 119 GLN 119 119 119 GLN GLN A . n 
# 
loop_
_pdbx_nonpoly_scheme.asym_id 
_pdbx_nonpoly_scheme.entity_id 
_pdbx_nonpoly_scheme.mon_id 
_pdbx_nonpoly_scheme.ndb_seq_num 
_pdbx_nonpoly_scheme.pdb_seq_num 
_pdbx_nonpoly_scheme.auth_seq_num 
_pdbx_nonpoly_scheme.pdb_mon_id 
_pdbx_nonpoly_scheme.auth_mon_id 
_pdbx_nonpoly_scheme.pdb_strand_id 
_pdbx_nonpoly_scheme.pdb_ins_code 
B 2 NA  1   200 200 NA  NA  A . 
C 3 HOH 1   201 201 HOH HOH A . 
C 3 HOH 2   202 202 HOH HOH A . 
C 3 HOH 3   203 203 HOH HOH A . 
C 3 HOH 4   204 204 HOH HOH A . 
C 3 HOH 5   205 205 HOH HOH A . 
C 3 HOH 6   206 206 HOH HOH A . 
C 3 HOH 7   207 207 HOH HOH A . 
C 3 HOH 8   208 208 HOH HOH A . 
C 3 HOH 9   209 209 HOH HOH A . 
C 3 HOH 10  210 210 HOH HOH A . 
C 3 HOH 11  211 211 HOH HOH A . 
C 3 HOH 12  212 212 HOH HOH A . 
C 3 HOH 13  213 213 HOH HOH A . 
C 3 HOH 14  214 214 HOH HOH A . 
C 3 HOH 15  215 215 HOH HOH A . 
C 3 HOH 16  216 216 HOH HOH A . 
C 3 HOH 17  217 217 HOH HOH A . 
C 3 HOH 18  218 218 HOH HOH A . 
C 3 HOH 19  219 219 HOH HOH A . 
C 3 HOH 20  220 220 HOH HOH A . 
C 3 HOH 21  221 221 HOH HOH A . 
C 3 HOH 22  222 222 HOH HOH A . 
C 3 HOH 23  223 223 HOH HOH A . 
C 3 HOH 24  224 224 HOH HOH A . 
C 3 HOH 25  225 225 HOH HOH A . 
C 3 HOH 26  226 226 HOH HOH A . 
C 3 HOH 27  227 227 HOH HOH A . 
C 3 HOH 28  228 228 HOH HOH A . 
C 3 HOH 29  229 229 HOH HOH A . 
C 3 HOH 30  230 230 HOH HOH A . 
C 3 HOH 31  231 231 HOH HOH A . 
C 3 HOH 32  232 232 HOH HOH A . 
C 3 HOH 33  233 233 HOH HOH A . 
C 3 HOH 34  234 234 HOH HOH A . 
C 3 HOH 35  235 235 HOH HOH A . 
C 3 HOH 36  236 236 HOH HOH A . 
C 3 HOH 37  237 237 HOH HOH A . 
C 3 HOH 38  238 238 HOH HOH A . 
C 3 HOH 39  239 239 HOH HOH A . 
C 3 HOH 40  240 240 HOH HOH A . 
C 3 HOH 41  241 241 HOH HOH A . 
C 3 HOH 42  242 242 HOH HOH A . 
C 3 HOH 43  243 243 HOH HOH A . 
C 3 HOH 44  244 244 HOH HOH A . 
C 3 HOH 45  245 245 HOH HOH A . 
C 3 HOH 46  246 246 HOH HOH A . 
C 3 HOH 47  247 247 HOH HOH A . 
C 3 HOH 48  248 248 HOH HOH A . 
C 3 HOH 49  249 249 HOH HOH A . 
C 3 HOH 50  250 250 HOH HOH A . 
C 3 HOH 51  251 251 HOH HOH A . 
C 3 HOH 52  252 252 HOH HOH A . 
C 3 HOH 53  253 253 HOH HOH A . 
C 3 HOH 54  254 254 HOH HOH A . 
C 3 HOH 55  255 255 HOH HOH A . 
C 3 HOH 56  256 256 HOH HOH A . 
C 3 HOH 57  257 257 HOH HOH A . 
C 3 HOH 58  258 258 HOH HOH A . 
C 3 HOH 59  259 259 HOH HOH A . 
C 3 HOH 60  260 260 HOH HOH A . 
C 3 HOH 61  261 261 HOH HOH A . 
C 3 HOH 62  262 262 HOH HOH A . 
C 3 HOH 63  263 263 HOH HOH A . 
C 3 HOH 64  264 264 HOH HOH A . 
C 3 HOH 65  265 265 HOH HOH A . 
C 3 HOH 66  266 266 HOH HOH A . 
C 3 HOH 67  267 267 HOH HOH A . 
C 3 HOH 68  268 268 HOH HOH A . 
C 3 HOH 69  269 269 HOH HOH A . 
C 3 HOH 70  270 270 HOH HOH A . 
C 3 HOH 71  271 271 HOH HOH A . 
C 3 HOH 72  272 272 HOH HOH A . 
C 3 HOH 73  273 273 HOH HOH A . 
C 3 HOH 74  274 274 HOH HOH A . 
C 3 HOH 75  275 275 HOH HOH A . 
C 3 HOH 76  276 276 HOH HOH A . 
C 3 HOH 77  277 277 HOH HOH A . 
C 3 HOH 78  278 278 HOH HOH A . 
C 3 HOH 79  279 279 HOH HOH A . 
C 3 HOH 80  280 280 HOH HOH A . 
C 3 HOH 81  281 281 HOH HOH A . 
C 3 HOH 82  282 282 HOH HOH A . 
C 3 HOH 83  283 283 HOH HOH A . 
C 3 HOH 84  284 284 HOH HOH A . 
C 3 HOH 85  285 285 HOH HOH A . 
C 3 HOH 86  286 286 HOH HOH A . 
C 3 HOH 87  287 287 HOH HOH A . 
C 3 HOH 88  288 288 HOH HOH A . 
C 3 HOH 89  289 289 HOH HOH A . 
C 3 HOH 90  290 290 HOH HOH A . 
C 3 HOH 91  291 291 HOH HOH A . 
C 3 HOH 92  292 292 HOH HOH A . 
C 3 HOH 93  293 293 HOH HOH A . 
C 3 HOH 94  294 294 HOH HOH A . 
C 3 HOH 95  295 295 HOH HOH A . 
C 3 HOH 96  296 296 HOH HOH A . 
C 3 HOH 97  297 297 HOH HOH A . 
C 3 HOH 98  298 298 HOH HOH A . 
C 3 HOH 99  299 299 HOH HOH A . 
C 3 HOH 100 300 300 HOH HOH A . 
C 3 HOH 101 301 301 HOH HOH A . 
C 3 HOH 102 302 302 HOH HOH A . 
C 3 HOH 103 303 303 HOH HOH A . 
C 3 HOH 104 304 304 HOH HOH A . 
C 3 HOH 105 305 305 HOH HOH A . 
C 3 HOH 106 306 306 HOH HOH A . 
C 3 HOH 107 307 307 HOH HOH A . 
C 3 HOH 108 308 308 HOH HOH A . 
C 3 HOH 109 309 309 HOH HOH A . 
C 3 HOH 110 310 310 HOH HOH A . 
C 3 HOH 111 311 311 HOH HOH A . 
C 3 HOH 112 312 312 HOH HOH A . 
C 3 HOH 113 313 313 HOH HOH A . 
C 3 HOH 114 314 314 HOH HOH A . 
C 3 HOH 115 315 315 HOH HOH A . 
C 3 HOH 116 316 316 HOH HOH A . 
C 3 HOH 117 317 317 HOH HOH A . 
C 3 HOH 118 318 318 HOH HOH A . 
C 3 HOH 119 319 319 HOH HOH A . 
# 
loop_
_software.name 
_software.classification 
_software.version 
_software.citation_id 
_software.pdbx_ordinal 
UCSD   'data collection' SOFTWARE ? 1 
UCSD   'data reduction'  SOFTWARE ? 2 
X-PLOR 'model building'  3.0      ? 3 
X-PLOR refinement        3.0      ? 4 
UCSD   'data scaling'    .        ? 5 
X-PLOR phasing           3.0      ? 6 
# 
_cell.entry_id           1A3D 
_cell.length_a           69.240 
_cell.length_b           69.240 
_cell.length_c           69.240 
_cell.angle_alpha        90.00 
_cell.angle_beta         90.00 
_cell.angle_gamma        90.00 
_cell.Z_PDB              12 
_cell.pdbx_unique_axis   ? 
# 
_symmetry.entry_id                         1A3D 
_symmetry.space_group_name_H-M             'P 21 3' 
_symmetry.pdbx_full_space_group_name_H-M   ? 
_symmetry.cell_setting                     ? 
_symmetry.Int_Tables_number                198 
# 
_exptl.entry_id          1A3D 
_exptl.method            'X-RAY DIFFRACTION' 
_exptl.crystals_number   1 
# 
_exptl_crystal.id                    1 
_exptl_crystal.density_meas          ? 
_exptl_crystal.density_Matthews      2.05 
_exptl_crystal.density_percent_sol   40. 
_exptl_crystal.description           ? 
# 
_exptl_crystal_grow.crystal_id      1 
_exptl_crystal_grow.method          ? 
_exptl_crystal_grow.temp            295.5 
_exptl_crystal_grow.temp_details    ? 
_exptl_crystal_grow.pH              7.5 
_exptl_crystal_grow.pdbx_pH_range   ? 
_exptl_crystal_grow.pdbx_details    '1.4M (NH4)2SO4, 1% PEG 400, AND 0.1M TRIS PH 7.5 AT 22.5 DEGREES C., temperature 295.5K' 
# 
_diffrn.id                     1 
_diffrn.ambient_temp           22 
_diffrn.ambient_temp_details   ? 
_diffrn.crystal_id             1 
# 
_diffrn_detector.diffrn_id              1 
_diffrn_detector.detector               'AREA DETECTOR' 
_diffrn_detector.type                   'XUONG-HAMLIN MULTIWIRE' 
_diffrn_detector.pdbx_collection_date   1993-01 
_diffrn_detector.details                ? 
# 
_diffrn_radiation.diffrn_id                        1 
_diffrn_radiation.wavelength_id                    1 
_diffrn_radiation.pdbx_monochromatic_or_laue_m_l   M 
_diffrn_radiation.monochromator                    'GRAPHITE(002)' 
_diffrn_radiation.pdbx_diffrn_protocol             ? 
_diffrn_radiation.pdbx_scattering_type             x-ray 
# 
_diffrn_radiation_wavelength.id           1 
_diffrn_radiation_wavelength.wavelength   1.5418 
_diffrn_radiation_wavelength.wt           1.0 
# 
_diffrn_source.diffrn_id                   1 
_diffrn_source.source                      'ROTATING ANODE' 
_diffrn_source.type                        RIGAKU 
_diffrn_source.pdbx_synchrotron_site       ? 
_diffrn_source.pdbx_synchrotron_beamline   ? 
_diffrn_source.pdbx_wavelength             1.5418 
_diffrn_source.pdbx_wavelength_list        ? 
# 
_reflns.entry_id                     1A3D 
_reflns.observed_criterion_sigma_I   2. 
_reflns.observed_criterion_sigma_F   ? 
_reflns.d_resolution_low             23.06 
_reflns.d_resolution_high            1.78 
_reflns.number_obs                   10508 
_reflns.number_all                   ? 
_reflns.percent_possible_obs         98. 
_reflns.pdbx_Rmerge_I_obs            ? 
_reflns.pdbx_Rsym_value              0.06 
_reflns.pdbx_netI_over_sigmaI        12.6 
_reflns.B_iso_Wilson_estimate        17.8 
_reflns.pdbx_redundancy              9.7 
_reflns.pdbx_diffrn_id               1 
_reflns.pdbx_ordinal                 1 
# 
_reflns_shell.d_res_high             1.8 
_reflns_shell.d_res_low              1.88 
_reflns_shell.percent_possible_all   90.1 
_reflns_shell.Rmerge_I_obs           ? 
_reflns_shell.pdbx_Rsym_value        0.3 
_reflns_shell.meanI_over_sigI_obs    2.0 
_reflns_shell.pdbx_redundancy        8.5 
_reflns_shell.pdbx_diffrn_id         ? 
_reflns_shell.pdbx_ordinal           1 
# 
_refine.entry_id                                 1A3D 
_refine.ls_number_reflns_obs                     10028 
_refine.ls_number_reflns_all                     ? 
_refine.pdbx_ls_sigma_I                          ? 
_refine.pdbx_ls_sigma_F                          2. 
_refine.pdbx_data_cutoff_high_absF               1000000.0 
_refine.pdbx_data_cutoff_low_absF                0.001 
_refine.pdbx_data_cutoff_high_rms_absF           ? 
_refine.ls_d_res_low                             6.0 
_refine.ls_d_res_high                            1.8 
_refine.ls_percent_reflns_obs                    95.2 
_refine.ls_R_factor_obs                          0.175 
_refine.ls_R_factor_all                          ? 
_refine.ls_R_factor_R_work                       0.175 
_refine.ls_R_factor_R_free                       0.23 
_refine.ls_R_factor_R_free_error                 0.007 
_refine.ls_R_factor_R_free_error_details         ? 
_refine.ls_percent_reflns_R_free                 10. 
_refine.ls_number_reflns_R_free                  1031 
_refine.ls_number_parameters                     ? 
_refine.ls_number_restraints                     ? 
_refine.occupancy_min                            ? 
_refine.occupancy_max                            ? 
_refine.B_iso_mean                               22.8 
_refine.aniso_B[1][1]                            ? 
_refine.aniso_B[2][2]                            ? 
_refine.aniso_B[3][3]                            ? 
_refine.aniso_B[1][2]                            ? 
_refine.aniso_B[1][3]                            ? 
_refine.aniso_B[2][3]                            ? 
_refine.solvent_model_details                    ? 
_refine.solvent_model_param_ksol                 ? 
_refine.solvent_model_param_bsol                 ? 
_refine.pdbx_ls_cross_valid_method               'POST REFINEMENT' 
_refine.details                                  ? 
_refine.pdbx_starting_model                      'PDB ENTRY 1PSH' 
_refine.pdbx_method_to_determine_struct          'MOLECULAR REPLACEMENT' 
_refine.pdbx_isotropic_thermal_model             RESTAINED 
_refine.pdbx_stereochemistry_target_values       ? 
_refine.pdbx_stereochem_target_val_spec_case     ? 
_refine.pdbx_R_Free_selection_details            RANDOM 
_refine.pdbx_overall_ESU_R                       ? 
_refine.pdbx_overall_ESU_R_Free                  ? 
_refine.overall_SU_ML                            ? 
_refine.overall_SU_B                             ? 
_refine.pdbx_refine_id                           'X-RAY DIFFRACTION' 
_refine.pdbx_diffrn_id                           1 
_refine.pdbx_TLS_residual_ADP_flag               ? 
_refine.correlation_coeff_Fo_to_Fc               ? 
_refine.correlation_coeff_Fo_to_Fc_free          ? 
_refine.pdbx_solvent_vdw_probe_radii             ? 
_refine.pdbx_solvent_ion_probe_radii             ? 
_refine.pdbx_solvent_shrinkage_radii             ? 
_refine.pdbx_overall_phase_error                 ? 
_refine.overall_SU_R_Cruickshank_DPI             ? 
_refine.pdbx_overall_SU_R_free_Cruickshank_DPI   ? 
_refine.pdbx_overall_SU_R_Blow_DPI               ? 
_refine.pdbx_overall_SU_R_free_Blow_DPI          ? 
# 
_refine_analyze.entry_id                        1A3D 
_refine_analyze.Luzzati_coordinate_error_obs    0.19 
_refine_analyze.Luzzati_sigma_a_obs             0.25 
_refine_analyze.Luzzati_d_res_low_obs           6.0 
_refine_analyze.Luzzati_coordinate_error_free   ? 
_refine_analyze.Luzzati_sigma_a_free            ? 
_refine_analyze.Luzzati_d_res_low_free          ? 
_refine_analyze.number_disordered_residues      ? 
_refine_analyze.occupancy_sum_hydrogen          ? 
_refine_analyze.occupancy_sum_non_hydrogen      ? 
_refine_analyze.pdbx_refine_id                  'X-RAY DIFFRACTION' 
# 
_refine_hist.pdbx_refine_id                   'X-RAY DIFFRACTION' 
_refine_hist.cycle_id                         LAST 
_refine_hist.pdbx_number_atoms_protein        1052 
_refine_hist.pdbx_number_atoms_nucleic_acid   0 
_refine_hist.pdbx_number_atoms_ligand         120 
_refine_hist.number_atoms_solvent             119 
_refine_hist.number_atoms_total               1291 
_refine_hist.d_res_high                       1.8 
_refine_hist.d_res_low                        6.0 
# 
loop_
_refine_ls_restr.type 
_refine_ls_restr.dev_ideal 
_refine_ls_restr.dev_ideal_target 
_refine_ls_restr.weight 
_refine_ls_restr.number 
_refine_ls_restr.pdbx_refine_id 
_refine_ls_restr.pdbx_restraint_function 
x_bond_d                0.017 ? ? ? 'X-RAY DIFFRACTION' ? 
x_bond_d_na             ?     ? ? ? 'X-RAY DIFFRACTION' ? 
x_bond_d_prot           ?     ? ? ? 'X-RAY DIFFRACTION' ? 
x_angle_d               ?     ? ? ? 'X-RAY DIFFRACTION' ? 
x_angle_d_na            ?     ? ? ? 'X-RAY DIFFRACTION' ? 
x_angle_d_prot          ?     ? ? ? 'X-RAY DIFFRACTION' ? 
x_angle_deg             1.86  ? ? ? 'X-RAY DIFFRACTION' ? 
x_angle_deg_na          ?     ? ? ? 'X-RAY DIFFRACTION' ? 
x_angle_deg_prot        ?     ? ? ? 'X-RAY DIFFRACTION' ? 
x_dihedral_angle_d      23.2  ? ? ? 'X-RAY DIFFRACTION' ? 
x_dihedral_angle_d_na   ?     ? ? ? 'X-RAY DIFFRACTION' ? 
x_dihedral_angle_d_prot ?     ? ? ? 'X-RAY DIFFRACTION' ? 
x_improper_angle_d      1.66  ? ? ? 'X-RAY DIFFRACTION' ? 
x_improper_angle_d_na   ?     ? ? ? 'X-RAY DIFFRACTION' ? 
x_improper_angle_d_prot ?     ? ? ? 'X-RAY DIFFRACTION' ? 
x_mcbond_it             ?     ? ? ? 'X-RAY DIFFRACTION' ? 
x_mcangle_it            ?     ? ? ? 'X-RAY DIFFRACTION' ? 
x_scbond_it             ?     ? ? ? 'X-RAY DIFFRACTION' ? 
x_scangle_it            ?     ? ? ? 'X-RAY DIFFRACTION' ? 
# 
_refine_ls_shell.pdbx_total_number_of_bins_used   8 
_refine_ls_shell.d_res_high                       1.8 
_refine_ls_shell.d_res_low                        1.88 
_refine_ls_shell.number_reflns_R_work             978 
_refine_ls_shell.R_factor_R_work                  0.27 
_refine_ls_shell.percent_reflns_obs               90. 
_refine_ls_shell.R_factor_R_free                  0.29 
_refine_ls_shell.R_factor_R_free_error            0.024 
_refine_ls_shell.percent_reflns_R_free            12.4 
_refine_ls_shell.number_reflns_R_free             142 
_refine_ls_shell.pdbx_refine_id                   'X-RAY DIFFRACTION' 
_refine_ls_shell.number_reflns_all                ? 
_refine_ls_shell.R_factor_all                     ? 
# 
loop_
_pdbx_xplor_file.serial_no 
_pdbx_xplor_file.param_file 
_pdbx_xplor_file.topol_file 
_pdbx_xplor_file.pdbx_refine_id 
1 PARHCSDX.PRO ? 'X-RAY DIFFRACTION' 
2 ?            ? 'X-RAY DIFFRACTION' 
# 
_struct.entry_id                  1A3D 
_struct.title                     'PHOSPHOLIPASE A2 (PLA2) FROM NAJA NAJA VENOM' 
_struct.pdbx_model_details        ? 
_struct.pdbx_CASP_flag            ? 
_struct.pdbx_model_type_details   ? 
# 
_struct_keywords.entry_id        1A3D 
_struct_keywords.pdbx_keywords   'CARBOXYLIC ESTER HYDROLASE' 
_struct_keywords.text            'PHOSPHOLIPASE, TRIMER, CALCIUM BINDING, ACTIVATOR SITE, CARBOXYLIC ESTER HYDROLASE' 
# 
loop_
_struct_asym.id 
_struct_asym.pdbx_blank_PDB_chainid_flag 
_struct_asym.pdbx_modified 
_struct_asym.entity_id 
_struct_asym.details 
A N N 1 ? 
B N N 2 ? 
C N N 3 ? 
# 
_struct_ref.id                         1 
_struct_ref.db_name                    UNP 
_struct_ref.db_code                    PA2_NAJNA 
_struct_ref.entity_id                  1 
_struct_ref.pdbx_db_accession          P15445 
_struct_ref.pdbx_align_begin           1 
_struct_ref.pdbx_seq_one_letter_code   
;NLYQFKNMIKCTVPSRSWWDFADYGCYCGRGGSGTPVDDLDRCCQVHDNCYNEAEKISGCWPYFKTYSYECSQGTLTCKG
DNNACAASVCDCDRLAAICFAGAPYNDNNYNIDLKARCQ
;
_struct_ref.pdbx_db_isoform            ? 
# 
_struct_ref_seq.align_id                      1 
_struct_ref_seq.ref_id                        1 
_struct_ref_seq.pdbx_PDB_id_code              1A3D 
_struct_ref_seq.pdbx_strand_id                A 
_struct_ref_seq.seq_align_beg                 1 
_struct_ref_seq.pdbx_seq_align_beg_ins_code   ? 
_struct_ref_seq.seq_align_end                 119 
_struct_ref_seq.pdbx_seq_align_end_ins_code   ? 
_struct_ref_seq.pdbx_db_accession             P15445 
_struct_ref_seq.db_align_beg                  1 
_struct_ref_seq.pdbx_db_align_beg_ins_code    ? 
_struct_ref_seq.db_align_end                  119 
_struct_ref_seq.pdbx_db_align_end_ins_code    ? 
_struct_ref_seq.pdbx_auth_seq_align_beg       1 
_struct_ref_seq.pdbx_auth_seq_align_end       119 
# 
_pdbx_struct_assembly.id                   1 
_pdbx_struct_assembly.details              author_defined_assembly 
_pdbx_struct_assembly.method_details       ? 
_pdbx_struct_assembly.oligomeric_details   trimeric 
_pdbx_struct_assembly.oligomeric_count     3 
# 
_pdbx_struct_assembly_gen.assembly_id       1 
_pdbx_struct_assembly_gen.oper_expression   1,2,3 
_pdbx_struct_assembly_gen.asym_id_list      A,B,C 
# 
loop_
_pdbx_struct_oper_list.id 
_pdbx_struct_oper_list.type 
_pdbx_struct_oper_list.name 
_pdbx_struct_oper_list.symmetry_operation 
_pdbx_struct_oper_list.matrix[1][1] 
_pdbx_struct_oper_list.matrix[1][2] 
_pdbx_struct_oper_list.matrix[1][3] 
_pdbx_struct_oper_list.vector[1] 
_pdbx_struct_oper_list.matrix[2][1] 
_pdbx_struct_oper_list.matrix[2][2] 
_pdbx_struct_oper_list.matrix[2][3] 
_pdbx_struct_oper_list.vector[2] 
_pdbx_struct_oper_list.matrix[3][1] 
_pdbx_struct_oper_list.matrix[3][2] 
_pdbx_struct_oper_list.matrix[3][3] 
_pdbx_struct_oper_list.vector[3] 
1 'identity operation'         1_555 x,y,z 1.0000000000 0.0000000000  0.0000000000 0.0000000000  0.0000000000  1.0000000000  0.0000000000  0.0000000000   0.0000000000 0.0000000000  1.0000000000  0.0000000000   
2 'crystal symmetry operation' 5_555 z,x,y 0.7306182841 0.5491127367  0.4057981338 7.7058858373  -0.1360425040 -0.4653371359 0.8746163656  10.0913180300  0.6690959274 -0.6942165025 -0.2652811481 -21.5225220164 
3 'crystal symmetry operation' 9_555 y,z,x 0.7306182841 -0.1360425040 0.6690959274 10.1434189151 0.5491127367  -0.4653371359 -0.6942165025 -14.4768249898 0.4057981338 0.8746163656  -0.2652811481 -17.6625853429 
# 
_struct_biol.id   1 
# 
loop_
_struct_conf.conf_type_id 
_struct_conf.id 
_struct_conf.pdbx_PDB_helix_id 
_struct_conf.beg_label_comp_id 
_struct_conf.beg_label_asym_id 
_struct_conf.beg_label_seq_id 
_struct_conf.pdbx_beg_PDB_ins_code 
_struct_conf.end_label_comp_id 
_struct_conf.end_label_asym_id 
_struct_conf.end_label_seq_id 
_struct_conf.pdbx_end_PDB_ins_code 
_struct_conf.beg_auth_comp_id 
_struct_conf.beg_auth_asym_id 
_struct_conf.beg_auth_seq_id 
_struct_conf.end_auth_comp_id 
_struct_conf.end_auth_asym_id 
_struct_conf.end_auth_seq_id 
_struct_conf.pdbx_PDB_helix_class 
_struct_conf.details 
_struct_conf.pdbx_PDB_helix_length 
HELX_P HELX_P1 1 LEU A 2   ? THR A 12  ? LEU A 2   THR A 12  1 ? 11 
HELX_P HELX_P2 2 TRP A 18  ? PHE A 21  ? TRP A 18  PHE A 21  1 ? 4  
HELX_P HELX_P3 3 ASP A 39  ? LYS A 56  ? ASP A 39  LYS A 56  1 ? 18 
HELX_P HELX_P4 4 ALA A 84  ? GLY A 102 ? ALA A 84  GLY A 102 1 ? 19 
HELX_P HELX_P5 5 ASP A 107 ? ASN A 109 ? ASP A 107 ASN A 109 5 ? 3  
HELX_P HELX_P6 6 LEU A 114 ? ARG A 117 ? LEU A 114 ARG A 117 1 ? 4  
# 
_struct_conf_type.id          HELX_P 
_struct_conf_type.criteria    ? 
_struct_conf_type.reference   ? 
# 
loop_
_struct_conn.id 
_struct_conn.conn_type_id 
_struct_conn.pdbx_leaving_atom_flag 
_struct_conn.pdbx_PDB_id 
_struct_conn.ptnr1_label_asym_id 
_struct_conn.ptnr1_label_comp_id 
_struct_conn.ptnr1_label_seq_id 
_struct_conn.ptnr1_label_atom_id 
_struct_conn.pdbx_ptnr1_label_alt_id 
_struct_conn.pdbx_ptnr1_PDB_ins_code 
_struct_conn.pdbx_ptnr1_standard_comp_id 
_struct_conn.ptnr1_symmetry 
_struct_conn.ptnr2_label_asym_id 
_struct_conn.ptnr2_label_comp_id 
_struct_conn.ptnr2_label_seq_id 
_struct_conn.ptnr2_label_atom_id 
_struct_conn.pdbx_ptnr2_label_alt_id 
_struct_conn.pdbx_ptnr2_PDB_ins_code 
_struct_conn.ptnr1_auth_asym_id 
_struct_conn.ptnr1_auth_comp_id 
_struct_conn.ptnr1_auth_seq_id 
_struct_conn.ptnr2_auth_asym_id 
_struct_conn.ptnr2_auth_comp_id 
_struct_conn.ptnr2_auth_seq_id 
_struct_conn.ptnr2_symmetry 
_struct_conn.pdbx_ptnr3_label_atom_id 
_struct_conn.pdbx_ptnr3_label_seq_id 
_struct_conn.pdbx_ptnr3_label_comp_id 
_struct_conn.pdbx_ptnr3_label_asym_id 
_struct_conn.pdbx_ptnr3_label_alt_id 
_struct_conn.pdbx_ptnr3_PDB_ins_code 
_struct_conn.details 
_struct_conn.pdbx_dist_value 
_struct_conn.pdbx_value_order 
_struct_conn.pdbx_role 
disulf1 disulf ? ? A CYS 11 SG  ? ? ? 1_555  A CYS 71  SG ? ? A CYS 11 A CYS 71  1_555 ? ? ? ? ? ? ? 2.024 ? ? 
disulf2 disulf ? ? A CYS 26 SG  ? ? ? 1_555  A CYS 118 SG ? ? A CYS 26 A CYS 118 1_555 ? ? ? ? ? ? ? 2.014 ? ? 
disulf3 disulf ? ? A CYS 28 SG  ? ? ? 1_555  A CYS 44  SG ? ? A CYS 28 A CYS 44  1_555 ? ? ? ? ? ? ? 1.999 ? ? 
disulf4 disulf ? ? A CYS 43 SG  ? ? ? 1_555  A CYS 99  SG ? ? A CYS 43 A CYS 99  1_555 ? ? ? ? ? ? ? 2.020 ? ? 
disulf5 disulf ? ? A CYS 50 SG  ? ? ? 1_555  A CYS 92  SG ? ? A CYS 50 A CYS 92  1_555 ? ? ? ? ? ? ? 2.028 ? ? 
disulf6 disulf ? ? A CYS 60 SG  ? ? ? 1_555  A CYS 85  SG ? ? A CYS 60 A CYS 85  1_555 ? ? ? ? ? ? ? 2.033 ? ? 
disulf7 disulf ? ? A CYS 78 SG  ? ? ? 1_555  A CYS 90  SG ? ? A CYS 78 A CYS 90  1_555 ? ? ? ? ? ? ? 2.058 ? ? 
metalc1 metalc ? ? A ASP 39 OD2 ? ? ? 1_555  B NA  .   NA ? ? A ASP 39 A NA  200 1_555 ? ? ? ? ? ? ? 2.418 ? ? 
metalc2 metalc ? ? A ASP 39 OD2 ? ? ? 10_646 B NA  .   NA ? ? A ASP 39 A NA  200 1_555 ? ? ? ? ? ? ? 2.418 ? ? 
metalc3 metalc ? ? A ASP 39 OD2 ? ? ? 7_665  B NA  .   NA ? ? A ASP 39 A NA  200 1_555 ? ? ? ? ? ? ? 2.418 ? ? 
metalc4 metalc ? ? A ASP 39 OD1 ? ? ? 1_555  B NA  .   NA ? ? A ASP 39 A NA  200 1_555 ? ? ? ? ? ? ? 2.888 ? ? 
# 
loop_
_struct_conn_type.id 
_struct_conn_type.criteria 
_struct_conn_type.reference 
disulf ? ? 
metalc ? ? 
# 
loop_
_pdbx_struct_conn_angle.id 
_pdbx_struct_conn_angle.ptnr1_label_atom_id 
_pdbx_struct_conn_angle.ptnr1_label_alt_id 
_pdbx_struct_conn_angle.ptnr1_label_asym_id 
_pdbx_struct_conn_angle.ptnr1_label_comp_id 
_pdbx_struct_conn_angle.ptnr1_label_seq_id 
_pdbx_struct_conn_angle.ptnr1_auth_atom_id 
_pdbx_struct_conn_angle.ptnr1_auth_asym_id 
_pdbx_struct_conn_angle.ptnr1_auth_comp_id 
_pdbx_struct_conn_angle.ptnr1_auth_seq_id 
_pdbx_struct_conn_angle.ptnr1_PDB_ins_code 
_pdbx_struct_conn_angle.ptnr1_symmetry 
_pdbx_struct_conn_angle.ptnr2_label_atom_id 
_pdbx_struct_conn_angle.ptnr2_label_alt_id 
_pdbx_struct_conn_angle.ptnr2_label_asym_id 
_pdbx_struct_conn_angle.ptnr2_label_comp_id 
_pdbx_struct_conn_angle.ptnr2_label_seq_id 
_pdbx_struct_conn_angle.ptnr2_auth_atom_id 
_pdbx_struct_conn_angle.ptnr2_auth_asym_id 
_pdbx_struct_conn_angle.ptnr2_auth_comp_id 
_pdbx_struct_conn_angle.ptnr2_auth_seq_id 
_pdbx_struct_conn_angle.ptnr2_PDB_ins_code 
_pdbx_struct_conn_angle.ptnr2_symmetry 
_pdbx_struct_conn_angle.ptnr3_label_atom_id 
_pdbx_struct_conn_angle.ptnr3_label_alt_id 
_pdbx_struct_conn_angle.ptnr3_label_asym_id 
_pdbx_struct_conn_angle.ptnr3_label_comp_id 
_pdbx_struct_conn_angle.ptnr3_label_seq_id 
_pdbx_struct_conn_angle.ptnr3_auth_atom_id 
_pdbx_struct_conn_angle.ptnr3_auth_asym_id 
_pdbx_struct_conn_angle.ptnr3_auth_comp_id 
_pdbx_struct_conn_angle.ptnr3_auth_seq_id 
_pdbx_struct_conn_angle.ptnr3_PDB_ins_code 
_pdbx_struct_conn_angle.ptnr3_symmetry 
_pdbx_struct_conn_angle.value 
_pdbx_struct_conn_angle.value_esd 
1 OD2 ? A ASP 39 ? A ASP 39 ? 1_555  NA ? B NA . ? A NA 200 ? 1_555 OD2 ? A ASP 39 ? A ASP 39 ? 10_646 91.6  ? 
2 OD2 ? A ASP 39 ? A ASP 39 ? 1_555  NA ? B NA . ? A NA 200 ? 1_555 OD2 ? A ASP 39 ? A ASP 39 ? 7_665  91.6  ? 
3 OD2 ? A ASP 39 ? A ASP 39 ? 10_646 NA ? B NA . ? A NA 200 ? 1_555 OD2 ? A ASP 39 ? A ASP 39 ? 7_665  91.6  ? 
4 OD2 ? A ASP 39 ? A ASP 39 ? 1_555  NA ? B NA . ? A NA 200 ? 1_555 OD1 ? A ASP 39 ? A ASP 39 ? 1_555  48.3  ? 
5 OD2 ? A ASP 39 ? A ASP 39 ? 10_646 NA ? B NA . ? A NA 200 ? 1_555 OD1 ? A ASP 39 ? A ASP 39 ? 1_555  83.4  ? 
6 OD2 ? A ASP 39 ? A ASP 39 ? 7_665  NA ? B NA . ? A NA 200 ? 1_555 OD1 ? A ASP 39 ? A ASP 39 ? 1_555  139.1 ? 
# 
loop_
_pdbx_modification_feature.ordinal 
_pdbx_modification_feature.label_comp_id 
_pdbx_modification_feature.label_asym_id 
_pdbx_modification_feature.label_seq_id 
_pdbx_modification_feature.label_alt_id 
_pdbx_modification_feature.modified_residue_label_comp_id 
_pdbx_modification_feature.modified_residue_label_asym_id 
_pdbx_modification_feature.modified_residue_label_seq_id 
_pdbx_modification_feature.modified_residue_label_alt_id 
_pdbx_modification_feature.auth_comp_id 
_pdbx_modification_feature.auth_asym_id 
_pdbx_modification_feature.auth_seq_id 
_pdbx_modification_feature.PDB_ins_code 
_pdbx_modification_feature.symmetry 
_pdbx_modification_feature.modified_residue_auth_comp_id 
_pdbx_modification_feature.modified_residue_auth_asym_id 
_pdbx_modification_feature.modified_residue_auth_seq_id 
_pdbx_modification_feature.modified_residue_PDB_ins_code 
_pdbx_modification_feature.modified_residue_symmetry 
_pdbx_modification_feature.comp_id_linking_atom 
_pdbx_modification_feature.modified_residue_id_linking_atom 
_pdbx_modification_feature.modified_residue_id 
_pdbx_modification_feature.ref_pcm_id 
_pdbx_modification_feature.ref_comp_id 
_pdbx_modification_feature.type 
_pdbx_modification_feature.category 
1 CYS A 11 ? CYS A 71  ? CYS A 11 ? 1_555 CYS A 71  ? 1_555 SG SG . . . None 'Disulfide bridge' 
2 CYS A 26 ? CYS A 118 ? CYS A 26 ? 1_555 CYS A 118 ? 1_555 SG SG . . . None 'Disulfide bridge' 
3 CYS A 28 ? CYS A 44  ? CYS A 28 ? 1_555 CYS A 44  ? 1_555 SG SG . . . None 'Disulfide bridge' 
4 CYS A 43 ? CYS A 99  ? CYS A 43 ? 1_555 CYS A 99  ? 1_555 SG SG . . . None 'Disulfide bridge' 
5 CYS A 50 ? CYS A 92  ? CYS A 50 ? 1_555 CYS A 92  ? 1_555 SG SG . . . None 'Disulfide bridge' 
6 CYS A 60 ? CYS A 85  ? CYS A 60 ? 1_555 CYS A 85  ? 1_555 SG SG . . . None 'Disulfide bridge' 
7 CYS A 78 ? CYS A 90  ? CYS A 78 ? 1_555 CYS A 90  ? 1_555 SG SG . . . None 'Disulfide bridge' 
# 
_struct_sheet.id               A 
_struct_sheet.type             ? 
_struct_sheet.number_strands   2 
_struct_sheet.details          ? 
# 
_struct_sheet_order.sheet_id     A 
_struct_sheet_order.range_id_1   1 
_struct_sheet_order.range_id_2   2 
_struct_sheet_order.offset       ? 
_struct_sheet_order.sense        anti-parallel 
# 
loop_
_struct_sheet_range.sheet_id 
_struct_sheet_range.id 
_struct_sheet_range.beg_label_comp_id 
_struct_sheet_range.beg_label_asym_id 
_struct_sheet_range.beg_label_seq_id 
_struct_sheet_range.pdbx_beg_PDB_ins_code 
_struct_sheet_range.end_label_comp_id 
_struct_sheet_range.end_label_asym_id 
_struct_sheet_range.end_label_seq_id 
_struct_sheet_range.pdbx_end_PDB_ins_code 
_struct_sheet_range.beg_auth_comp_id 
_struct_sheet_range.beg_auth_asym_id 
_struct_sheet_range.beg_auth_seq_id 
_struct_sheet_range.end_auth_comp_id 
_struct_sheet_range.end_auth_asym_id 
_struct_sheet_range.end_auth_seq_id 
A 1 TYR A 69 ? SER A 72 ? TYR A 69 SER A 72 
A 2 THR A 75 ? CYS A 78 ? THR A 75 CYS A 78 
# 
_pdbx_struct_sheet_hbond.sheet_id                A 
_pdbx_struct_sheet_hbond.range_id_1              1 
_pdbx_struct_sheet_hbond.range_id_2              2 
_pdbx_struct_sheet_hbond.range_1_label_atom_id   O 
_pdbx_struct_sheet_hbond.range_1_label_comp_id   GLU 
_pdbx_struct_sheet_hbond.range_1_label_asym_id   A 
_pdbx_struct_sheet_hbond.range_1_label_seq_id    70 
_pdbx_struct_sheet_hbond.range_1_PDB_ins_code    ? 
_pdbx_struct_sheet_hbond.range_1_auth_atom_id    O 
_pdbx_struct_sheet_hbond.range_1_auth_comp_id    GLU 
_pdbx_struct_sheet_hbond.range_1_auth_asym_id    A 
_pdbx_struct_sheet_hbond.range_1_auth_seq_id     70 
_pdbx_struct_sheet_hbond.range_2_label_atom_id   N 
_pdbx_struct_sheet_hbond.range_2_label_comp_id   THR 
_pdbx_struct_sheet_hbond.range_2_label_asym_id   A 
_pdbx_struct_sheet_hbond.range_2_label_seq_id    77 
_pdbx_struct_sheet_hbond.range_2_PDB_ins_code    ? 
_pdbx_struct_sheet_hbond.range_2_auth_atom_id    N 
_pdbx_struct_sheet_hbond.range_2_auth_comp_id    THR 
_pdbx_struct_sheet_hbond.range_2_auth_asym_id    A 
_pdbx_struct_sheet_hbond.range_2_auth_seq_id     77 
# 
loop_
_struct_site.id 
_struct_site.pdbx_evidence_code 
_struct_site.pdbx_auth_asym_id 
_struct_site.pdbx_auth_comp_id 
_struct_site.pdbx_auth_seq_id 
_struct_site.pdbx_auth_ins_code 
_struct_site.pdbx_num_residues 
_struct_site.details 
CAB Unknown  ? ?  ?   ? 6 'CALCIUM BINDING RESIDUES.'         
AC1 Software A NA 200 ? 6 'BINDING SITE FOR RESIDUE NA A 200' 
# 
loop_
_struct_site_gen.id 
_struct_site_gen.site_id 
_struct_site_gen.pdbx_num_res 
_struct_site_gen.label_comp_id 
_struct_site_gen.label_asym_id 
_struct_site_gen.label_seq_id 
_struct_site_gen.pdbx_auth_ins_code 
_struct_site_gen.auth_comp_id 
_struct_site_gen.auth_asym_id 
_struct_site_gen.auth_seq_id 
_struct_site_gen.label_atom_id 
_struct_site_gen.label_alt_id 
_struct_site_gen.symmetry 
_struct_site_gen.details 
1  CAB 6 TYR A 27 ? TYR A 27  . ? 1_555  ? 
2  CAB 6 CYS A 28 ? CYS A 28  . ? 1_555  ? 
3  CAB 6 GLY A 29 ? GLY A 29  . ? 1_555  ? 
4  CAB 6 ARG A 30 ? ARG A 30  . ? 1_555  ? 
5  CAB 6 GLY A 31 ? GLY A 31  . ? 1_555  ? 
6  CAB 6 ASP A 48 ? ASP A 48  . ? 1_555  ? 
7  AC1 6 ASP A 39 ? ASP A 39  . ? 10_646 ? 
8  AC1 6 ASP A 39 ? ASP A 39  . ? 1_555  ? 
9  AC1 6 ASP A 39 ? ASP A 39  . ? 7_665  ? 
10 AC1 6 HOH C .  ? HOH A 292 . ? 7_665  ? 
11 AC1 6 HOH C .  ? HOH A 292 . ? 10_646 ? 
12 AC1 6 HOH C .  ? HOH A 292 . ? 1_555  ? 
# 
_pdbx_entry_details.entry_id                   1A3D 
_pdbx_entry_details.compound_details           ? 
_pdbx_entry_details.source_details             ? 
_pdbx_entry_details.nonpolymer_details         ? 
_pdbx_entry_details.sequence_details           ? 
_pdbx_entry_details.has_ligand_of_interest     ? 
_pdbx_entry_details.has_protein_modification   Y 
# 
_pdbx_validate_rmsd_angle.id                         1 
_pdbx_validate_rmsd_angle.PDB_model_num              1 
_pdbx_validate_rmsd_angle.auth_atom_id_1             CA 
_pdbx_validate_rmsd_angle.auth_asym_id_1             A 
_pdbx_validate_rmsd_angle.auth_comp_id_1             CYS 
_pdbx_validate_rmsd_angle.auth_seq_id_1              43 
_pdbx_validate_rmsd_angle.PDB_ins_code_1             ? 
_pdbx_validate_rmsd_angle.label_alt_id_1             ? 
_pdbx_validate_rmsd_angle.auth_atom_id_2             CB 
_pdbx_validate_rmsd_angle.auth_asym_id_2             A 
_pdbx_validate_rmsd_angle.auth_comp_id_2             CYS 
_pdbx_validate_rmsd_angle.auth_seq_id_2              43 
_pdbx_validate_rmsd_angle.PDB_ins_code_2             ? 
_pdbx_validate_rmsd_angle.label_alt_id_2             ? 
_pdbx_validate_rmsd_angle.auth_atom_id_3             SG 
_pdbx_validate_rmsd_angle.auth_asym_id_3             A 
_pdbx_validate_rmsd_angle.auth_comp_id_3             CYS 
_pdbx_validate_rmsd_angle.auth_seq_id_3              43 
_pdbx_validate_rmsd_angle.PDB_ins_code_3             ? 
_pdbx_validate_rmsd_angle.label_alt_id_3             ? 
_pdbx_validate_rmsd_angle.angle_value                121.91 
_pdbx_validate_rmsd_angle.angle_target_value         114.20 
_pdbx_validate_rmsd_angle.angle_deviation            7.71 
_pdbx_validate_rmsd_angle.angle_standard_deviation   1.10 
_pdbx_validate_rmsd_angle.linker_flag                N 
# 
loop_
_pdbx_validate_torsion.id 
_pdbx_validate_torsion.PDB_model_num 
_pdbx_validate_torsion.auth_comp_id 
_pdbx_validate_torsion.auth_asym_id 
_pdbx_validate_torsion.auth_seq_id 
_pdbx_validate_torsion.PDB_ins_code 
_pdbx_validate_torsion.label_alt_id 
_pdbx_validate_torsion.phi 
_pdbx_validate_torsion.psi 
1 1 ASP A 23  ? ? -155.69 72.29 
2 1 GLN A 73  ? ? 40.74   97.13 
3 1 CYS A 118 ? ? -105.09 63.74 
# 
loop_
_pdbx_struct_special_symmetry.id 
_pdbx_struct_special_symmetry.PDB_model_num 
_pdbx_struct_special_symmetry.auth_asym_id 
_pdbx_struct_special_symmetry.auth_comp_id 
_pdbx_struct_special_symmetry.auth_seq_id 
_pdbx_struct_special_symmetry.PDB_ins_code 
_pdbx_struct_special_symmetry.label_asym_id 
_pdbx_struct_special_symmetry.label_comp_id 
_pdbx_struct_special_symmetry.label_seq_id 
1 1 A NA  200 ? B NA  . 
2 1 A HOH 276 ? C HOH . 
3 1 A HOH 279 ? C HOH . 
# 
loop_
_chem_comp_atom.comp_id 
_chem_comp_atom.atom_id 
_chem_comp_atom.type_symbol 
_chem_comp_atom.pdbx_aromatic_flag 
_chem_comp_atom.pdbx_stereo_config 
_chem_comp_atom.pdbx_ordinal 
ALA N    N  N N 1   
ALA CA   C  N S 2   
ALA C    C  N N 3   
ALA O    O  N N 4   
ALA CB   C  N N 5   
ALA OXT  O  N N 6   
ALA H    H  N N 7   
ALA H2   H  N N 8   
ALA HA   H  N N 9   
ALA HB1  H  N N 10  
ALA HB2  H  N N 11  
ALA HB3  H  N N 12  
ALA HXT  H  N N 13  
ARG N    N  N N 14  
ARG CA   C  N S 15  
ARG C    C  N N 16  
ARG O    O  N N 17  
ARG CB   C  N N 18  
ARG CG   C  N N 19  
ARG CD   C  N N 20  
ARG NE   N  N N 21  
ARG CZ   C  N N 22  
ARG NH1  N  N N 23  
ARG NH2  N  N N 24  
ARG OXT  O  N N 25  
ARG H    H  N N 26  
ARG H2   H  N N 27  
ARG HA   H  N N 28  
ARG HB2  H  N N 29  
ARG HB3  H  N N 30  
ARG HG2  H  N N 31  
ARG HG3  H  N N 32  
ARG HD2  H  N N 33  
ARG HD3  H  N N 34  
ARG HE   H  N N 35  
ARG HH11 H  N N 36  
ARG HH12 H  N N 37  
ARG HH21 H  N N 38  
ARG HH22 H  N N 39  
ARG HXT  H  N N 40  
ASN N    N  N N 41  
ASN CA   C  N S 42  
ASN C    C  N N 43  
ASN O    O  N N 44  
ASN CB   C  N N 45  
ASN CG   C  N N 46  
ASN OD1  O  N N 47  
ASN ND2  N  N N 48  
ASN OXT  O  N N 49  
ASN H    H  N N 50  
ASN H2   H  N N 51  
ASN HA   H  N N 52  
ASN HB2  H  N N 53  
ASN HB3  H  N N 54  
ASN HD21 H  N N 55  
ASN HD22 H  N N 56  
ASN HXT  H  N N 57  
ASP N    N  N N 58  
ASP CA   C  N S 59  
ASP C    C  N N 60  
ASP O    O  N N 61  
ASP CB   C  N N 62  
ASP CG   C  N N 63  
ASP OD1  O  N N 64  
ASP OD2  O  N N 65  
ASP OXT  O  N N 66  
ASP H    H  N N 67  
ASP H2   H  N N 68  
ASP HA   H  N N 69  
ASP HB2  H  N N 70  
ASP HB3  H  N N 71  
ASP HD2  H  N N 72  
ASP HXT  H  N N 73  
CYS N    N  N N 74  
CYS CA   C  N R 75  
CYS C    C  N N 76  
CYS O    O  N N 77  
CYS CB   C  N N 78  
CYS SG   S  N N 79  
CYS OXT  O  N N 80  
CYS H    H  N N 81  
CYS H2   H  N N 82  
CYS HA   H  N N 83  
CYS HB2  H  N N 84  
CYS HB3  H  N N 85  
CYS HG   H  N N 86  
CYS HXT  H  N N 87  
GLN N    N  N N 88  
GLN CA   C  N S 89  
GLN C    C  N N 90  
GLN O    O  N N 91  
GLN CB   C  N N 92  
GLN CG   C  N N 93  
GLN CD   C  N N 94  
GLN OE1  O  N N 95  
GLN NE2  N  N N 96  
GLN OXT  O  N N 97  
GLN H    H  N N 98  
GLN H2   H  N N 99  
GLN HA   H  N N 100 
GLN HB2  H  N N 101 
GLN HB3  H  N N 102 
GLN HG2  H  N N 103 
GLN HG3  H  N N 104 
GLN HE21 H  N N 105 
GLN HE22 H  N N 106 
GLN HXT  H  N N 107 
GLU N    N  N N 108 
GLU CA   C  N S 109 
GLU C    C  N N 110 
GLU O    O  N N 111 
GLU CB   C  N N 112 
GLU CG   C  N N 113 
GLU CD   C  N N 114 
GLU OE1  O  N N 115 
GLU OE2  O  N N 116 
GLU OXT  O  N N 117 
GLU H    H  N N 118 
GLU H2   H  N N 119 
GLU HA   H  N N 120 
GLU HB2  H  N N 121 
GLU HB3  H  N N 122 
GLU HG2  H  N N 123 
GLU HG3  H  N N 124 
GLU HE2  H  N N 125 
GLU HXT  H  N N 126 
GLY N    N  N N 127 
GLY CA   C  N N 128 
GLY C    C  N N 129 
GLY O    O  N N 130 
GLY OXT  O  N N 131 
GLY H    H  N N 132 
GLY H2   H  N N 133 
GLY HA2  H  N N 134 
GLY HA3  H  N N 135 
GLY HXT  H  N N 136 
HIS N    N  N N 137 
HIS CA   C  N S 138 
HIS C    C  N N 139 
HIS O    O  N N 140 
HIS CB   C  N N 141 
HIS CG   C  Y N 142 
HIS ND1  N  Y N 143 
HIS CD2  C  Y N 144 
HIS CE1  C  Y N 145 
HIS NE2  N  Y N 146 
HIS OXT  O  N N 147 
HIS H    H  N N 148 
HIS H2   H  N N 149 
HIS HA   H  N N 150 
HIS HB2  H  N N 151 
HIS HB3  H  N N 152 
HIS HD1  H  N N 153 
HIS HD2  H  N N 154 
HIS HE1  H  N N 155 
HIS HE2  H  N N 156 
HIS HXT  H  N N 157 
HOH O    O  N N 158 
HOH H1   H  N N 159 
HOH H2   H  N N 160 
ILE N    N  N N 161 
ILE CA   C  N S 162 
ILE C    C  N N 163 
ILE O    O  N N 164 
ILE CB   C  N S 165 
ILE CG1  C  N N 166 
ILE CG2  C  N N 167 
ILE CD1  C  N N 168 
ILE OXT  O  N N 169 
ILE H    H  N N 170 
ILE H2   H  N N 171 
ILE HA   H  N N 172 
ILE HB   H  N N 173 
ILE HG12 H  N N 174 
ILE HG13 H  N N 175 
ILE HG21 H  N N 176 
ILE HG22 H  N N 177 
ILE HG23 H  N N 178 
ILE HD11 H  N N 179 
ILE HD12 H  N N 180 
ILE HD13 H  N N 181 
ILE HXT  H  N N 182 
LEU N    N  N N 183 
LEU CA   C  N S 184 
LEU C    C  N N 185 
LEU O    O  N N 186 
LEU CB   C  N N 187 
LEU CG   C  N N 188 
LEU CD1  C  N N 189 
LEU CD2  C  N N 190 
LEU OXT  O  N N 191 
LEU H    H  N N 192 
LEU H2   H  N N 193 
LEU HA   H  N N 194 
LEU HB2  H  N N 195 
LEU HB3  H  N N 196 
LEU HG   H  N N 197 
LEU HD11 H  N N 198 
LEU HD12 H  N N 199 
LEU HD13 H  N N 200 
LEU HD21 H  N N 201 
LEU HD22 H  N N 202 
LEU HD23 H  N N 203 
LEU HXT  H  N N 204 
LYS N    N  N N 205 
LYS CA   C  N S 206 
LYS C    C  N N 207 
LYS O    O  N N 208 
LYS CB   C  N N 209 
LYS CG   C  N N 210 
LYS CD   C  N N 211 
LYS CE   C  N N 212 
LYS NZ   N  N N 213 
LYS OXT  O  N N 214 
LYS H    H  N N 215 
LYS H2   H  N N 216 
LYS HA   H  N N 217 
LYS HB2  H  N N 218 
LYS HB3  H  N N 219 
LYS HG2  H  N N 220 
LYS HG3  H  N N 221 
LYS HD2  H  N N 222 
LYS HD3  H  N N 223 
LYS HE2  H  N N 224 
LYS HE3  H  N N 225 
LYS HZ1  H  N N 226 
LYS HZ2  H  N N 227 
LYS HZ3  H  N N 228 
LYS HXT  H  N N 229 
MET N    N  N N 230 
MET CA   C  N S 231 
MET C    C  N N 232 
MET O    O  N N 233 
MET CB   C  N N 234 
MET CG   C  N N 235 
MET SD   S  N N 236 
MET CE   C  N N 237 
MET OXT  O  N N 238 
MET H    H  N N 239 
MET H2   H  N N 240 
MET HA   H  N N 241 
MET HB2  H  N N 242 
MET HB3  H  N N 243 
MET HG2  H  N N 244 
MET HG3  H  N N 245 
MET HE1  H  N N 246 
MET HE2  H  N N 247 
MET HE3  H  N N 248 
MET HXT  H  N N 249 
NA  NA   NA N N 250 
PHE N    N  N N 251 
PHE CA   C  N S 252 
PHE C    C  N N 253 
PHE O    O  N N 254 
PHE CB   C  N N 255 
PHE CG   C  Y N 256 
PHE CD1  C  Y N 257 
PHE CD2  C  Y N 258 
PHE CE1  C  Y N 259 
PHE CE2  C  Y N 260 
PHE CZ   C  Y N 261 
PHE OXT  O  N N 262 
PHE H    H  N N 263 
PHE H2   H  N N 264 
PHE HA   H  N N 265 
PHE HB2  H  N N 266 
PHE HB3  H  N N 267 
PHE HD1  H  N N 268 
PHE HD2  H  N N 269 
PHE HE1  H  N N 270 
PHE HE2  H  N N 271 
PHE HZ   H  N N 272 
PHE HXT  H  N N 273 
PRO N    N  N N 274 
PRO CA   C  N S 275 
PRO C    C  N N 276 
PRO O    O  N N 277 
PRO CB   C  N N 278 
PRO CG   C  N N 279 
PRO CD   C  N N 280 
PRO OXT  O  N N 281 
PRO H    H  N N 282 
PRO HA   H  N N 283 
PRO HB2  H  N N 284 
PRO HB3  H  N N 285 
PRO HG2  H  N N 286 
PRO HG3  H  N N 287 
PRO HD2  H  N N 288 
PRO HD3  H  N N 289 
PRO HXT  H  N N 290 
SER N    N  N N 291 
SER CA   C  N S 292 
SER C    C  N N 293 
SER O    O  N N 294 
SER CB   C  N N 295 
SER OG   O  N N 296 
SER OXT  O  N N 297 
SER H    H  N N 298 
SER H2   H  N N 299 
SER HA   H  N N 300 
SER HB2  H  N N 301 
SER HB3  H  N N 302 
SER HG   H  N N 303 
SER HXT  H  N N 304 
THR N    N  N N 305 
THR CA   C  N S 306 
THR C    C  N N 307 
THR O    O  N N 308 
THR CB   C  N R 309 
THR OG1  O  N N 310 
THR CG2  C  N N 311 
THR OXT  O  N N 312 
THR H    H  N N 313 
THR H2   H  N N 314 
THR HA   H  N N 315 
THR HB   H  N N 316 
THR HG1  H  N N 317 
THR HG21 H  N N 318 
THR HG22 H  N N 319 
THR HG23 H  N N 320 
THR HXT  H  N N 321 
TRP N    N  N N 322 
TRP CA   C  N S 323 
TRP C    C  N N 324 
TRP O    O  N N 325 
TRP CB   C  N N 326 
TRP CG   C  Y N 327 
TRP CD1  C  Y N 328 
TRP CD2  C  Y N 329 
TRP NE1  N  Y N 330 
TRP CE2  C  Y N 331 
TRP CE3  C  Y N 332 
TRP CZ2  C  Y N 333 
TRP CZ3  C  Y N 334 
TRP CH2  C  Y N 335 
TRP OXT  O  N N 336 
TRP H    H  N N 337 
TRP H2   H  N N 338 
TRP HA   H  N N 339 
TRP HB2  H  N N 340 
TRP HB3  H  N N 341 
TRP HD1  H  N N 342 
TRP HE1  H  N N 343 
TRP HE3  H  N N 344 
TRP HZ2  H  N N 345 
TRP HZ3  H  N N 346 
TRP HH2  H  N N 347 
TRP HXT  H  N N 348 
TYR N    N  N N 349 
TYR CA   C  N S 350 
TYR C    C  N N 351 
TYR O    O  N N 352 
TYR CB   C  N N 353 
TYR CG   C  Y N 354 
TYR CD1  C  Y N 355 
TYR CD2  C  Y N 356 
TYR CE1  C  Y N 357 
TYR CE2  C  Y N 358 
TYR CZ   C  Y N 359 
TYR OH   O  N N 360 
TYR OXT  O  N N 361 
TYR H    H  N N 362 
TYR H2   H  N N 363 
TYR HA   H  N N 364 
TYR HB2  H  N N 365 
TYR HB3  H  N N 366 
TYR HD1  H  N N 367 
TYR HD2  H  N N 368 
TYR HE1  H  N N 369 
TYR HE2  H  N N 370 
TYR HH   H  N N 371 
TYR HXT  H  N N 372 
VAL N    N  N N 373 
VAL CA   C  N S 374 
VAL C    C  N N 375 
VAL O    O  N N 376 
VAL CB   C  N N 377 
VAL CG1  C  N N 378 
VAL CG2  C  N N 379 
VAL OXT  O  N N 380 
VAL H    H  N N 381 
VAL H2   H  N N 382 
VAL HA   H  N N 383 
VAL HB   H  N N 384 
VAL HG11 H  N N 385 
VAL HG12 H  N N 386 
VAL HG13 H  N N 387 
VAL HG21 H  N N 388 
VAL HG22 H  N N 389 
VAL HG23 H  N N 390 
VAL HXT  H  N N 391 
# 
loop_
_chem_comp_bond.comp_id 
_chem_comp_bond.atom_id_1 
_chem_comp_bond.atom_id_2 
_chem_comp_bond.value_order 
_chem_comp_bond.pdbx_aromatic_flag 
_chem_comp_bond.pdbx_stereo_config 
_chem_comp_bond.pdbx_ordinal 
ALA N   CA   sing N N 1   
ALA N   H    sing N N 2   
ALA N   H2   sing N N 3   
ALA CA  C    sing N N 4   
ALA CA  CB   sing N N 5   
ALA CA  HA   sing N N 6   
ALA C   O    doub N N 7   
ALA C   OXT  sing N N 8   
ALA CB  HB1  sing N N 9   
ALA CB  HB2  sing N N 10  
ALA CB  HB3  sing N N 11  
ALA OXT HXT  sing N N 12  
ARG N   CA   sing N N 13  
ARG N   H    sing N N 14  
ARG N   H2   sing N N 15  
ARG CA  C    sing N N 16  
ARG CA  CB   sing N N 17  
ARG CA  HA   sing N N 18  
ARG C   O    doub N N 19  
ARG C   OXT  sing N N 20  
ARG CB  CG   sing N N 21  
ARG CB  HB2  sing N N 22  
ARG CB  HB3  sing N N 23  
ARG CG  CD   sing N N 24  
ARG CG  HG2  sing N N 25  
ARG CG  HG3  sing N N 26  
ARG CD  NE   sing N N 27  
ARG CD  HD2  sing N N 28  
ARG CD  HD3  sing N N 29  
ARG NE  CZ   sing N N 30  
ARG NE  HE   sing N N 31  
ARG CZ  NH1  sing N N 32  
ARG CZ  NH2  doub N N 33  
ARG NH1 HH11 sing N N 34  
ARG NH1 HH12 sing N N 35  
ARG NH2 HH21 sing N N 36  
ARG NH2 HH22 sing N N 37  
ARG OXT HXT  sing N N 38  
ASN N   CA   sing N N 39  
ASN N   H    sing N N 40  
ASN N   H2   sing N N 41  
ASN CA  C    sing N N 42  
ASN CA  CB   sing N N 43  
ASN CA  HA   sing N N 44  
ASN C   O    doub N N 45  
ASN C   OXT  sing N N 46  
ASN CB  CG   sing N N 47  
ASN CB  HB2  sing N N 48  
ASN CB  HB3  sing N N 49  
ASN CG  OD1  doub N N 50  
ASN CG  ND2  sing N N 51  
ASN ND2 HD21 sing N N 52  
ASN ND2 HD22 sing N N 53  
ASN OXT HXT  sing N N 54  
ASP N   CA   sing N N 55  
ASP N   H    sing N N 56  
ASP N   H2   sing N N 57  
ASP CA  C    sing N N 58  
ASP CA  CB   sing N N 59  
ASP CA  HA   sing N N 60  
ASP C   O    doub N N 61  
ASP C   OXT  sing N N 62  
ASP CB  CG   sing N N 63  
ASP CB  HB2  sing N N 64  
ASP CB  HB3  sing N N 65  
ASP CG  OD1  doub N N 66  
ASP CG  OD2  sing N N 67  
ASP OD2 HD2  sing N N 68  
ASP OXT HXT  sing N N 69  
CYS N   CA   sing N N 70  
CYS N   H    sing N N 71  
CYS N   H2   sing N N 72  
CYS CA  C    sing N N 73  
CYS CA  CB   sing N N 74  
CYS CA  HA   sing N N 75  
CYS C   O    doub N N 76  
CYS C   OXT  sing N N 77  
CYS CB  SG   sing N N 78  
CYS CB  HB2  sing N N 79  
CYS CB  HB3  sing N N 80  
CYS SG  HG   sing N N 81  
CYS OXT HXT  sing N N 82  
GLN N   CA   sing N N 83  
GLN N   H    sing N N 84  
GLN N   H2   sing N N 85  
GLN CA  C    sing N N 86  
GLN CA  CB   sing N N 87  
GLN CA  HA   sing N N 88  
GLN C   O    doub N N 89  
GLN C   OXT  sing N N 90  
GLN CB  CG   sing N N 91  
GLN CB  HB2  sing N N 92  
GLN CB  HB3  sing N N 93  
GLN CG  CD   sing N N 94  
GLN CG  HG2  sing N N 95  
GLN CG  HG3  sing N N 96  
GLN CD  OE1  doub N N 97  
GLN CD  NE2  sing N N 98  
GLN NE2 HE21 sing N N 99  
GLN NE2 HE22 sing N N 100 
GLN OXT HXT  sing N N 101 
GLU N   CA   sing N N 102 
GLU N   H    sing N N 103 
GLU N   H2   sing N N 104 
GLU CA  C    sing N N 105 
GLU CA  CB   sing N N 106 
GLU CA  HA   sing N N 107 
GLU C   O    doub N N 108 
GLU C   OXT  sing N N 109 
GLU CB  CG   sing N N 110 
GLU CB  HB2  sing N N 111 
GLU CB  HB3  sing N N 112 
GLU CG  CD   sing N N 113 
GLU CG  HG2  sing N N 114 
GLU CG  HG3  sing N N 115 
GLU CD  OE1  doub N N 116 
GLU CD  OE2  sing N N 117 
GLU OE2 HE2  sing N N 118 
GLU OXT HXT  sing N N 119 
GLY N   CA   sing N N 120 
GLY N   H    sing N N 121 
GLY N   H2   sing N N 122 
GLY CA  C    sing N N 123 
GLY CA  HA2  sing N N 124 
GLY CA  HA3  sing N N 125 
GLY C   O    doub N N 126 
GLY C   OXT  sing N N 127 
GLY OXT HXT  sing N N 128 
HIS N   CA   sing N N 129 
HIS N   H    sing N N 130 
HIS N   H2   sing N N 131 
HIS CA  C    sing N N 132 
HIS CA  CB   sing N N 133 
HIS CA  HA   sing N N 134 
HIS C   O    doub N N 135 
HIS C   OXT  sing N N 136 
HIS CB  CG   sing N N 137 
HIS CB  HB2  sing N N 138 
HIS CB  HB3  sing N N 139 
HIS CG  ND1  sing Y N 140 
HIS CG  CD2  doub Y N 141 
HIS ND1 CE1  doub Y N 142 
HIS ND1 HD1  sing N N 143 
HIS CD2 NE2  sing Y N 144 
HIS CD2 HD2  sing N N 145 
HIS CE1 NE2  sing Y N 146 
HIS CE1 HE1  sing N N 147 
HIS NE2 HE2  sing N N 148 
HIS OXT HXT  sing N N 149 
HOH O   H1   sing N N 150 
HOH O   H2   sing N N 151 
ILE N   CA   sing N N 152 
ILE N   H    sing N N 153 
ILE N   H2   sing N N 154 
ILE CA  C    sing N N 155 
ILE CA  CB   sing N N 156 
ILE CA  HA   sing N N 157 
ILE C   O    doub N N 158 
ILE C   OXT  sing N N 159 
ILE CB  CG1  sing N N 160 
ILE CB  CG2  sing N N 161 
ILE CB  HB   sing N N 162 
ILE CG1 CD1  sing N N 163 
ILE CG1 HG12 sing N N 164 
ILE CG1 HG13 sing N N 165 
ILE CG2 HG21 sing N N 166 
ILE CG2 HG22 sing N N 167 
ILE CG2 HG23 sing N N 168 
ILE CD1 HD11 sing N N 169 
ILE CD1 HD12 sing N N 170 
ILE CD1 HD13 sing N N 171 
ILE OXT HXT  sing N N 172 
LEU N   CA   sing N N 173 
LEU N   H    sing N N 174 
LEU N   H2   sing N N 175 
LEU CA  C    sing N N 176 
LEU CA  CB   sing N N 177 
LEU CA  HA   sing N N 178 
LEU C   O    doub N N 179 
LEU C   OXT  sing N N 180 
LEU CB  CG   sing N N 181 
LEU CB  HB2  sing N N 182 
LEU CB  HB3  sing N N 183 
LEU CG  CD1  sing N N 184 
LEU CG  CD2  sing N N 185 
LEU CG  HG   sing N N 186 
LEU CD1 HD11 sing N N 187 
LEU CD1 HD12 sing N N 188 
LEU CD1 HD13 sing N N 189 
LEU CD2 HD21 sing N N 190 
LEU CD2 HD22 sing N N 191 
LEU CD2 HD23 sing N N 192 
LEU OXT HXT  sing N N 193 
LYS N   CA   sing N N 194 
LYS N   H    sing N N 195 
LYS N   H2   sing N N 196 
LYS CA  C    sing N N 197 
LYS CA  CB   sing N N 198 
LYS CA  HA   sing N N 199 
LYS C   O    doub N N 200 
LYS C   OXT  sing N N 201 
LYS CB  CG   sing N N 202 
LYS CB  HB2  sing N N 203 
LYS CB  HB3  sing N N 204 
LYS CG  CD   sing N N 205 
LYS CG  HG2  sing N N 206 
LYS CG  HG3  sing N N 207 
LYS CD  CE   sing N N 208 
LYS CD  HD2  sing N N 209 
LYS CD  HD3  sing N N 210 
LYS CE  NZ   sing N N 211 
LYS CE  HE2  sing N N 212 
LYS CE  HE3  sing N N 213 
LYS NZ  HZ1  sing N N 214 
LYS NZ  HZ2  sing N N 215 
LYS NZ  HZ3  sing N N 216 
LYS OXT HXT  sing N N 217 
MET N   CA   sing N N 218 
MET N   H    sing N N 219 
MET N   H2   sing N N 220 
MET CA  C    sing N N 221 
MET CA  CB   sing N N 222 
MET CA  HA   sing N N 223 
MET C   O    doub N N 224 
MET C   OXT  sing N N 225 
MET CB  CG   sing N N 226 
MET CB  HB2  sing N N 227 
MET CB  HB3  sing N N 228 
MET CG  SD   sing N N 229 
MET CG  HG2  sing N N 230 
MET CG  HG3  sing N N 231 
MET SD  CE   sing N N 232 
MET CE  HE1  sing N N 233 
MET CE  HE2  sing N N 234 
MET CE  HE3  sing N N 235 
MET OXT HXT  sing N N 236 
PHE N   CA   sing N N 237 
PHE N   H    sing N N 238 
PHE N   H2   sing N N 239 
PHE CA  C    sing N N 240 
PHE CA  CB   sing N N 241 
PHE CA  HA   sing N N 242 
PHE C   O    doub N N 243 
PHE C   OXT  sing N N 244 
PHE CB  CG   sing N N 245 
PHE CB  HB2  sing N N 246 
PHE CB  HB3  sing N N 247 
PHE CG  CD1  doub Y N 248 
PHE CG  CD2  sing Y N 249 
PHE CD1 CE1  sing Y N 250 
PHE CD1 HD1  sing N N 251 
PHE CD2 CE2  doub Y N 252 
PHE CD2 HD2  sing N N 253 
PHE CE1 CZ   doub Y N 254 
PHE CE1 HE1  sing N N 255 
PHE CE2 CZ   sing Y N 256 
PHE CE2 HE2  sing N N 257 
PHE CZ  HZ   sing N N 258 
PHE OXT HXT  sing N N 259 
PRO N   CA   sing N N 260 
PRO N   CD   sing N N 261 
PRO N   H    sing N N 262 
PRO CA  C    sing N N 263 
PRO CA  CB   sing N N 264 
PRO CA  HA   sing N N 265 
PRO C   O    doub N N 266 
PRO C   OXT  sing N N 267 
PRO CB  CG   sing N N 268 
PRO CB  HB2  sing N N 269 
PRO CB  HB3  sing N N 270 
PRO CG  CD   sing N N 271 
PRO CG  HG2  sing N N 272 
PRO CG  HG3  sing N N 273 
PRO CD  HD2  sing N N 274 
PRO CD  HD3  sing N N 275 
PRO OXT HXT  sing N N 276 
SER N   CA   sing N N 277 
SER N   H    sing N N 278 
SER N   H2   sing N N 279 
SER CA  C    sing N N 280 
SER CA  CB   sing N N 281 
SER CA  HA   sing N N 282 
SER C   O    doub N N 283 
SER C   OXT  sing N N 284 
SER CB  OG   sing N N 285 
SER CB  HB2  sing N N 286 
SER CB  HB3  sing N N 287 
SER OG  HG   sing N N 288 
SER OXT HXT  sing N N 289 
THR N   CA   sing N N 290 
THR N   H    sing N N 291 
THR N   H2   sing N N 292 
THR CA  C    sing N N 293 
THR CA  CB   sing N N 294 
THR CA  HA   sing N N 295 
THR C   O    doub N N 296 
THR C   OXT  sing N N 297 
THR CB  OG1  sing N N 298 
THR CB  CG2  sing N N 299 
THR CB  HB   sing N N 300 
THR OG1 HG1  sing N N 301 
THR CG2 HG21 sing N N 302 
THR CG2 HG22 sing N N 303 
THR CG2 HG23 sing N N 304 
THR OXT HXT  sing N N 305 
TRP N   CA   sing N N 306 
TRP N   H    sing N N 307 
TRP N   H2   sing N N 308 
TRP CA  C    sing N N 309 
TRP CA  CB   sing N N 310 
TRP CA  HA   sing N N 311 
TRP C   O    doub N N 312 
TRP C   OXT  sing N N 313 
TRP CB  CG   sing N N 314 
TRP CB  HB2  sing N N 315 
TRP CB  HB3  sing N N 316 
TRP CG  CD1  doub Y N 317 
TRP CG  CD2  sing Y N 318 
TRP CD1 NE1  sing Y N 319 
TRP CD1 HD1  sing N N 320 
TRP CD2 CE2  doub Y N 321 
TRP CD2 CE3  sing Y N 322 
TRP NE1 CE2  sing Y N 323 
TRP NE1 HE1  sing N N 324 
TRP CE2 CZ2  sing Y N 325 
TRP CE3 CZ3  doub Y N 326 
TRP CE3 HE3  sing N N 327 
TRP CZ2 CH2  doub Y N 328 
TRP CZ2 HZ2  sing N N 329 
TRP CZ3 CH2  sing Y N 330 
TRP CZ3 HZ3  sing N N 331 
TRP CH2 HH2  sing N N 332 
TRP OXT HXT  sing N N 333 
TYR N   CA   sing N N 334 
TYR N   H    sing N N 335 
TYR N   H2   sing N N 336 
TYR CA  C    sing N N 337 
TYR CA  CB   sing N N 338 
TYR CA  HA   sing N N 339 
TYR C   O    doub N N 340 
TYR C   OXT  sing N N 341 
TYR CB  CG   sing N N 342 
TYR CB  HB2  sing N N 343 
TYR CB  HB3  sing N N 344 
TYR CG  CD1  doub Y N 345 
TYR CG  CD2  sing Y N 346 
TYR CD1 CE1  sing Y N 347 
TYR CD1 HD1  sing N N 348 
TYR CD2 CE2  doub Y N 349 
TYR CD2 HD2  sing N N 350 
TYR CE1 CZ   doub Y N 351 
TYR CE1 HE1  sing N N 352 
TYR CE2 CZ   sing Y N 353 
TYR CE2 HE2  sing N N 354 
TYR CZ  OH   sing N N 355 
TYR OH  HH   sing N N 356 
TYR OXT HXT  sing N N 357 
VAL N   CA   sing N N 358 
VAL N   H    sing N N 359 
VAL N   H2   sing N N 360 
VAL CA  C    sing N N 361 
VAL CA  CB   sing N N 362 
VAL CA  HA   sing N N 363 
VAL C   O    doub N N 364 
VAL C   OXT  sing N N 365 
VAL CB  CG1  sing N N 366 
VAL CB  CG2  sing N N 367 
VAL CB  HB   sing N N 368 
VAL CG1 HG11 sing N N 369 
VAL CG1 HG12 sing N N 370 
VAL CG1 HG13 sing N N 371 
VAL CG2 HG21 sing N N 372 
VAL CG2 HG22 sing N N 373 
VAL CG2 HG23 sing N N 374 
VAL OXT HXT  sing N N 375 
# 
_pdbx_initial_refinement_model.id               1 
_pdbx_initial_refinement_model.entity_id_list   ? 
_pdbx_initial_refinement_model.type             'experimental model' 
_pdbx_initial_refinement_model.source_name      PDB 
_pdbx_initial_refinement_model.accession_code   1PSH 
_pdbx_initial_refinement_model.details          'PDB ENTRY 1PSH' 
# 
_atom_sites.entry_id                    1A3D 
_atom_sites.fract_transf_matrix[1][1]   -0.00718459 
_atom_sites.fract_transf_matrix[1][2]   0.00942792 
_atom_sites.fract_transf_matrix[1][3]   -0.00825204 
_atom_sites.fract_transf_matrix[2][1]   -0.00342086 
_atom_sites.fract_transf_matrix[2][2]   -0.01062712 
_atom_sites.fract_transf_matrix[2][3]   -0.00916309 
_atom_sites.fract_transf_matrix[3][1]   -0.01205320 
_atom_sites.fract_transf_matrix[3][2]   -0.00260361 
_atom_sites.fract_transf_matrix[3][3]   0.00751943 
_atom_sites.fract_transf_vector[1]      0.717457 
_atom_sites.fract_transf_vector[2]      0.653847 
_atom_sites.fract_transf_vector[3]      0.934838 
# 
loop_
_atom_type.symbol 
C  
N  
NA 
O  
S  
# 
loop_
_atom_site.group_PDB 
_atom_site.id 
_atom_site.type_symbol 
_atom_site.label_atom_id 
_atom_site.label_alt_id 
_atom_site.label_comp_id 
_atom_site.label_asym_id 
_atom_site.label_entity_id 
_atom_site.label_seq_id 
_atom_site.pdbx_PDB_ins_code 
_atom_site.Cartn_x 
_atom_site.Cartn_y 
_atom_site.Cartn_z 
_atom_site.occupancy 
_atom_site.B_iso_or_equiv 
_atom_site.pdbx_formal_charge 
_atom_site.auth_seq_id 
_atom_site.auth_comp_id 
_atom_site.auth_asym_id 
_atom_site.auth_atom_id 
_atom_site.pdbx_PDB_model_num 
ATOM   1    N  N   . ASN A 1 1   ? -6.843  -0.578  -8.273  1.00 11.00 ? 1   ASN A N   1 
ATOM   2    C  CA  . ASN A 1 1   ? -5.706  -0.596  -9.235  1.00 13.62 ? 1   ASN A CA  1 
ATOM   3    C  C   . ASN A 1 1   ? -4.662  0.379   -8.750  1.00 12.30 ? 1   ASN A C   1 
ATOM   4    O  O   . ASN A 1 1   ? -4.905  1.209   -7.857  1.00 13.98 ? 1   ASN A O   1 
ATOM   5    C  CB  . ASN A 1 1   ? -6.172  -0.343  -10.730 1.00 11.78 ? 1   ASN A CB  1 
ATOM   6    C  CG  . ASN A 1 1   ? -6.557  1.082   -11.010 1.00 14.53 ? 1   ASN A CG  1 
ATOM   7    O  OD1 . ASN A 1 1   ? -6.021  2.008   -10.425 1.00 17.83 ? 1   ASN A OD1 1 
ATOM   8    N  ND2 . ASN A 1 1   ? -7.542  1.273   -11.872 1.00 18.58 ? 1   ASN A ND2 1 
ATOM   9    N  N   . LEU A 1 2   ? -3.476  0.256   -9.311  1.00 15.05 ? 2   LEU A N   1 
ATOM   10   C  CA  . LEU A 1 2   ? -2.344  1.111   -8.954  1.00 16.69 ? 2   LEU A CA  1 
ATOM   11   C  C   . LEU A 1 2   ? -2.641  2.607   -8.794  1.00 16.96 ? 2   LEU A C   1 
ATOM   12   O  O   . LEU A 1 2   ? -2.188  3.228   -7.848  1.00 16.70 ? 2   LEU A O   1 
ATOM   13   C  CB  . LEU A 1 2   ? -1.266  0.934   -10.013 1.00 20.56 ? 2   LEU A CB  1 
ATOM   14   C  CG  . LEU A 1 2   ? 0.041   1.644   -9.743  1.00 26.35 ? 2   LEU A CG  1 
ATOM   15   C  CD1 . LEU A 1 2   ? 0.657   1.059   -8.480  1.00 27.75 ? 2   LEU A CD1 1 
ATOM   16   C  CD2 . LEU A 1 2   ? 0.950   1.460   -10.948 1.00 27.62 ? 2   LEU A CD2 1 
ATOM   17   N  N   . TYR A 1 3   ? -3.359  3.203   -9.748  1.00 15.94 ? 3   TYR A N   1 
ATOM   18   C  CA  . TYR A 1 3   ? -3.683  4.632   -9.703  1.00 16.81 ? 3   TYR A CA  1 
ATOM   19   C  C   . TYR A 1 3   ? -4.647  4.977   -8.584  1.00 16.30 ? 3   TYR A C   1 
ATOM   20   O  O   . TYR A 1 3   ? -4.542  6.050   -7.948  1.00 16.54 ? 3   TYR A O   1 
ATOM   21   C  CB  . TYR A 1 3   ? -4.265  5.097   -11.059 1.00 16.00 ? 3   TYR A CB  1 
ATOM   22   C  CG  . TYR A 1 3   ? -3.213  5.311   -12.120 1.00 15.35 ? 3   TYR A CG  1 
ATOM   23   C  CD1 . TYR A 1 3   ? -2.609  6.544   -12.287 1.00 14.53 ? 3   TYR A CD1 1 
ATOM   24   C  CD2 . TYR A 1 3   ? -2.860  4.283   -12.992 1.00 18.90 ? 3   TYR A CD2 1 
ATOM   25   C  CE1 . TYR A 1 3   ? -1.685  6.768   -13.292 1.00 14.89 ? 3   TYR A CE1 1 
ATOM   26   C  CE2 . TYR A 1 3   ? -1.915  4.490   -14.020 1.00 17.39 ? 3   TYR A CE2 1 
ATOM   27   C  CZ  . TYR A 1 3   ? -1.340  5.740   -14.160 1.00 17.30 ? 3   TYR A CZ  1 
ATOM   28   O  OH  . TYR A 1 3   ? -0.416  5.939   -15.171 1.00 17.17 ? 3   TYR A OH  1 
ATOM   29   N  N   . GLN A 1 4   ? -5.562  4.059   -8.304  1.00 14.44 ? 4   GLN A N   1 
ATOM   30   C  CA  . GLN A 1 4   ? -6.504  4.304   -7.229  1.00 15.12 ? 4   GLN A CA  1 
ATOM   31   C  C   . GLN A 1 4   ? -5.775  4.226   -5.878  1.00 15.52 ? 4   GLN A C   1 
ATOM   32   O  O   . GLN A 1 4   ? -6.117  4.958   -4.947  1.00 14.91 ? 4   GLN A O   1 
ATOM   33   C  CB  . GLN A 1 4   ? -7.626  3.296   -7.319  1.00 15.14 ? 4   GLN A CB  1 
ATOM   34   C  CG  . GLN A 1 4   ? -8.435  3.414   -8.613  1.00 17.99 ? 4   GLN A CG  1 
ATOM   35   C  CD  . GLN A 1 4   ? -9.532  2.381   -8.664  1.00 20.05 ? 4   GLN A CD  1 
ATOM   36   O  OE1 . GLN A 1 4   ? -9.230  1.194   -8.632  1.00 18.28 ? 4   GLN A OE1 1 
ATOM   37   N  NE2 . GLN A 1 4   ? -10.809 2.815   -8.691  1.00 18.47 ? 4   GLN A NE2 1 
ATOM   38   N  N   . PHE A 1 5   ? -4.779  3.349   -5.761  1.00 13.82 ? 5   PHE A N   1 
ATOM   39   C  CA  . PHE A 1 5   ? -3.990  3.250   -4.518  1.00 13.83 ? 5   PHE A CA  1 
ATOM   40   C  C   . PHE A 1 5   ? -3.207  4.583   -4.379  1.00 14.36 ? 5   PHE A C   1 
ATOM   41   O  O   . PHE A 1 5   ? -3.152  5.196   -3.317  1.00 15.15 ? 5   PHE A O   1 
ATOM   42   C  CB  . PHE A 1 5   ? -3.032  2.035   -4.614  1.00 13.48 ? 5   PHE A CB  1 
ATOM   43   C  CG  . PHE A 1 5   ? -2.137  1.819   -3.391  1.00 13.88 ? 5   PHE A CG  1 
ATOM   44   C  CD1 . PHE A 1 5   ? -2.554  2.170   -2.093  1.00 11.38 ? 5   PHE A CD1 1 
ATOM   45   C  CD2 . PHE A 1 5   ? -0.893  1.163   -3.557  1.00 12.99 ? 5   PHE A CD2 1 
ATOM   46   C  CE1 . PHE A 1 5   ? -1.728  1.853   -0.951  1.00 12.60 ? 5   PHE A CE1 1 
ATOM   47   C  CE2 . PHE A 1 5   ? -0.049  0.839   -2.446  1.00 13.09 ? 5   PHE A CE2 1 
ATOM   48   C  CZ  . PHE A 1 5   ? -0.475  1.177   -1.147  1.00 11.98 ? 5   PHE A CZ  1 
ATOM   49   N  N   . LYS A 1 6   ? -2.625  5.038   -5.483  1.00 15.35 ? 6   LYS A N   1 
ATOM   50   C  CA  . LYS A 1 6   ? -1.906  6.290   -5.491  1.00 15.33 ? 6   LYS A CA  1 
ATOM   51   C  C   . LYS A 1 6   ? -2.798  7.432   -5.036  1.00 17.92 ? 6   LYS A C   1 
ATOM   52   O  O   . LYS A 1 6   ? -2.394  8.267   -4.233  1.00 20.40 ? 6   LYS A O   1 
ATOM   53   C  CB  . LYS A 1 6   ? -1.411  6.591   -6.885  1.00 15.78 ? 6   LYS A CB  1 
ATOM   54   C  CG  . LYS A 1 6   ? -0.753  7.896   -6.895  1.00 17.89 ? 6   LYS A CG  1 
ATOM   55   C  CD  . LYS A 1 6   ? -0.152  8.169   -8.208  1.00 24.36 ? 6   LYS A CD  1 
ATOM   56   C  CE  . LYS A 1 6   ? -1.114  8.873   -9.092  1.00 25.81 ? 6   LYS A CE  1 
ATOM   57   N  NZ  . LYS A 1 6   ? -0.416  9.071   -10.391 1.00 31.14 ? 6   LYS A NZ  1 
ATOM   58   N  N   . ASN A 1 7   ? -4.041  7.449   -5.484  1.00 17.20 ? 7   ASN A N   1 
ATOM   59   C  CA  . ASN A 1 7   ? -4.933  8.503   -5.081  1.00 19.50 ? 7   ASN A CA  1 
ATOM   60   C  C   . ASN A 1 7   ? -5.356  8.382   -3.632  1.00 21.23 ? 7   ASN A C   1 
ATOM   61   O  O   . ASN A 1 7   ? -5.532  9.412   -2.932  1.00 20.71 ? 7   ASN A O   1 
ATOM   62   C  CB  . ASN A 1 7   ? -6.105  8.543   -6.035  1.00 21.67 ? 7   ASN A CB  1 
ATOM   63   C  CG  . ASN A 1 7   ? -5.723  9.118   -7.392  1.00 24.18 ? 7   ASN A CG  1 
ATOM   64   O  OD1 . ASN A 1 7   ? -4.913  10.053  -7.483  1.00 26.80 ? 7   ASN A OD1 1 
ATOM   65   N  ND2 . ASN A 1 7   ? -6.288  8.560   -8.451  1.00 25.46 ? 7   ASN A ND2 1 
ATOM   66   N  N   . MET A 1 8   ? -5.534  7.142   -3.158  1.00 20.74 ? 8   MET A N   1 
ATOM   67   C  CA  . MET A 1 8   ? -5.851  6.926   -1.716  1.00 21.28 ? 8   MET A CA  1 
ATOM   68   C  C   . MET A 1 8   ? -4.709  7.556   -0.865  1.00 19.76 ? 8   MET A C   1 
ATOM   69   O  O   . MET A 1 8   ? -4.948  8.219   0.150   1.00 21.00 ? 8   MET A O   1 
ATOM   70   C  CB  . MET A 1 8   ? -5.926  5.428   -1.375  1.00 17.59 ? 8   MET A CB  1 
ATOM   71   C  CG  . MET A 1 8   ? -7.177  4.767   -1.782  1.00 15.12 ? 8   MET A CG  1 
ATOM   72   S  SD  . MET A 1 8   ? -7.467  3.296   -0.788  1.00 16.97 ? 8   MET A SD  1 
ATOM   73   C  CE  . MET A 1 8   ? -9.178  2.958   -1.157  1.00 18.52 ? 8   MET A CE  1 
ATOM   74   N  N   . ILE A 1 9   ? -3.479  7.308   -1.279  1.00 17.98 ? 9   ILE A N   1 
ATOM   75   C  CA  . ILE A 1 9   ? -2.336  7.830   -0.563  1.00 20.38 ? 9   ILE A CA  1 
ATOM   76   C  C   . ILE A 1 9   ? -2.366  9.365   -0.538  1.00 20.90 ? 9   ILE A C   1 
ATOM   77   O  O   . ILE A 1 9   ? -2.183  9.991   0.521   1.00 19.44 ? 9   ILE A O   1 
ATOM   78   C  CB  . ILE A 1 9   ? -0.983  7.191   -1.129  1.00 19.30 ? 9   ILE A CB  1 
ATOM   79   C  CG1 . ILE A 1 9   ? -0.919  5.685   -0.786  1.00 18.40 ? 9   ILE A CG1 1 
ATOM   80   C  CG2 . ILE A 1 9   ? 0.224   7.842   -0.527  1.00 18.88 ? 9   ILE A CG2 1 
ATOM   81   C  CD1 . ILE A 1 9   ? 0.180   4.903   -1.523  1.00 21.74 ? 9   ILE A CD1 1 
ATOM   82   N  N   . LYS A 1 10  ? -2.733  9.948   -1.670  1.00 21.61 ? 10  LYS A N   1 
ATOM   83   C  CA  . LYS A 1 10  ? -2.831  11.390  -1.825  1.00 22.55 ? 10  LYS A CA  1 
ATOM   84   C  C   . LYS A 1 10  ? -3.969  11.942  -0.947  1.00 22.98 ? 10  LYS A C   1 
ATOM   85   O  O   . LYS A 1 10  ? -3.936  13.068  -0.473  1.00 20.94 ? 10  LYS A O   1 
ATOM   86   C  CB  . LYS A 1 10  ? -3.063  11.698  -3.303  1.00 26.05 ? 10  LYS A CB  1 
ATOM   87   C  CG  . LYS A 1 10  ? -2.939  13.152  -3.654  1.00 30.68 ? 10  LYS A CG  1 
ATOM   88   C  CD  . LYS A 1 10  ? -1.623  13.773  -3.114  1.00 34.73 ? 10  LYS A CD  1 
ATOM   89   C  CE  . LYS A 1 10  ? -0.331  13.177  -3.736  1.00 36.85 ? 10  LYS A CE  1 
ATOM   90   N  NZ  . LYS A 1 10  ? 0.869   13.750  -3.075  1.00 32.42 ? 10  LYS A NZ  1 
ATOM   91   N  N   . CYS A 1 11  ? -4.961  11.112  -0.685  1.00 22.48 ? 11  CYS A N   1 
ATOM   92   C  CA  . CYS A 1 11  ? -6.069  11.499  0.163   1.00 22.02 ? 11  CYS A CA  1 
ATOM   93   C  C   . CYS A 1 11  ? -5.604  11.641  1.615   1.00 21.98 ? 11  CYS A C   1 
ATOM   94   O  O   . CYS A 1 11  ? -5.900  12.616  2.259   1.00 22.71 ? 11  CYS A O   1 
ATOM   95   C  CB  . CYS A 1 11  ? -7.162  10.431  0.051   1.00 18.21 ? 11  CYS A CB  1 
ATOM   96   S  SG  . CYS A 1 11  ? -8.704  10.709  0.986   1.00 26.03 ? 11  CYS A SG  1 
ATOM   97   N  N   . THR A 1 12  ? -4.859  10.652  2.108   1.00 24.15 ? 12  THR A N   1 
ATOM   98   C  CA  . THR A 1 12  ? -4.360  10.597  3.485   1.00 22.63 ? 12  THR A CA  1 
ATOM   99   C  C   . THR A 1 12  ? -3.017  11.281  3.797   1.00 22.87 ? 12  THR A C   1 
ATOM   100  O  O   . THR A 1 12  ? -2.784  11.664  4.943   1.00 25.14 ? 12  THR A O   1 
ATOM   101  C  CB  . THR A 1 12  ? -4.236  9.125   3.972   1.00 23.94 ? 12  THR A CB  1 
ATOM   102  O  OG1 . THR A 1 12  ? -3.345  8.393   3.094   1.00 26.47 ? 12  THR A OG1 1 
ATOM   103  C  CG2 . THR A 1 12  ? -5.575  8.444   4.016   1.00 21.68 ? 12  THR A CG2 1 
ATOM   104  N  N   . VAL A 1 13  ? -2.104  11.334  2.837   1.00 21.70 ? 13  VAL A N   1 
ATOM   105  C  CA  . VAL A 1 13  ? -0.800  11.956  3.015   1.00 22.55 ? 13  VAL A CA  1 
ATOM   106  C  C   . VAL A 1 13  ? -0.689  12.865  1.772   1.00 26.08 ? 13  VAL A C   1 
ATOM   107  O  O   . VAL A 1 13  ? -0.005  12.555  0.784   1.00 26.93 ? 13  VAL A O   1 
ATOM   108  C  CB  . VAL A 1 13  ? 0.410   10.919  3.019   1.00 22.02 ? 13  VAL A CB  1 
ATOM   109  C  CG1 . VAL A 1 13  ? 1.525   11.433  3.907   1.00 22.59 ? 13  VAL A CG1 1 
ATOM   110  C  CG2 . VAL A 1 13  ? 0.020   9.539   3.537   1.00 22.15 ? 13  VAL A CG2 1 
ATOM   111  N  N   . PRO A 1 14  ? -1.400  13.997  1.782   1.00 28.07 ? 14  PRO A N   1 
ATOM   112  C  CA  . PRO A 1 14  ? -1.356  14.909  0.640   1.00 29.95 ? 14  PRO A CA  1 
ATOM   113  C  C   . PRO A 1 14  ? -0.029  15.592  0.381   1.00 31.15 ? 14  PRO A C   1 
ATOM   114  O  O   . PRO A 1 14  ? 0.252   15.995  -0.748  1.00 30.25 ? 14  PRO A O   1 
ATOM   115  C  CB  . PRO A 1 14  ? -2.460  15.915  0.976   1.00 30.76 ? 14  PRO A CB  1 
ATOM   116  C  CG  . PRO A 1 14  ? -2.393  15.984  2.461   1.00 31.06 ? 14  PRO A CG  1 
ATOM   117  C  CD  . PRO A 1 14  ? -2.282  14.522  2.836   1.00 30.04 ? 14  PRO A CD  1 
ATOM   118  N  N   . SER A 1 15  ? 0.803   15.676  1.410   1.00 34.07 ? 15  SER A N   1 
ATOM   119  C  CA  . SER A 1 15  ? 2.105   16.342  1.294   1.00 36.29 ? 15  SER A CA  1 
ATOM   120  C  C   . SER A 1 15  ? 3.267   15.570  0.644   1.00 37.36 ? 15  SER A C   1 
ATOM   121  O  O   . SER A 1 15  ? 4.181   16.196  0.087   1.00 37.29 ? 15  SER A O   1 
ATOM   122  C  CB  . SER A 1 15  ? 2.554   16.796  2.666   1.00 35.98 ? 15  SER A CB  1 
ATOM   123  O  OG  . SER A 1 15  ? 2.574   15.672  3.518   1.00 38.02 ? 15  SER A OG  1 
ATOM   124  N  N   . ARG A 1 16  ? 3.240   14.230  0.749   1.00 35.48 ? 16  ARG A N   1 
ATOM   125  C  CA  . ARG A 1 16  ? 4.274   13.352  0.203   1.00 33.81 ? 16  ARG A CA  1 
ATOM   126  C  C   . ARG A 1 16  ? 3.945   12.891  -1.182  1.00 33.63 ? 16  ARG A C   1 
ATOM   127  O  O   . ARG A 1 16  ? 2.775   12.793  -1.555  1.00 36.58 ? 16  ARG A O   1 
ATOM   128  C  CB  . ARG A 1 16  ? 4.399   12.110  1.039   1.00 33.05 ? 16  ARG A CB  1 
ATOM   129  C  CG  . ARG A 1 16  ? 5.043   12.354  2.299   1.00 33.29 ? 16  ARG A CG  1 
ATOM   130  C  CD  . ARG A 1 16  ? 6.148   11.364  2.534   1.00 30.74 ? 16  ARG A CD  1 
ATOM   131  N  NE  . ARG A 1 16  ? 6.894   11.831  3.688   1.00 27.53 ? 16  ARG A NE  1 
ATOM   132  C  CZ  . ARG A 1 16  ? 7.963   12.590  3.606   1.00 26.40 ? 16  ARG A CZ  1 
ATOM   133  N  NH1 . ARG A 1 16  ? 8.429   12.952  2.427   1.00 29.30 ? 16  ARG A NH1 1 
ATOM   134  N  NH2 . ARG A 1 16  ? 8.535   13.038  4.700   1.00 27.64 ? 16  ARG A NH2 1 
ATOM   135  N  N   . SER A 1 17  ? 4.968   12.544  -1.930  1.00 30.98 ? 17  SER A N   1 
ATOM   136  C  CA  . SER A 1 17  ? 4.753   12.073  -3.279  1.00 29.46 ? 17  SER A CA  1 
ATOM   137  C  C   . SER A 1 17  ? 4.549   10.570  -3.197  1.00 28.41 ? 17  SER A C   1 
ATOM   138  O  O   . SER A 1 17  ? 5.001   9.897   -2.263  1.00 28.23 ? 17  SER A O   1 
ATOM   139  C  CB  . SER A 1 17  ? 5.987   12.378  -4.144  1.00 28.49 ? 17  SER A CB  1 
ATOM   140  O  OG  . SER A 1 17  ? 5.924   11.803  -5.438  1.00 27.16 ? 17  SER A OG  1 
ATOM   141  N  N   . TRP A 1 18  ? 3.838   10.058  -4.175  1.00 25.76 ? 18  TRP A N   1 
ATOM   142  C  CA  . TRP A 1 18  ? 3.609   8.642   -4.314  1.00 24.54 ? 18  TRP A CA  1 
ATOM   143  C  C   . TRP A 1 18  ? 5.002   7.999   -4.444  1.00 23.69 ? 18  TRP A C   1 
ATOM   144  O  O   . TRP A 1 18  ? 5.238   6.907   -3.958  1.00 22.03 ? 18  TRP A O   1 
ATOM   145  C  CB  . TRP A 1 18  ? 2.836   8.486   -5.611  1.00 25.73 ? 18  TRP A CB  1 
ATOM   146  C  CG  . TRP A 1 18  ? 3.029   7.245   -6.352  1.00 25.98 ? 18  TRP A CG  1 
ATOM   147  C  CD1 . TRP A 1 18  ? 3.761   7.069   -7.513  1.00 29.24 ? 18  TRP A CD1 1 
ATOM   148  C  CD2 . TRP A 1 18  ? 2.381   6.004   -6.095  1.00 26.75 ? 18  TRP A CD2 1 
ATOM   149  N  NE1 . TRP A 1 18  ? 3.584   5.781   -7.989  1.00 29.40 ? 18  TRP A NE1 1 
ATOM   150  C  CE2 . TRP A 1 18  ? 2.738   5.112   -7.134  1.00 27.35 ? 18  TRP A CE2 1 
ATOM   151  C  CE3 . TRP A 1 18  ? 1.531   5.552   -5.078  1.00 25.26 ? 18  TRP A CE3 1 
ATOM   152  C  CZ2 . TRP A 1 18  ? 2.251   3.801   -7.196  1.00 27.65 ? 18  TRP A CZ2 1 
ATOM   153  C  CZ3 . TRP A 1 18  ? 1.050   4.233   -5.149  1.00 25.41 ? 18  TRP A CZ3 1 
ATOM   154  C  CH2 . TRP A 1 18  ? 1.415   3.383   -6.189  1.00 23.01 ? 18  TRP A CH2 1 
ATOM   155  N  N   . TRP A 1 19  ? 5.934   8.709   -5.096  1.00 23.53 ? 19  TRP A N   1 
ATOM   156  C  CA  . TRP A 1 19  ? 7.300   8.198   -5.309  1.00 23.55 ? 19  TRP A CA  1 
ATOM   157  C  C   . TRP A 1 19  ? 8.051   7.963   -3.996  1.00 22.60 ? 19  TRP A C   1 
ATOM   158  O  O   . TRP A 1 19  ? 8.847   7.031   -3.924  1.00 23.92 ? 19  TRP A O   1 
ATOM   159  C  CB  . TRP A 1 19  ? 8.110   9.098   -6.263  1.00 23.24 ? 19  TRP A CB  1 
ATOM   160  C  CG  . TRP A 1 19  ? 7.548   9.143   -7.679  1.00 24.78 ? 19  TRP A CG  1 
ATOM   161  C  CD1 . TRP A 1 19  ? 6.945   10.202  -8.277  1.00 24.28 ? 19  TRP A CD1 1 
ATOM   162  C  CD2 . TRP A 1 19  ? 7.464   8.051   -8.612  1.00 25.81 ? 19  TRP A CD2 1 
ATOM   163  N  NE1 . TRP A 1 19  ? 6.488   9.842   -9.510  1.00 25.29 ? 19  TRP A NE1 1 
ATOM   164  C  CE2 . TRP A 1 19  ? 6.790   8.543   -9.745  1.00 24.32 ? 19  TRP A CE2 1 
ATOM   165  C  CE3 . TRP A 1 19  ? 7.883   6.722   -8.597  1.00 27.99 ? 19  TRP A CE3 1 
ATOM   166  C  CZ2 . TRP A 1 19  ? 6.526   7.742   -10.849 1.00 27.93 ? 19  TRP A CZ2 1 
ATOM   167  C  CZ3 . TRP A 1 19  ? 7.617   5.920   -9.691  1.00 28.22 ? 19  TRP A CZ3 1 
ATOM   168  C  CH2 . TRP A 1 19  ? 6.944   6.434   -10.813 1.00 29.36 ? 19  TRP A CH2 1 
ATOM   169  N  N   . ASP A 1 20  ? 7.771   8.746   -2.953  1.00 22.67 ? 20  ASP A N   1 
ATOM   170  C  CA  . ASP A 1 20  ? 8.433   8.543   -1.639  1.00 23.06 ? 20  ASP A CA  1 
ATOM   171  C  C   . ASP A 1 20  ? 8.072   7.191   -1.068  1.00 21.79 ? 20  ASP A C   1 
ATOM   172  O  O   . ASP A 1 20  ? 8.837   6.598   -0.330  1.00 21.07 ? 20  ASP A O   1 
ATOM   173  C  CB  . ASP A 1 20  ? 8.019   9.603   -0.626  1.00 26.00 ? 20  ASP A CB  1 
ATOM   174  C  CG  . ASP A 1 20  ? 8.385   10.985  -1.059  1.00 27.85 ? 20  ASP A CG  1 
ATOM   175  O  OD1 . ASP A 1 20  ? 8.732   11.165  -2.247  1.00 29.59 ? 20  ASP A OD1 1 
ATOM   176  O  OD2 . ASP A 1 20  ? 8.331   11.889  -0.207  1.00 28.60 ? 20  ASP A OD2 1 
ATOM   177  N  N   . PHE A 1 21  ? 6.924   6.666   -1.451  1.00 19.92 ? 21  PHE A N   1 
ATOM   178  C  CA  . PHE A 1 21  ? 6.509   5.346   -0.950  1.00 19.80 ? 21  PHE A CA  1 
ATOM   179  C  C   . PHE A 1 21  ? 6.783   4.188   -1.893  1.00 19.25 ? 21  PHE A C   1 
ATOM   180  O  O   . PHE A 1 21  ? 6.642   3.034   -1.517  1.00 19.36 ? 21  PHE A O   1 
ATOM   181  C  CB  . PHE A 1 21  ? 5.021   5.363   -0.639  1.00 17.19 ? 21  PHE A CB  1 
ATOM   182  C  CG  . PHE A 1 21  ? 4.672   6.303   0.434   1.00 16.69 ? 21  PHE A CG  1 
ATOM   183  C  CD1 . PHE A 1 21  ? 4.975   6.012   1.760   1.00 15.11 ? 21  PHE A CD1 1 
ATOM   184  C  CD2 . PHE A 1 21  ? 3.996   7.490   0.135   1.00 17.40 ? 21  PHE A CD2 1 
ATOM   185  C  CE1 . PHE A 1 21  ? 4.615   6.939   2.786   1.00 19.96 ? 21  PHE A CE1 1 
ATOM   186  C  CE2 . PHE A 1 21  ? 3.642   8.395   1.123   1.00 15.48 ? 21  PHE A CE2 1 
ATOM   187  C  CZ  . PHE A 1 21  ? 3.924   8.130   2.447   1.00 16.29 ? 21  PHE A CZ  1 
ATOM   188  N  N   . ALA A 1 22  ? 7.214   4.514   -3.102  1.00 18.12 ? 22  ALA A N   1 
ATOM   189  C  CA  . ALA A 1 22  ? 7.444   3.532   -4.115  1.00 15.81 ? 22  ALA A CA  1 
ATOM   190  C  C   . ALA A 1 22  ? 8.760   2.803   -4.038  1.00 16.14 ? 22  ALA A C   1 
ATOM   191  O  O   . ALA A 1 22  ? 8.955   1.866   -4.770  1.00 17.29 ? 22  ALA A O   1 
ATOM   192  C  CB  . ALA A 1 22  ? 7.302   4.197   -5.495  1.00 17.32 ? 22  ALA A CB  1 
ATOM   193  N  N   . ASP A 1 23  ? 9.673   3.249   -3.195  1.00 15.13 ? 23  ASP A N   1 
ATOM   194  C  CA  . ASP A 1 23  ? 11.008  2.641   -3.065  1.00 17.04 ? 23  ASP A CA  1 
ATOM   195  C  C   . ASP A 1 23  ? 11.562  2.958   -1.662  1.00 16.86 ? 23  ASP A C   1 
ATOM   196  O  O   . ASP A 1 23  ? 12.491  3.728   -1.495  1.00 16.98 ? 23  ASP A O   1 
ATOM   197  C  CB  . ASP A 1 23  ? 11.912  3.221   -4.157  1.00 18.54 ? 23  ASP A CB  1 
ATOM   198  C  CG  . ASP A 1 23  ? 13.269  2.563   -4.232  1.00 20.18 ? 23  ASP A CG  1 
ATOM   199  O  OD1 . ASP A 1 23  ? 13.577  1.667   -3.431  1.00 19.83 ? 23  ASP A OD1 1 
ATOM   200  O  OD2 . ASP A 1 23  ? 14.066  2.986   -5.100  1.00 19.73 ? 23  ASP A OD2 1 
ATOM   201  N  N   . TYR A 1 24  ? 10.989  2.307   -0.661  1.00 16.45 ? 24  TYR A N   1 
ATOM   202  C  CA  . TYR A 1 24  ? 11.364  2.535   0.727   1.00 14.97 ? 24  TYR A CA  1 
ATOM   203  C  C   . TYR A 1 24  ? 11.490  1.184   1.449   1.00 13.34 ? 24  TYR A C   1 
ATOM   204  O  O   . TYR A 1 24  ? 10.649  0.285   1.306   1.00 12.89 ? 24  TYR A O   1 
ATOM   205  C  CB  . TYR A 1 24  ? 10.239  3.355   1.360   1.00 15.08 ? 24  TYR A CB  1 
ATOM   206  C  CG  . TYR A 1 24  ? 10.514  3.844   2.738   1.00 15.14 ? 24  TYR A CG  1 
ATOM   207  C  CD1 . TYR A 1 24  ? 10.227  3.061   3.842   1.00 15.11 ? 24  TYR A CD1 1 
ATOM   208  C  CD2 . TYR A 1 24  ? 10.966  5.148   2.942   1.00 15.35 ? 24  TYR A CD2 1 
ATOM   209  C  CE1 . TYR A 1 24  ? 10.364  3.576   5.146   1.00 17.03 ? 24  TYR A CE1 1 
ATOM   210  C  CE2 . TYR A 1 24  ? 11.117  5.663   4.218   1.00 14.68 ? 24  TYR A CE2 1 
ATOM   211  C  CZ  . TYR A 1 24  ? 10.811  4.872   5.304   1.00 15.96 ? 24  TYR A CZ  1 
ATOM   212  O  OH  . TYR A 1 24  ? 10.983  5.373   6.542   1.00 15.69 ? 24  TYR A OH  1 
ATOM   213  N  N   . GLY A 1 25  ? 12.503  1.083   2.275   1.00 12.57 ? 25  GLY A N   1 
ATOM   214  C  CA  . GLY A 1 25  ? 12.698  -0.132  2.999   1.00 14.60 ? 25  GLY A CA  1 
ATOM   215  C  C   . GLY A 1 25  ? 12.841  -1.432  2.201   1.00 14.49 ? 25  GLY A C   1 
ATOM   216  O  O   . GLY A 1 25  ? 13.301  -1.466  1.058   1.00 15.38 ? 25  GLY A O   1 
ATOM   217  N  N   . CYS A 1 26  ? 12.414  -2.512  2.830   1.00 13.86 ? 26  CYS A N   1 
ATOM   218  C  CA  . CYS A 1 26  ? 12.503  -3.833  2.241   1.00 15.22 ? 26  CYS A CA  1 
ATOM   219  C  C   . CYS A 1 26  ? 11.199  -4.236  1.591   1.00 15.90 ? 26  CYS A C   1 
ATOM   220  O  O   . CYS A 1 26  ? 11.166  -5.147  0.757   1.00 17.96 ? 26  CYS A O   1 
ATOM   221  C  CB  . CYS A 1 26  ? 12.859  -4.879  3.341   1.00 14.54 ? 26  CYS A CB  1 
ATOM   222  S  SG  . CYS A 1 26  ? 14.540  -4.683  4.036   1.00 16.09 ? 26  CYS A SG  1 
ATOM   223  N  N   . TYR A 1 27  ? 10.126  -3.546  1.935   1.00 13.87 ? 27  TYR A N   1 
ATOM   224  C  CA  . TYR A 1 27  ? 8.835   -3.927  1.386   1.00 13.94 ? 27  TYR A CA  1 
ATOM   225  C  C   . TYR A 1 27  ? 8.056   -2.899  0.592   1.00 14.31 ? 27  TYR A C   1 
ATOM   226  O  O   . TYR A 1 27  ? 7.153   -3.288  -0.114  1.00 16.22 ? 27  TYR A O   1 
ATOM   227  C  CB  . TYR A 1 27  ? 7.946   -4.432  2.520   1.00 13.59 ? 27  TYR A CB  1 
ATOM   228  C  CG  . TYR A 1 27  ? 8.463   -5.720  3.143   1.00 12.73 ? 27  TYR A CG  1 
ATOM   229  C  CD1 . TYR A 1 27  ? 9.350   -5.687  4.194   1.00 10.54 ? 27  TYR A CD1 1 
ATOM   230  C  CD2 . TYR A 1 27  ? 8.065   -6.960  2.639   1.00 12.63 ? 27  TYR A CD2 1 
ATOM   231  C  CE1 . TYR A 1 27  ? 9.842   -6.841  4.751   1.00 10.96 ? 27  TYR A CE1 1 
ATOM   232  C  CE2 . TYR A 1 27  ? 8.525   -8.129  3.190   1.00 15.56 ? 27  TYR A CE2 1 
ATOM   233  C  CZ  . TYR A 1 27  ? 9.435   -8.056  4.249   1.00 15.76 ? 27  TYR A CZ  1 
ATOM   234  O  OH  . TYR A 1 27  ? 9.915   -9.226  4.765   1.00 16.65 ? 27  TYR A OH  1 
ATOM   235  N  N   . CYS A 1 28  ? 8.339   -1.608  0.764   1.00 12.96 ? 28  CYS A N   1 
ATOM   236  C  CA  . CYS A 1 28  ? 7.569   -0.582  0.031   1.00 16.12 ? 28  CYS A CA  1 
ATOM   237  C  C   . CYS A 1 28  ? 7.907   -0.480  -1.447  1.00 18.37 ? 28  CYS A C   1 
ATOM   238  O  O   . CYS A 1 28  ? 9.024   -0.136  -1.848  1.00 18.67 ? 28  CYS A O   1 
ATOM   239  C  CB  . CYS A 1 28  ? 7.616   0.808   0.679   1.00 16.46 ? 28  CYS A CB  1 
ATOM   240  S  SG  . CYS A 1 28  ? 7.099   0.905   2.428   1.00 14.31 ? 28  CYS A SG  1 
ATOM   241  N  N   . GLY A 1 29  ? 6.907   -0.855  -2.227  1.00 20.31 ? 29  GLY A N   1 
ATOM   242  C  CA  . GLY A 1 29  ? 6.961   -0.799  -3.658  1.00 23.33 ? 29  GLY A CA  1 
ATOM   243  C  C   . GLY A 1 29  ? 7.714   -1.898  -4.301  1.00 26.10 ? 29  GLY A C   1 
ATOM   244  O  O   . GLY A 1 29  ? 7.601   -2.060  -5.493  1.00 29.04 ? 29  GLY A O   1 
ATOM   245  N  N   . ARG A 1 30  ? 8.422   -2.697  -3.535  1.00 29.53 ? 30  ARG A N   1 
ATOM   246  C  CA  . ARG A 1 30  ? 9.255   -3.742  -4.116  1.00 32.43 ? 30  ARG A CA  1 
ATOM   247  C  C   . ARG A 1 30  ? 9.920   -4.511  -3.004  1.00 32.17 ? 30  ARG A C   1 
ATOM   248  O  O   . ARG A 1 30  ? 10.270  -3.947  -1.974  1.00 33.27 ? 30  ARG A O   1 
ATOM   249  C  CB  . ARG A 1 30  ? 10.343  -3.113  -4.973  1.00 34.04 ? 30  ARG A CB  1 
ATOM   250  C  CG  . ARG A 1 30  ? 10.937  -1.838  -4.334  1.00 36.46 ? 30  ARG A CG  1 
ATOM   251  C  CD  . ARG A 1 30  ? 12.434  -1.864  -4.309  1.00 36.70 ? 30  ARG A CD  1 
ATOM   252  N  NE  . ARG A 1 30  ? 12.993  -0.927  -3.333  1.00 36.06 ? 30  ARG A NE  1 
ATOM   253  C  CZ  . ARG A 1 30  ? 12.706  -0.889  -2.023  1.00 36.94 ? 30  ARG A CZ  1 
ATOM   254  N  NH1 . ARG A 1 30  ? 11.816  -1.758  -1.468  1.00 29.03 ? 30  ARG A NH1 1 
ATOM   255  N  NH2 . ARG A 1 30  ? 13.381  -0.010  -1.248  1.00 36.12 ? 30  ARG A NH2 1 
ATOM   256  N  N   . GLY A 1 31  ? 10.231  -5.767  -3.296  1.00 34.97 ? 31  GLY A N   1 
ATOM   257  C  CA  . GLY A 1 31  ? 10.815  -6.676  -2.305  1.00 33.82 ? 31  GLY A CA  1 
ATOM   258  C  C   . GLY A 1 31  ? 9.693   -7.413  -1.558  1.00 31.38 ? 31  GLY A C   1 
ATOM   259  O  O   . GLY A 1 31  ? 8.561   -6.953  -1.434  1.00 30.44 ? 31  GLY A O   1 
ATOM   260  N  N   . GLY A 1 32  ? 9.975   -8.632  -1.155  1.00 31.52 ? 32  GLY A N   1 
ATOM   261  C  CA  . GLY A 1 32  ? 9.002   -9.402  -0.404  1.00 31.02 ? 32  GLY A CA  1 
ATOM   262  C  C   . GLY A 1 32  ? 9.674   -10.129 0.754   1.00 31.36 ? 32  GLY A C   1 
ATOM   263  O  O   . GLY A 1 32  ? 9.063   -10.999 1.375   1.00 33.54 ? 32  GLY A O   1 
ATOM   264  N  N   . SER A 1 33  ? 10.913  -9.781  1.081   1.00 28.93 ? 33  SER A N   1 
ATOM   265  C  CA  . SER A 1 33  ? 11.561  -10.460 2.181   1.00 29.70 ? 33  SER A CA  1 
ATOM   266  C  C   . SER A 1 33  ? 12.476  -9.568  2.996   1.00 27.68 ? 33  SER A C   1 
ATOM   267  O  O   . SER A 1 33  ? 12.753  -8.394  2.633   1.00 27.12 ? 33  SER A O   1 
ATOM   268  C  CB  . SER A 1 33  ? 12.336  -11.664 1.676   1.00 32.48 ? 33  SER A CB  1 
ATOM   269  O  OG  . SER A 1 33  ? 13.483  -11.243 0.951   1.00 36.60 ? 33  SER A OG  1 
ATOM   270  N  N   . GLY A 1 34  ? 12.963  -10.166 4.081   1.00 25.19 ? 34  GLY A N   1 
ATOM   271  C  CA  . GLY A 1 34  ? 13.845  -9.480  5.007   1.00 24.16 ? 34  GLY A CA  1 
ATOM   272  C  C   . GLY A 1 34  ? 13.099  -8.910  6.203   1.00 22.75 ? 34  GLY A C   1 
ATOM   273  O  O   . GLY A 1 34  ? 11.883  -8.957  6.264   1.00 21.79 ? 34  GLY A O   1 
ATOM   274  N  N   . THR A 1 35  ? 13.822  -8.312  7.132   1.00 21.16 ? 35  THR A N   1 
ATOM   275  C  CA  . THR A 1 35  ? 13.202  -7.747  8.299   1.00 20.16 ? 35  THR A CA  1 
ATOM   276  C  C   . THR A 1 35  ? 12.797  -6.327  7.988   1.00 18.99 ? 35  THR A C   1 
ATOM   277  O  O   . THR A 1 35  ? 13.645  -5.528  7.593   1.00 20.15 ? 35  THR A O   1 
ATOM   278  C  CB  . THR A 1 35  ? 14.185  -7.706  9.480   1.00 20.89 ? 35  THR A CB  1 
ATOM   279  O  OG1 . THR A 1 35  ? 14.823  -8.987  9.611   1.00 23.33 ? 35  THR A OG1 1 
ATOM   280  C  CG2 . THR A 1 35  ? 13.448  -7.365  10.767  1.00 17.81 ? 35  THR A CG2 1 
ATOM   281  N  N   . PRO A 1 36  ? 11.517  -5.967  8.221   1.00 18.45 ? 36  PRO A N   1 
ATOM   282  C  CA  . PRO A 1 36  ? 11.087  -4.582  7.939   1.00 16.89 ? 36  PRO A CA  1 
ATOM   283  C  C   . PRO A 1 36  ? 11.987  -3.560  8.678   1.00 15.78 ? 36  PRO A C   1 
ATOM   284  O  O   . PRO A 1 36  ? 12.191  -3.660  9.882   1.00 20.16 ? 36  PRO A O   1 
ATOM   285  C  CB  . PRO A 1 36  ? 9.636   -4.555  8.464   1.00 17.57 ? 36  PRO A CB  1 
ATOM   286  C  CG  . PRO A 1 36  ? 9.234   -6.023  8.494   1.00 17.55 ? 36  PRO A CG  1 
ATOM   287  C  CD  . PRO A 1 36  ? 10.466  -6.725  8.920   1.00 15.85 ? 36  PRO A CD  1 
ATOM   288  N  N   . VAL A 1 37  ? 12.435  -2.508  7.993   1.00 13.92 ? 37  VAL A N   1 
ATOM   289  C  CA  . VAL A 1 37  ? 13.338  -1.541  8.563   1.00 9.41  ? 37  VAL A CA  1 
ATOM   290  C  C   . VAL A 1 37  ? 12.782  -0.600  9.619   1.00 11.18 ? 37  VAL A C   1 
ATOM   291  O  O   . VAL A 1 37  ? 13.566  -0.057  10.403  1.00 10.44 ? 37  VAL A O   1 
ATOM   292  C  CB  . VAL A 1 37  ? 14.018  -0.697  7.493   1.00 11.86 ? 37  VAL A CB  1 
ATOM   293  C  CG1 . VAL A 1 37  ? 14.740  -1.611  6.516   1.00 13.15 ? 37  VAL A CG1 1 
ATOM   294  C  CG2 . VAL A 1 37  ? 13.030  0.207   6.779   1.00 10.92 ? 37  VAL A CG2 1 
ATOM   295  N  N   . ASP A 1 38  ? 11.491  -0.272  9.529   1.00 10.76 ? 38  ASP A N   1 
ATOM   296  C  CA  . ASP A 1 38  ? 10.860  0.625   10.504  1.00 11.37 ? 38  ASP A CA  1 
ATOM   297  C  C   . ASP A 1 38  ? 9.364   0.430   10.388  1.00 13.15 ? 38  ASP A C   1 
ATOM   298  O  O   . ASP A 1 38  ? 8.920   -0.352  9.538   1.00 14.82 ? 38  ASP A O   1 
ATOM   299  C  CB  . ASP A 1 38  ? 11.257  2.102   10.313  1.00 10.40 ? 38  ASP A CB  1 
ATOM   300  C  CG  . ASP A 1 38  ? 10.813  2.679   8.984   1.00 12.41 ? 38  ASP A CG  1 
ATOM   301  O  OD1 . ASP A 1 38  ? 10.152  1.972   8.204   1.00 15.87 ? 38  ASP A OD1 1 
ATOM   302  O  OD2 . ASP A 1 38  ? 11.156  3.841   8.676   1.00 12.99 ? 38  ASP A OD2 1 
ATOM   303  N  N   . ASP A 1 39  ? 8.594   1.143   11.212  1.00 12.89 ? 39  ASP A N   1 
ATOM   304  C  CA  . ASP A 1 39  ? 7.147   1.066   11.200  1.00 13.91 ? 39  ASP A CA  1 
ATOM   305  C  C   . ASP A 1 39  ? 6.506   1.350   9.817   1.00 14.54 ? 39  ASP A C   1 
ATOM   306  O  O   . ASP A 1 39  ? 5.539   0.715   9.431   1.00 14.65 ? 39  ASP A O   1 
ATOM   307  C  CB  . ASP A 1 39  ? 6.580   1.997   12.282  1.00 14.75 ? 39  ASP A CB  1 
ATOM   308  C  CG  . ASP A 1 39  ? 6.957   1.523   13.688  1.00 19.53 ? 39  ASP A CG  1 
ATOM   309  O  OD1 . ASP A 1 39  ? 7.423   0.358   13.791  1.00 18.31 ? 39  ASP A OD1 1 
ATOM   310  O  OD2 . ASP A 1 39  ? 6.825   2.291   14.687  1.00 21.43 ? 39  ASP A OD2 1 
ATOM   311  N  N   . LEU A 1 40  ? 6.992   2.333   9.078   1.00 13.23 ? 40  LEU A N   1 
ATOM   312  C  CA  . LEU A 1 40  ? 6.395   2.542   7.785   1.00 13.21 ? 40  LEU A CA  1 
ATOM   313  C  C   . LEU A 1 40  ? 6.548   1.242   6.940   1.00 13.41 ? 40  LEU A C   1 
ATOM   314  O  O   . LEU A 1 40  ? 5.601   0.773   6.284   1.00 13.60 ? 40  LEU A O   1 
ATOM   315  C  CB  . LEU A 1 40  ? 7.083   3.743   7.087   1.00 12.73 ? 40  LEU A CB  1 
ATOM   316  C  CG  . LEU A 1 40  ? 6.612   4.086   5.650   1.00 13.95 ? 40  LEU A CG  1 
ATOM   317  C  CD1 . LEU A 1 40  ? 5.055   4.168   5.553   1.00 17.08 ? 40  LEU A CD1 1 
ATOM   318  C  CD2 . LEU A 1 40  ? 7.236   5.366   5.206   1.00 11.84 ? 40  LEU A CD2 1 
ATOM   319  N  N   . ASP A 1 41  ? 7.761   0.688   6.922   1.00 12.92 ? 41  ASP A N   1 
ATOM   320  C  CA  . ASP A 1 41  ? 8.049   -0.523  6.149   1.00 11.83 ? 41  ASP A CA  1 
ATOM   321  C  C   . ASP A 1 41  ? 7.137   -1.657  6.602   1.00 10.80 ? 41  ASP A C   1 
ATOM   322  O  O   . ASP A 1 41  ? 6.705   -2.457  5.775   1.00 9.88  ? 41  ASP A O   1 
ATOM   323  C  CB  . ASP A 1 41  ? 9.533   -0.906  6.295   1.00 11.37 ? 41  ASP A CB  1 
ATOM   324  C  CG  . ASP A 1 41  ? 10.054  -1.742  5.141   1.00 12.76 ? 41  ASP A CG  1 
ATOM   325  O  OD1 . ASP A 1 41  ? 9.482   -1.775  4.025   1.00 10.34 ? 41  ASP A OD1 1 
ATOM   326  O  OD2 . ASP A 1 41  ? 11.093  -2.372  5.367   1.00 11.72 ? 41  ASP A OD2 1 
ATOM   327  N  N   . ARG A 1 42  ? 6.790   -1.704  7.885   1.00 12.18 ? 42  ARG A N   1 
ATOM   328  C  CA  . ARG A 1 42  ? 5.888   -2.741  8.384   1.00 14.49 ? 42  ARG A CA  1 
ATOM   329  C  C   . ARG A 1 42  ? 4.525   -2.573  7.721   1.00 13.95 ? 42  ARG A C   1 
ATOM   330  O  O   . ARG A 1 42  ? 3.920   -3.550  7.311   1.00 12.45 ? 42  ARG A O   1 
ATOM   331  C  CB  . ARG A 1 42  ? 5.743   -2.743  9.918   1.00 19.23 ? 42  ARG A CB  1 
ATOM   332  C  CG  . ARG A 1 42  ? 6.024   -4.100  10.587  1.00 28.36 ? 42  ARG A CG  1 
ATOM   333  C  CD  . ARG A 1 42  ? 5.652   -5.259  9.665   1.00 33.57 ? 42  ARG A CD  1 
ATOM   334  N  NE  . ARG A 1 42  ? 4.355   -5.884  9.924   1.00 39.15 ? 42  ARG A NE  1 
ATOM   335  C  CZ  . ARG A 1 42  ? 4.198   -7.110  10.438  1.00 41.37 ? 42  ARG A CZ  1 
ATOM   336  N  NH1 . ARG A 1 42  ? 5.259   -7.838  10.765  1.00 44.52 ? 42  ARG A NH1 1 
ATOM   337  N  NH2 . ARG A 1 42  ? 2.986   -7.627  10.601  1.00 42.03 ? 42  ARG A NH2 1 
ATOM   338  N  N   . CYS A 1 43  ? 4.065   -1.335  7.565   1.00 14.06 ? 43  CYS A N   1 
ATOM   339  C  CA  . CYS A 1 43  ? 2.795   -1.062  6.869   1.00 12.68 ? 43  CYS A CA  1 
ATOM   340  C  C   . CYS A 1 43  ? 2.836   -1.717  5.479   1.00 13.02 ? 43  CYS A C   1 
ATOM   341  O  O   . CYS A 1 43  ? 1.870   -2.344  5.046   1.00 14.94 ? 43  CYS A O   1 
ATOM   342  C  CB  . CYS A 1 43  ? 2.573   0.463   6.642   1.00 12.64 ? 43  CYS A CB  1 
ATOM   343  S  SG  . CYS A 1 43  ? 2.321   1.625   8.040   1.00 15.04 ? 43  CYS A SG  1 
ATOM   344  N  N   . CYS A 1 44  ? 3.937   -1.537  4.762   1.00 12.98 ? 44  CYS A N   1 
ATOM   345  C  CA  . CYS A 1 44  ? 4.087   -2.123  3.441   1.00 13.10 ? 44  CYS A CA  1 
ATOM   346  C  C   . CYS A 1 44  ? 4.127   -3.632  3.454   1.00 13.66 ? 44  CYS A C   1 
ATOM   347  O  O   . CYS A 1 44  ? 3.698   -4.267  2.517   1.00 13.94 ? 44  CYS A O   1 
ATOM   348  C  CB  . CYS A 1 44  ? 5.341   -1.583  2.748   1.00 13.00 ? 44  CYS A CB  1 
ATOM   349  S  SG  . CYS A 1 44  ? 5.218   0.227   2.410   1.00 14.31 ? 44  CYS A SG  1 
ATOM   350  N  N   . GLN A 1 45  ? 4.708   -4.212  4.497   1.00 15.85 ? 45  GLN A N   1 
ATOM   351  C  CA  . GLN A 1 45  ? 4.731   -5.669  4.626   1.00 13.84 ? 45  GLN A CA  1 
ATOM   352  C  C   . GLN A 1 45  ? 3.287   -6.252  4.825   1.00 13.97 ? 45  GLN A C   1 
ATOM   353  O  O   . GLN A 1 45  ? 2.930   -7.268  4.246   1.00 13.74 ? 45  GLN A O   1 
ATOM   354  C  CB  . GLN A 1 45  ? 5.625   -6.086  5.766   1.00 14.17 ? 45  GLN A CB  1 
ATOM   355  C  CG  . GLN A 1 45  ? 5.615   -7.602  5.940   1.00 16.00 ? 45  GLN A CG  1 
ATOM   356  C  CD  . GLN A 1 45  ? 6.447   -8.035  7.075   1.00 18.07 ? 45  GLN A CD  1 
ATOM   357  O  OE1 . GLN A 1 45  ? 6.305   -7.566  8.191   1.00 22.39 ? 45  GLN A OE1 1 
ATOM   358  N  NE2 . GLN A 1 45  ? 7.331   -8.952  6.804   1.00 21.89 ? 45  GLN A NE2 1 
ATOM   359  N  N   . VAL A 1 46  ? 2.503   -5.604  5.672   1.00 13.12 ? 46  VAL A N   1 
ATOM   360  C  CA  . VAL A 1 46  ? 1.128   -5.984  5.915   1.00 13.22 ? 46  VAL A CA  1 
ATOM   361  C  C   . VAL A 1 46  ? 0.326   -5.861  4.590   1.00 13.83 ? 46  VAL A C   1 
ATOM   362  O  O   . VAL A 1 46  ? -0.475  -6.734  4.263   1.00 16.00 ? 46  VAL A O   1 
ATOM   363  C  CB  . VAL A 1 46  ? 0.498   -5.092  7.080   1.00 13.16 ? 46  VAL A CB  1 
ATOM   364  C  CG1 . VAL A 1 46  ? -1.051  -5.310  7.186   1.00 14.00 ? 46  VAL A CG1 1 
ATOM   365  C  CG2 . VAL A 1 46  ? 1.165   -5.425  8.410   1.00 10.95 ? 46  VAL A CG2 1 
ATOM   366  N  N   . HIS A 1 47  ? 0.575   -4.803  3.810   1.00 13.62 ? 47  HIS A N   1 
ATOM   367  C  CA  . HIS A 1 47  ? -0.113  -4.563  2.530   1.00 11.98 ? 47  HIS A CA  1 
ATOM   368  C  C   . HIS A 1 47  ? 0.199   -5.662  1.526   1.00 14.19 ? 47  HIS A C   1 
ATOM   369  O  O   . HIS A 1 47  ? -0.663  -6.084  0.745   1.00 15.43 ? 47  HIS A O   1 
ATOM   370  C  CB  . HIS A 1 47  ? 0.322   -3.217  1.955   1.00 13.77 ? 47  HIS A CB  1 
ATOM   371  C  CG  . HIS A 1 47  ? -0.414  -2.837  0.719   1.00 16.83 ? 47  HIS A CG  1 
ATOM   372  N  ND1 . HIS A 1 47  ? 0.146   -2.896  -0.537  1.00 17.48 ? 47  HIS A ND1 1 
ATOM   373  C  CD2 . HIS A 1 47  ? -1.703  -2.422  0.534   1.00 15.45 ? 47  HIS A CD2 1 
ATOM   374  C  CE1 . HIS A 1 47  ? -0.754  -2.541  -1.442  1.00 16.44 ? 47  HIS A CE1 1 
ATOM   375  N  NE2 . HIS A 1 47  ? -1.876  -2.247  -0.808  1.00 15.65 ? 47  HIS A NE2 1 
ATOM   376  N  N   . ASP A 1 48  ? 1.462   -6.081  1.513   1.00 15.74 ? 48  ASP A N   1 
ATOM   377  C  CA  . ASP A 1 48  ? 1.944   -7.148  0.648   1.00 18.95 ? 48  ASP A CA  1 
ATOM   378  C  C   . ASP A 1 48  ? 1.263   -8.474  1.015   1.00 16.36 ? 48  ASP A C   1 
ATOM   379  O  O   . ASP A 1 48  ? 0.784   -9.206  0.146   1.00 15.62 ? 48  ASP A O   1 
ATOM   380  C  CB  . ASP A 1 48  ? 3.469   -7.204  0.829   1.00 24.15 ? 48  ASP A CB  1 
ATOM   381  C  CG  . ASP A 1 48  ? 4.144   -8.241  -0.050  1.00 31.82 ? 48  ASP A CG  1 
ATOM   382  O  OD1 . ASP A 1 48  ? 4.123   -8.091  -1.296  1.00 34.49 ? 48  ASP A OD1 1 
ATOM   383  O  OD2 . ASP A 1 48  ? 4.738   -9.190  0.527   1.00 34.24 ? 48  ASP A OD2 1 
ATOM   384  N  N   . ASN A 1 49  ? 1.167   -8.741  2.313   1.00 17.12 ? 49  ASN A N   1 
ATOM   385  C  CA  . ASN A 1 49  ? 0.507   -9.945  2.781   1.00 18.33 ? 49  ASN A CA  1 
ATOM   386  C  C   . ASN A 1 49  ? -0.981  -9.886  2.409   1.00 18.72 ? 49  ASN A C   1 
ATOM   387  O  O   . ASN A 1 49  ? -1.573  -10.904 2.049   1.00 16.12 ? 49  ASN A O   1 
ATOM   388  C  CB  . ASN A 1 49  ? 0.663   -10.086 4.298   1.00 21.65 ? 49  ASN A CB  1 
ATOM   389  C  CG  . ASN A 1 49  ? 2.090   -10.511 4.717   1.00 26.73 ? 49  ASN A CG  1 
ATOM   390  O  OD1 . ASN A 1 49  ? 2.900   -10.888 3.874   1.00 28.46 ? 49  ASN A OD1 1 
ATOM   391  N  ND2 . ASN A 1 49  ? 2.386   -10.469 6.032   1.00 29.22 ? 49  ASN A ND2 1 
ATOM   392  N  N   . CYS A 1 50  ? -1.562  -8.684  2.483   1.00 14.62 ? 50  CYS A N   1 
ATOM   393  C  CA  . CYS A 1 50  ? -2.958  -8.472  2.145   1.00 15.25 ? 50  CYS A CA  1 
ATOM   394  C  C   . CYS A 1 50  ? -3.234  -8.761  0.646   1.00 14.68 ? 50  CYS A C   1 
ATOM   395  O  O   . CYS A 1 50  ? -4.251  -9.357  0.318   1.00 14.04 ? 50  CYS A O   1 
ATOM   396  C  CB  . CYS A 1 50  ? -3.389  -7.049  2.542   1.00 13.50 ? 50  CYS A CB  1 
ATOM   397  S  SG  . CYS A 1 50  ? -5.198  -6.768  2.577   1.00 16.03 ? 50  CYS A SG  1 
ATOM   398  N  N   . TYR A 1 51  ? -2.348  -8.322  -0.244  1.00 14.06 ? 51  TYR A N   1 
ATOM   399  C  CA  . TYR A 1 51  ? -2.500  -8.573  -1.669  1.00 15.94 ? 51  TYR A CA  1 
ATOM   400  C  C   . TYR A 1 51  ? -2.331  -10.061 -1.958  1.00 16.47 ? 51  TYR A C   1 
ATOM   401  O  O   . TYR A 1 51  ? -2.978  -10.595 -2.831  1.00 15.59 ? 51  TYR A O   1 
ATOM   402  C  CB  . TYR A 1 51  ? -1.457  -7.800  -2.469  1.00 16.69 ? 51  TYR A CB  1 
ATOM   403  C  CG  . TYR A 1 51  ? -1.856  -6.428  -2.931  1.00 14.42 ? 51  TYR A CG  1 
ATOM   404  C  CD1 . TYR A 1 51  ? -2.974  -5.788  -2.413  1.00 15.36 ? 51  TYR A CD1 1 
ATOM   405  C  CD2 . TYR A 1 51  ? -1.109  -5.768  -3.909  1.00 14.21 ? 51  TYR A CD2 1 
ATOM   406  C  CE1 . TYR A 1 51  ? -3.340  -4.510  -2.881  1.00 14.65 ? 51  TYR A CE1 1 
ATOM   407  C  CE2 . TYR A 1 51  ? -1.478  -4.509  -4.376  1.00 12.45 ? 51  TYR A CE2 1 
ATOM   408  C  CZ  . TYR A 1 51  ? -2.577  -3.895  -3.843  1.00 13.40 ? 51  TYR A CZ  1 
ATOM   409  O  OH  . TYR A 1 51  ? -2.907  -2.622  -4.200  1.00 12.19 ? 51  TYR A OH  1 
ATOM   410  N  N   . ASN A 1 52  ? -1.457  -10.727 -1.242  1.00 17.34 ? 52  ASN A N   1 
ATOM   411  C  CA  . ASN A 1 52  ? -1.298  -12.143 -1.489  1.00 21.05 ? 52  ASN A CA  1 
ATOM   412  C  C   . ASN A 1 52  ? -2.530  -12.864 -1.115  1.00 20.75 ? 52  ASN A C   1 
ATOM   413  O  O   . ASN A 1 52  ? -2.868  -13.820 -1.765  1.00 22.85 ? 52  ASN A O   1 
ATOM   414  C  CB  . ASN A 1 52  ? -0.129  -12.737 -0.761  1.00 22.33 ? 52  ASN A CB  1 
ATOM   415  C  CG  . ASN A 1 52  ? 1.177   -12.240 -1.322  1.00 28.51 ? 52  ASN A CG  1 
ATOM   416  O  OD1 . ASN A 1 52  ? 1.378   -12.168 -2.577  1.00 26.40 ? 52  ASN A OD1 1 
ATOM   417  N  ND2 . ASN A 1 52  ? 2.076   -11.842 -0.419  1.00 28.28 ? 52  ASN A ND2 1 
ATOM   418  N  N   . GLU A 1 53  ? -3.217  -12.427 -0.083  1.00 18.46 ? 53  GLU A N   1 
ATOM   419  C  CA  . GLU A 1 53  ? -4.449  -13.105 0.286   1.00 21.50 ? 53  GLU A CA  1 
ATOM   420  C  C   . GLU A 1 53  ? -5.502  -12.817 -0.831  1.00 19.96 ? 53  GLU A C   1 
ATOM   421  O  O   . GLU A 1 53  ? -6.237  -13.708 -1.226  1.00 22.04 ? 53  GLU A O   1 
ATOM   422  C  CB  . GLU A 1 53  ? -4.950  -12.599 1.652   1.00 22.06 ? 53  GLU A CB  1 
ATOM   423  C  CG  . GLU A 1 53  ? -5.819  -13.543 2.470   1.00 27.74 ? 53  GLU A CG  1 
ATOM   424  C  CD  . GLU A 1 53  ? -5.224  -14.949 2.698   1.00 31.02 ? 53  GLU A CD  1 
ATOM   425  O  OE1 . GLU A 1 53  ? -4.003  -15.146 2.915   1.00 33.20 ? 53  GLU A OE1 1 
ATOM   426  O  OE2 . GLU A 1 53  ? -6.024  -15.898 2.641   1.00 33.12 ? 53  GLU A OE2 1 
ATOM   427  N  N   . ALA A 1 54  ? -5.590  -11.594 -1.338  1.00 18.12 ? 54  ALA A N   1 
ATOM   428  C  CA  . ALA A 1 54  ? -6.609  -11.322 -2.360  1.00 15.52 ? 54  ALA A CA  1 
ATOM   429  C  C   . ALA A 1 54  ? -6.389  -12.115 -3.635  1.00 16.56 ? 54  ALA A C   1 
ATOM   430  O  O   . ALA A 1 54  ? -7.333  -12.457 -4.337  1.00 16.26 ? 54  ALA A O   1 
ATOM   431  C  CB  . ALA A 1 54  ? -6.663  -9.888  -2.647  1.00 15.23 ? 54  ALA A CB  1 
ATOM   432  N  N   . GLU A 1 55  ? -5.138  -12.450 -3.916  1.00 17.39 ? 55  GLU A N   1 
ATOM   433  C  CA  . GLU A 1 55  ? -4.784  -13.201 -5.117  1.00 18.36 ? 55  GLU A CA  1 
ATOM   434  C  C   . GLU A 1 55  ? -5.250  -14.614 -5.077  1.00 18.36 ? 55  GLU A C   1 
ATOM   435  O  O   . GLU A 1 55  ? -4.970  -15.386 -5.967  1.00 20.80 ? 55  GLU A O   1 
ATOM   436  C  CB  . GLU A 1 55  ? -3.271  -13.186 -5.358  1.00 18.34 ? 55  GLU A CB  1 
ATOM   437  C  CG  . GLU A 1 55  ? -2.771  -11.879 -5.884  1.00 20.94 ? 55  GLU A CG  1 
ATOM   438  C  CD  . GLU A 1 55  ? -1.298  -11.866 -6.098  1.00 22.54 ? 55  GLU A CD  1 
ATOM   439  O  OE1 . GLU A 1 55  ? -0.801  -12.847 -6.685  1.00 21.90 ? 55  GLU A OE1 1 
ATOM   440  O  OE2 . GLU A 1 55  ? -0.663  -10.849 -5.713  1.00 24.45 ? 55  GLU A OE2 1 
ATOM   441  N  N   . LYS A 1 56  ? -5.764  -15.026 -3.945  1.00 19.99 ? 56  LYS A N   1 
ATOM   442  C  CA  . LYS A 1 56  ? -6.288  -16.371 -3.889  1.00 20.65 ? 56  LYS A CA  1 
ATOM   443  C  C   . LYS A 1 56  ? -7.634  -16.419 -4.611  1.00 20.75 ? 56  LYS A C   1 
ATOM   444  O  O   . LYS A 1 56  ? -8.093  -17.485 -4.951  1.00 22.86 ? 56  LYS A O   1 
ATOM   445  C  CB  . LYS A 1 56  ? -6.444  -16.815 -2.439  1.00 20.25 ? 56  LYS A CB  1 
ATOM   446  C  CG  . LYS A 1 56  ? -5.137  -17.161 -1.760  1.00 18.63 ? 56  LYS A CG  1 
ATOM   447  C  CD  . LYS A 1 56  ? -5.499  -17.628 -0.416  1.00 22.34 ? 56  LYS A CD  1 
ATOM   448  C  CE  . LYS A 1 56  ? -4.312  -18.046 0.291   1.00 26.45 ? 56  LYS A CE  1 
ATOM   449  N  NZ  . LYS A 1 56  ? -4.712  -18.345 1.691   1.00 26.74 ? 56  LYS A NZ  1 
ATOM   450  N  N   . ILE A 1 57  ? -8.277  -15.272 -4.804  1.00 20.51 ? 57  ILE A N   1 
ATOM   451  C  CA  . ILE A 1 57  ? -9.559  -15.227 -5.536  1.00 21.08 ? 57  ILE A CA  1 
ATOM   452  C  C   . ILE A 1 57  ? -9.253  -15.370 -7.032  1.00 21.68 ? 57  ILE A C   1 
ATOM   453  O  O   . ILE A 1 57  ? -8.451  -14.582 -7.572  1.00 22.08 ? 57  ILE A O   1 
ATOM   454  C  CB  . ILE A 1 57  ? -10.290 -13.910 -5.274  1.00 19.66 ? 57  ILE A CB  1 
ATOM   455  C  CG1 . ILE A 1 57  ? -10.658 -13.850 -3.786  1.00 19.95 ? 57  ILE A CG1 1 
ATOM   456  C  CG2 . ILE A 1 57  ? -11.510 -13.825 -6.090  1.00 16.20 ? 57  ILE A CG2 1 
ATOM   457  C  CD1 . ILE A 1 57  ? -11.024 -12.494 -3.335  1.00 20.85 ? 57  ILE A CD1 1 
ATOM   458  N  N   . SER A 1 58  ? -9.848  -16.358 -7.705  1.00 19.12 ? 58  SER A N   1 
ATOM   459  C  CA  . SER A 1 58  ? -9.567  -16.565 -9.136  1.00 20.79 ? 58  SER A CA  1 
ATOM   460  C  C   . SER A 1 58  ? -9.639  -15.334 -10.026 1.00 19.79 ? 58  SER A C   1 
ATOM   461  O  O   . SER A 1 58  ? -10.631 -14.620 -10.007 1.00 17.19 ? 58  SER A O   1 
ATOM   462  C  CB  . SER A 1 58  ? -10.447 -17.666 -9.729  1.00 23.09 ? 58  SER A CB  1 
ATOM   463  O  OG  . SER A 1 58  ? -10.285 -18.842 -8.958  1.00 28.74 ? 58  SER A OG  1 
ATOM   464  N  N   . GLY A 1 59  ? -8.536  -15.045 -10.723 1.00 17.22 ? 59  GLY A N   1 
ATOM   465  C  CA  . GLY A 1 59  ? -8.509  -13.903 -11.608 1.00 16.85 ? 59  GLY A CA  1 
ATOM   466  C  C   . GLY A 1 59  ? -8.369  -12.558 -10.934 1.00 16.83 ? 59  GLY A C   1 
ATOM   467  O  O   . GLY A 1 59  ? -8.482  -11.553 -11.602 1.00 19.56 ? 59  GLY A O   1 
ATOM   468  N  N   . CYS A 1 60  ? -8.074  -12.528 -9.634  1.00 16.49 ? 60  CYS A N   1 
ATOM   469  C  CA  . CYS A 1 60  ? -7.920  -11.273 -8.896  1.00 11.91 ? 60  CYS A CA  1 
ATOM   470  C  C   . CYS A 1 60  ? -6.461  -10.823 -9.018  1.00 11.75 ? 60  CYS A C   1 
ATOM   471  O  O   . CYS A 1 60  ? -5.547  -11.469 -8.538  1.00 13.23 ? 60  CYS A O   1 
ATOM   472  C  CB  . CYS A 1 60  ? -8.298  -11.499 -7.458  1.00 13.72 ? 60  CYS A CB  1 
ATOM   473  S  SG  . CYS A 1 60  ? -8.458  -9.961  -6.520  1.00 17.03 ? 60  CYS A SG  1 
ATOM   474  N  N   . TRP A 1 61  ? -6.252  -9.667  -9.634  1.00 13.12 ? 61  TRP A N   1 
ATOM   475  C  CA  . TRP A 1 61  ? -4.919  -9.132  -9.913  1.00 12.04 ? 61  TRP A CA  1 
ATOM   476  C  C   . TRP A 1 61  ? -4.902  -7.726  -9.335  1.00 10.99 ? 61  TRP A C   1 
ATOM   477  O  O   . TRP A 1 61  ? -5.194  -6.755  -10.044 1.00 11.79 ? 61  TRP A O   1 
ATOM   478  C  CB  . TRP A 1 61  ? -4.805  -9.104  -11.449 1.00 11.01 ? 61  TRP A CB  1 
ATOM   479  C  CG  . TRP A 1 61  ? -4.832  -10.516 -12.048 1.00 13.41 ? 61  TRP A CG  1 
ATOM   480  C  CD1 . TRP A 1 61  ? -4.259  -11.634 -11.525 1.00 15.50 ? 61  TRP A CD1 1 
ATOM   481  C  CD2 . TRP A 1 61  ? -5.488  -10.932 -13.252 1.00 13.19 ? 61  TRP A CD2 1 
ATOM   482  N  NE1 . TRP A 1 61  ? -4.515  -12.732 -12.325 1.00 15.59 ? 61  TRP A NE1 1 
ATOM   483  C  CE2 . TRP A 1 61  ? -5.258  -12.324 -13.400 1.00 15.89 ? 61  TRP A CE2 1 
ATOM   484  C  CE3 . TRP A 1 61  ? -6.228  -10.269 -14.231 1.00 15.27 ? 61  TRP A CE3 1 
ATOM   485  C  CZ2 . TRP A 1 61  ? -5.733  -13.055 -14.487 1.00 17.46 ? 61  TRP A CZ2 1 
ATOM   486  C  CZ3 . TRP A 1 61  ? -6.713  -11.023 -15.340 1.00 16.52 ? 61  TRP A CZ3 1 
ATOM   487  C  CH2 . TRP A 1 61  ? -6.452  -12.386 -15.445 1.00 14.02 ? 61  TRP A CH2 1 
ATOM   488  N  N   . PRO A 1 62  ? -4.486  -7.579  -8.061  1.00 12.93 ? 62  PRO A N   1 
ATOM   489  C  CA  . PRO A 1 62  ? -4.488  -6.267  -7.397  1.00 12.71 ? 62  PRO A CA  1 
ATOM   490  C  C   . PRO A 1 62  ? -4.163  -4.924  -8.074  1.00 15.14 ? 62  PRO A C   1 
ATOM   491  O  O   . PRO A 1 62  ? -4.968  -3.974  -7.977  1.00 14.72 ? 62  PRO A O   1 
ATOM   492  C  CB  . PRO A 1 62  ? -3.689  -6.526  -6.134  1.00 14.58 ? 62  PRO A CB  1 
ATOM   493  C  CG  . PRO A 1 62  ? -4.074  -7.933  -5.803  1.00 14.94 ? 62  PRO A CG  1 
ATOM   494  C  CD  . PRO A 1 62  ? -3.993  -8.630  -7.160  1.00 9.25  ? 62  PRO A CD  1 
ATOM   495  N  N   . TYR A 1 63  ? -2.996  -4.829  -8.726  1.00 16.61 ? 63  TYR A N   1 
ATOM   496  C  CA  . TYR A 1 63  ? -2.554  -3.614  -9.402  1.00 15.71 ? 63  TYR A CA  1 
ATOM   497  C  C   . TYR A 1 63  ? -3.349  -3.296  -10.609 1.00 14.79 ? 63  TYR A C   1 
ATOM   498  O  O   . TYR A 1 63  ? -3.319  -2.171  -11.069 1.00 15.38 ? 63  TYR A O   1 
ATOM   499  C  CB  . TYR A 1 63  ? -1.089  -3.691  -9.786  1.00 18.53 ? 63  TYR A CB  1 
ATOM   500  C  CG  . TYR A 1 63  ? -0.211  -3.325  -8.636  1.00 25.16 ? 63  TYR A CG  1 
ATOM   501  C  CD1 . TYR A 1 63  ? -0.231  -2.040  -8.143  1.00 29.43 ? 63  TYR A CD1 1 
ATOM   502  C  CD2 . TYR A 1 63  ? 0.554   -4.269  -7.978  1.00 28.46 ? 63  TYR A CD2 1 
ATOM   503  C  CE1 . TYR A 1 63  ? 0.485   -1.677  -6.988  1.00 35.40 ? 63  TYR A CE1 1 
ATOM   504  C  CE2 . TYR A 1 63  ? 1.289   -3.935  -6.816  1.00 31.55 ? 63  TYR A CE2 1 
ATOM   505  C  CZ  . TYR A 1 63  ? 1.241   -2.625  -6.313  1.00 34.96 ? 63  TYR A CZ  1 
ATOM   506  O  OH  . TYR A 1 63  ? 1.840   -2.254  -5.100  1.00 35.32 ? 63  TYR A OH  1 
ATOM   507  N  N   . PHE A 1 64  ? -4.089  -4.269  -11.102 1.00 15.56 ? 64  PHE A N   1 
ATOM   508  C  CA  . PHE A 1 64  ? -4.886  -4.087  -12.300 1.00 17.29 ? 64  PHE A CA  1 
ATOM   509  C  C   . PHE A 1 64  ? -6.345  -4.001  -11.996 1.00 18.33 ? 64  PHE A C   1 
ATOM   510  O  O   . PHE A 1 64  ? -7.089  -3.585  -12.841 1.00 22.29 ? 64  PHE A O   1 
ATOM   511  C  CB  . PHE A 1 64  ? -4.740  -5.291  -13.238 1.00 17.16 ? 64  PHE A CB  1 
ATOM   512  C  CG  . PHE A 1 64  ? -3.373  -5.475  -13.814 1.00 18.48 ? 64  PHE A CG  1 
ATOM   513  C  CD1 . PHE A 1 64  ? -2.483  -4.414  -13.896 1.00 19.48 ? 64  PHE A CD1 1 
ATOM   514  C  CD2 . PHE A 1 64  ? -2.998  -6.721  -14.288 1.00 21.29 ? 64  PHE A CD2 1 
ATOM   515  C  CE1 . PHE A 1 64  ? -1.262  -4.583  -14.446 1.00 20.91 ? 64  PHE A CE1 1 
ATOM   516  C  CE2 . PHE A 1 64  ? -1.770  -6.916  -14.850 1.00 22.07 ? 64  PHE A CE2 1 
ATOM   517  C  CZ  . PHE A 1 64  ? -0.894  -5.840  -14.926 1.00 22.90 ? 64  PHE A CZ  1 
ATOM   518  N  N   . LYS A 1 65  ? -6.771  -4.439  -10.827 1.00 17.67 ? 65  LYS A N   1 
ATOM   519  C  CA  . LYS A 1 65  ? -8.202  -4.432  -10.520 1.00 17.49 ? 65  LYS A CA  1 
ATOM   520  C  C   . LYS A 1 65  ? -8.792  -3.093  -10.112 1.00 16.35 ? 65  LYS A C   1 
ATOM   521  O  O   . LYS A 1 65  ? -8.382  -2.523  -9.105  1.00 13.78 ? 65  LYS A O   1 
ATOM   522  C  CB  . LYS A 1 65  ? -8.500  -5.459  -9.423  1.00 18.13 ? 65  LYS A CB  1 
ATOM   523  C  CG  . LYS A 1 65  ? -9.992  -5.720  -9.186  1.00 19.55 ? 65  LYS A CG  1 
ATOM   524  C  CD  . LYS A 1 65  ? -10.595 -6.531  -10.328 1.00 23.47 ? 65  LYS A CD  1 
ATOM   525  C  CE  . LYS A 1 65  ? -11.994 -7.014  -10.004 1.00 25.73 ? 65  LYS A CE  1 
ATOM   526  N  NZ  . LYS A 1 65  ? -12.993 -5.965  -10.271 1.00 26.84 ? 65  LYS A NZ  1 
ATOM   527  N  N   . THR A 1 66  ? -9.793  -2.630  -10.864 1.00 16.33 ? 66  THR A N   1 
ATOM   528  C  CA  . THR A 1 66  ? -10.481 -1.392  -10.541 1.00 16.41 ? 66  THR A CA  1 
ATOM   529  C  C   . THR A 1 66  ? -11.529 -1.571  -9.419  1.00 14.55 ? 66  THR A C   1 
ATOM   530  O  O   . THR A 1 66  ? -12.184 -2.612  -9.287  1.00 13.43 ? 66  THR A O   1 
ATOM   531  C  CB  . THR A 1 66  ? -11.151 -0.818  -11.768 1.00 18.37 ? 66  THR A CB  1 
ATOM   532  O  OG1 . THR A 1 66  ? -10.154 -0.557  -12.737 1.00 19.16 ? 66  THR A OG1 1 
ATOM   533  C  CG2 . THR A 1 66  ? -11.854 0.502   -11.457 1.00 18.47 ? 66  THR A CG2 1 
ATOM   534  N  N   . TYR A 1 67  ? -11.634 -0.602  -8.539  1.00 16.48 ? 67  TYR A N   1 
ATOM   535  C  CA  . TYR A 1 67  ? -12.644 -0.765  -7.490  1.00 17.89 ? 67  TYR A CA  1 
ATOM   536  C  C   . TYR A 1 67  ? -13.348 0.562   -7.237  1.00 18.10 ? 67  TYR A C   1 
ATOM   537  O  O   . TYR A 1 67  ? -12.943 1.575   -7.780  1.00 18.47 ? 67  TYR A O   1 
ATOM   538  C  CB  . TYR A 1 67  ? -12.014 -1.312  -6.187  1.00 18.05 ? 67  TYR A CB  1 
ATOM   539  C  CG  . TYR A 1 67  ? -10.772 -0.577  -5.675  1.00 17.35 ? 67  TYR A CG  1 
ATOM   540  C  CD1 . TYR A 1 67  ? -10.851 0.733   -5.170  1.00 14.79 ? 67  TYR A CD1 1 
ATOM   541  C  CD2 . TYR A 1 67  ? -9.502  -1.232  -5.640  1.00 17.42 ? 67  TYR A CD2 1 
ATOM   542  C  CE1 . TYR A 1 67  ? -9.719  1.362   -4.660  1.00 14.05 ? 67  TYR A CE1 1 
ATOM   543  C  CE2 . TYR A 1 67  ? -8.377  -0.596  -5.116  1.00 15.41 ? 67  TYR A CE2 1 
ATOM   544  C  CZ  . TYR A 1 67  ? -8.495  0.681   -4.652  1.00 14.76 ? 67  TYR A CZ  1 
ATOM   545  O  OH  . TYR A 1 67  ? -7.375  1.332   -4.304  1.00 16.63 ? 67  TYR A OH  1 
ATOM   546  N  N   . SER A 1 68  ? -14.387 0.516   -6.408  1.00 21.59 ? 68  SER A N   1 
ATOM   547  C  CA  . SER A 1 68  ? -15.206 1.672   -5.999  1.00 24.29 ? 68  SER A CA  1 
ATOM   548  C  C   . SER A 1 68  ? -14.838 2.108   -4.599  1.00 23.20 ? 68  SER A C   1 
ATOM   549  O  O   . SER A 1 68  ? -15.062 1.355   -3.627  1.00 24.81 ? 68  SER A O   1 
ATOM   550  C  CB  . SER A 1 68  ? -16.710 1.302   -5.904  1.00 24.53 ? 68  SER A CB  1 
ATOM   551  O  OG  . SER A 1 68  ? -17.222 0.945   -7.157  1.00 31.82 ? 68  SER A OG  1 
ATOM   552  N  N   . TYR A 1 69  ? -14.351 3.329   -4.476  1.00 22.37 ? 69  TYR A N   1 
ATOM   553  C  CA  . TYR A 1 69  ? -13.999 3.840   -3.166  1.00 22.97 ? 69  TYR A CA  1 
ATOM   554  C  C   . TYR A 1 69  ? -14.282 5.332   -3.254  1.00 24.89 ? 69  TYR A C   1 
ATOM   555  O  O   . TYR A 1 69  ? -14.635 5.857   -4.327  1.00 24.62 ? 69  TYR A O   1 
ATOM   556  C  CB  . TYR A 1 69  ? -12.504 3.601   -2.900  1.00 20.52 ? 69  TYR A CB  1 
ATOM   557  C  CG  . TYR A 1 69  ? -11.555 4.570   -3.606  1.00 19.69 ? 69  TYR A CG  1 
ATOM   558  C  CD1 . TYR A 1 69  ? -11.365 4.485   -4.979  1.00 19.96 ? 69  TYR A CD1 1 
ATOM   559  C  CD2 . TYR A 1 69  ? -10.919 5.627   -2.909  1.00 20.90 ? 69  TYR A CD2 1 
ATOM   560  C  CE1 . TYR A 1 69  ? -10.583 5.404   -5.648  1.00 19.82 ? 69  TYR A CE1 1 
ATOM   561  C  CE2 . TYR A 1 69  ? -10.112 6.568   -3.581  1.00 20.72 ? 69  TYR A CE2 1 
ATOM   562  C  CZ  . TYR A 1 69  ? -9.972  6.445   -4.958  1.00 21.67 ? 69  TYR A CZ  1 
ATOM   563  O  OH  . TYR A 1 69  ? -9.303  7.383   -5.706  1.00 23.51 ? 69  TYR A OH  1 
ATOM   564  N  N   . GLU A 1 70  ? -14.094 6.025   -2.151  1.00 27.05 ? 70  GLU A N   1 
ATOM   565  C  CA  . GLU A 1 70  ? -14.264 7.463   -2.158  1.00 31.22 ? 70  GLU A CA  1 
ATOM   566  C  C   . GLU A 1 70  ? -13.404 8.136   -1.100  1.00 29.04 ? 70  GLU A C   1 
ATOM   567  O  O   . GLU A 1 70  ? -13.199 7.600   -0.027  1.00 29.27 ? 70  GLU A O   1 
ATOM   568  C  CB  . GLU A 1 70  ? -15.717 7.832   -1.933  1.00 36.55 ? 70  GLU A CB  1 
ATOM   569  C  CG  . GLU A 1 70  ? -15.982 9.290   -2.149  1.00 45.35 ? 70  GLU A CG  1 
ATOM   570  C  CD  . GLU A 1 70  ? -17.451 9.523   -2.432  1.00 50.53 ? 70  GLU A CD  1 
ATOM   571  O  OE1 . GLU A 1 70  ? -18.296 8.763   -1.883  1.00 52.80 ? 70  GLU A OE1 1 
ATOM   572  O  OE2 . GLU A 1 70  ? -17.751 10.437  -3.230  1.00 53.97 ? 70  GLU A OE2 1 
ATOM   573  N  N   . CYS A 1 71  ? -12.836 9.271   -1.451  1.00 28.71 ? 71  CYS A N   1 
ATOM   574  C  CA  . CYS A 1 71  ? -12.036 10.037  -0.529  1.00 31.27 ? 71  CYS A CA  1 
ATOM   575  C  C   . CYS A 1 71  ? -12.834 11.318  -0.300  1.00 33.50 ? 71  CYS A C   1 
ATOM   576  O  O   . CYS A 1 71  ? -12.859 12.197  -1.171  1.00 35.31 ? 71  CYS A O   1 
ATOM   577  C  CB  . CYS A 1 71  ? -10.721 10.429  -1.187  1.00 31.05 ? 71  CYS A CB  1 
ATOM   578  S  SG  . CYS A 1 71  ? -9.796  11.776  -0.343  1.00 28.02 ? 71  CYS A SG  1 
ATOM   579  N  N   . SER A 1 72  ? -13.483 11.454  0.846   1.00 35.67 ? 72  SER A N   1 
ATOM   580  C  CA  . SER A 1 72  ? -14.257 12.673  1.121   1.00 37.28 ? 72  SER A CA  1 
ATOM   581  C  C   . SER A 1 72  ? -13.305 13.446  1.967   1.00 36.71 ? 72  SER A C   1 
ATOM   582  O  O   . SER A 1 72  ? -13.307 13.374  3.183   1.00 35.74 ? 72  SER A O   1 
ATOM   583  C  CB  . SER A 1 72  ? -15.544 12.344  1.844   1.00 39.86 ? 72  SER A CB  1 
ATOM   584  O  OG  . SER A 1 72  ? -16.284 11.393  1.084   1.00 41.21 ? 72  SER A OG  1 
ATOM   585  N  N   . GLN A 1 73  ? -12.270 13.852  1.251   1.00 40.51 ? 73  GLN A N   1 
ATOM   586  C  CA  . GLN A 1 73  ? -11.146 14.632  1.763   1.00 42.09 ? 73  GLN A CA  1 
ATOM   587  C  C   . GLN A 1 73  ? -10.657 14.188  3.169   1.00 39.89 ? 73  GLN A C   1 
ATOM   588  O  O   . GLN A 1 73  ? -11.234 14.516  4.239   1.00 38.97 ? 73  GLN A O   1 
ATOM   589  C  CB  . GLN A 1 73  ? -11.493 16.121  1.644   1.00 45.69 ? 73  GLN A CB  1 
ATOM   590  C  CG  . GLN A 1 73  ? -12.586 16.419  0.530   1.00 49.19 ? 73  GLN A CG  1 
ATOM   591  C  CD  . GLN A 1 73  ? -12.168 16.097  -0.913  1.00 48.82 ? 73  GLN A CD  1 
ATOM   592  O  OE1 . GLN A 1 73  ? -11.733 16.986  -1.649  1.00 49.47 ? 73  GLN A OE1 1 
ATOM   593  N  NE2 . GLN A 1 73  ? -12.367 14.849  -1.339  1.00 48.41 ? 73  GLN A NE2 1 
ATOM   594  N  N   . GLY A 1 74  ? -9.611  13.369  3.114   1.00 37.58 ? 74  GLY A N   1 
ATOM   595  C  CA  . GLY A 1 74  ? -8.986  12.809  4.287   1.00 35.06 ? 74  GLY A CA  1 
ATOM   596  C  C   . GLY A 1 74  ? -9.592  11.469  4.594   1.00 33.19 ? 74  GLY A C   1 
ATOM   597  O  O   . GLY A 1 74  ? -8.901  10.531  4.967   1.00 32.53 ? 74  GLY A O   1 
ATOM   598  N  N   . THR A 1 75  ? -10.902 11.370  4.407   1.00 32.64 ? 75  THR A N   1 
ATOM   599  C  CA  . THR A 1 75  ? -11.630 10.137  4.687   1.00 29.51 ? 75  THR A CA  1 
ATOM   600  C  C   . THR A 1 75  ? -11.774 9.193   3.500   1.00 28.94 ? 75  THR A C   1 
ATOM   601  O  O   . THR A 1 75  ? -12.129 9.631   2.397   1.00 28.24 ? 75  THR A O   1 
ATOM   602  C  CB  . THR A 1 75  ? -13.034 10.433  5.233   1.00 29.13 ? 75  THR A CB  1 
ATOM   603  O  OG1 . THR A 1 75  ? -12.905 11.021  6.526   1.00 31.76 ? 75  THR A OG1 1 
ATOM   604  C  CG2 . THR A 1 75  ? -13.821 9.125   5.418   1.00 32.16 ? 75  THR A CG2 1 
ATOM   605  N  N   . LEU A 1 76  ? -11.499 7.904   3.766   1.00 26.44 ? 76  LEU A N   1 
ATOM   606  C  CA  . LEU A 1 76  ? -11.579 6.830   2.785   1.00 25.36 ? 76  LEU A CA  1 
ATOM   607  C  C   . LEU A 1 76  ? -12.679 5.809   3.063   1.00 25.77 ? 76  LEU A C   1 
ATOM   608  O  O   . LEU A 1 76  ? -12.777 5.319   4.187   1.00 27.33 ? 76  LEU A O   1 
ATOM   609  C  CB  . LEU A 1 76  ? -10.258 6.048   2.716   1.00 22.67 ? 76  LEU A CB  1 
ATOM   610  C  CG  . LEU A 1 76  ? -9.108  6.785   2.049   1.00 22.67 ? 76  LEU A CG  1 
ATOM   611  C  CD1 . LEU A 1 76  ? -7.776  6.044   2.297   1.00 20.21 ? 76  LEU A CD1 1 
ATOM   612  C  CD2 . LEU A 1 76  ? -9.452  6.956   0.557   1.00 21.55 ? 76  LEU A CD2 1 
ATOM   613  N  N   . THR A 1 77  ? -13.425 5.416   2.016   1.00 25.98 ? 77  THR A N   1 
ATOM   614  C  CA  . THR A 1 77  ? -14.467 4.394   2.137   1.00 25.41 ? 77  THR A CA  1 
ATOM   615  C  C   . THR A 1 77  ? -14.505 3.560   0.870   1.00 26.53 ? 77  THR A C   1 
ATOM   616  O  O   . THR A 1 77  ? -14.470 4.102   -0.258  1.00 26.39 ? 77  THR A O   1 
ATOM   617  C  CB  . THR A 1 77  ? -15.887 4.986   2.278   1.00 25.80 ? 77  THR A CB  1 
ATOM   618  O  OG1 . THR A 1 77  ? -15.846 6.175   3.085   1.00 26.63 ? 77  THR A OG1 1 
ATOM   619  C  CG2 . THR A 1 77  ? -16.820 3.943   2.887   1.00 22.58 ? 77  THR A CG2 1 
ATOM   620  N  N   . CYS A 1 78  ? -14.581 2.248   1.060   1.00 26.23 ? 78  CYS A N   1 
ATOM   621  C  CA  . CYS A 1 78  ? -14.696 1.299   -0.049  1.00 26.07 ? 78  CYS A CA  1 
ATOM   622  C  C   . CYS A 1 78  ? -16.199 1.105   -0.205  1.00 28.24 ? 78  CYS A C   1 
ATOM   623  O  O   . CYS A 1 78  ? -16.888 0.719   0.741   1.00 29.20 ? 78  CYS A O   1 
ATOM   624  C  CB  . CYS A 1 78  ? -13.980 -0.023  0.288   1.00 23.98 ? 78  CYS A CB  1 
ATOM   625  S  SG  . CYS A 1 78  ? -12.181 0.256   0.365   1.00 17.84 ? 78  CYS A SG  1 
ATOM   626  N  N   . LYS A 1 79  ? -16.719 1.429   -1.377  1.00 29.62 ? 79  LYS A N   1 
ATOM   627  C  CA  . LYS A 1 79  ? -18.156 1.330   -1.614  1.00 31.17 ? 79  LYS A CA  1 
ATOM   628  C  C   . LYS A 1 79  ? -18.735 -0.108  -1.731  1.00 33.65 ? 79  LYS A C   1 
ATOM   629  O  O   . LYS A 1 79  ? -18.047 -1.045  -2.150  1.00 33.13 ? 79  LYS A O   1 
ATOM   630  C  CB  . LYS A 1 79  ? -18.512 2.213   -2.812  1.00 29.68 ? 79  LYS A CB  1 
ATOM   631  C  CG  . LYS A 1 79  ? -18.140 3.651   -2.589  1.00 30.09 ? 79  LYS A CG  1 
ATOM   632  C  CD  . LYS A 1 79  ? -18.385 4.486   -3.828  1.00 34.55 ? 79  LYS A CD  1 
ATOM   633  C  CE  . LYS A 1 79  ? -18.355 6.012   -3.500  1.00 37.65 ? 79  LYS A CE  1 
ATOM   634  N  NZ  . LYS A 1 79  ? -19.306 6.417   -2.392  1.00 39.36 ? 79  LYS A NZ  1 
ATOM   635  N  N   . GLY A 1 80  ? -20.005 -0.257  -1.338  1.00 34.14 ? 80  GLY A N   1 
ATOM   636  C  CA  . GLY A 1 80  ? -20.662 -1.540  -1.355  1.00 35.80 ? 80  GLY A CA  1 
ATOM   637  C  C   . GLY A 1 80  ? -20.867 -2.208  -2.705  1.00 38.22 ? 80  GLY A C   1 
ATOM   638  O  O   . GLY A 1 80  ? -21.174 -3.392  -2.739  1.00 40.16 ? 80  GLY A O   1 
ATOM   639  N  N   . ASP A 1 81  ? -20.673 -1.509  -3.817  1.00 40.12 ? 81  ASP A N   1 
ATOM   640  C  CA  . ASP A 1 81  ? -20.893 -2.148  -5.119  1.00 41.58 ? 81  ASP A CA  1 
ATOM   641  C  C   . ASP A 1 81  ? -19.784 -3.088  -5.636  1.00 41.92 ? 81  ASP A C   1 
ATOM   642  O  O   . ASP A 1 81  ? -19.961 -3.744  -6.687  1.00 44.16 ? 81  ASP A O   1 
ATOM   643  C  CB  . ASP A 1 81  ? -21.228 -1.110  -6.194  1.00 42.27 ? 81  ASP A CB  1 
ATOM   644  C  CG  . ASP A 1 81  ? -20.044 -0.240  -6.565  1.00 44.02 ? 81  ASP A CG  1 
ATOM   645  O  OD1 . ASP A 1 81  ? -19.258 -0.657  -7.444  1.00 46.22 ? 81  ASP A OD1 1 
ATOM   646  O  OD2 . ASP A 1 81  ? -19.898 0.861   -5.988  1.00 43.86 ? 81  ASP A OD2 1 
ATOM   647  N  N   . ASN A 1 82  ? -18.698 -3.217  -4.871  1.00 38.80 ? 82  ASN A N   1 
ATOM   648  C  CA  . ASN A 1 82  ? -17.550 -4.039  -5.258  1.00 36.00 ? 82  ASN A CA  1 
ATOM   649  C  C   . ASN A 1 82  ? -17.729 -5.544  -5.193  1.00 34.99 ? 82  ASN A C   1 
ATOM   650  O  O   . ASN A 1 82  ? -18.340 -6.044  -4.257  1.00 36.71 ? 82  ASN A O   1 
ATOM   651  C  CB  . ASN A 1 82  ? -16.359 -3.663  -4.385  1.00 33.77 ? 82  ASN A CB  1 
ATOM   652  C  CG  . ASN A 1 82  ? -15.847 -2.305  -4.697  1.00 32.05 ? 82  ASN A CG  1 
ATOM   653  O  OD1 . ASN A 1 82  ? -15.907 -1.893  -5.837  1.00 30.18 ? 82  ASN A OD1 1 
ATOM   654  N  ND2 . ASN A 1 82  ? -15.394 -1.563  -3.677  1.00 33.42 ? 82  ASN A ND2 1 
ATOM   655  N  N   . ASN A 1 83  ? -17.150 -6.272  -6.156  1.00 33.34 ? 83  ASN A N   1 
ATOM   656  C  CA  . ASN A 1 83  ? -17.206 -7.750  -6.151  1.00 31.03 ? 83  ASN A CA  1 
ATOM   657  C  C   . ASN A 1 83  ? -16.200 -8.224  -5.098  1.00 27.72 ? 83  ASN A C   1 
ATOM   658  O  O   . ASN A 1 83  ? -15.582 -7.395  -4.471  1.00 27.44 ? 83  ASN A O   1 
ATOM   659  C  CB  . ASN A 1 83  ? -16.913 -8.354  -7.548  1.00 34.63 ? 83  ASN A CB  1 
ATOM   660  C  CG  . ASN A 1 83  ? -15.483 -8.080  -8.053  1.00 36.58 ? 83  ASN A CG  1 
ATOM   661  O  OD1 . ASN A 1 83  ? -14.577 -8.878  -7.876  1.00 36.70 ? 83  ASN A OD1 1 
ATOM   662  N  ND2 . ASN A 1 83  ? -15.305 -6.970  -8.715  1.00 41.70 ? 83  ASN A ND2 1 
ATOM   663  N  N   . ALA A 1 84  ? -15.971 -9.525  -4.943  1.00 26.07 ? 84  ALA A N   1 
ATOM   664  C  CA  . ALA A 1 84  ? -15.058 -10.022 -3.895  1.00 25.00 ? 84  ALA A CA  1 
ATOM   665  C  C   . ALA A 1 84  ? -13.621 -9.539  -4.008  1.00 23.12 ? 84  ALA A C   1 
ATOM   666  O  O   . ALA A 1 84  ? -13.023 -9.133  -3.022  1.00 22.57 ? 84  ALA A O   1 
ATOM   667  C  CB  . ALA A 1 84  ? -15.068 -11.527 -3.864  1.00 26.54 ? 84  ALA A CB  1 
ATOM   668  N  N   . CYS A 1 85  ? -13.069 -9.646  -5.206  1.00 21.44 ? 85  CYS A N   1 
ATOM   669  C  CA  . CYS A 1 85  ? -11.713 -9.214  -5.506  1.00 18.39 ? 85  CYS A CA  1 
ATOM   670  C  C   . CYS A 1 85  ? -11.563 -7.704  -5.305  1.00 17.61 ? 85  CYS A C   1 
ATOM   671  O  O   . CYS A 1 85  ? -10.615 -7.229  -4.705  1.00 19.08 ? 85  CYS A O   1 
ATOM   672  C  CB  . CYS A 1 85  ? -11.415 -9.545  -6.980  1.00 17.98 ? 85  CYS A CB  1 
ATOM   673  S  SG  . CYS A 1 85  ? -9.822  -8.881  -7.571  1.00 17.37 ? 85  CYS A SG  1 
ATOM   674  N  N   . ALA A 1 86  ? -12.530 -6.944  -5.785  1.00 15.77 ? 86  ALA A N   1 
ATOM   675  C  CA  . ALA A 1 86  ? -12.459 -5.496  -5.678  1.00 17.38 ? 86  ALA A CA  1 
ATOM   676  C  C   . ALA A 1 86  ? -12.494 -5.036  -4.248  1.00 17.59 ? 86  ALA A C   1 
ATOM   677  O  O   . ALA A 1 86  ? -11.784 -4.112  -3.864  1.00 18.38 ? 86  ALA A O   1 
ATOM   678  C  CB  . ALA A 1 86  ? -13.619 -4.842  -6.425  1.00 17.59 ? 86  ALA A CB  1 
ATOM   679  N  N   . ALA A 1 87  ? -13.402 -5.644  -3.490  1.00 18.35 ? 87  ALA A N   1 
ATOM   680  C  CA  . ALA A 1 87  ? -13.627 -5.231  -2.127  1.00 16.84 ? 87  ALA A CA  1 
ATOM   681  C  C   . ALA A 1 87  ? -12.428 -5.524  -1.299  1.00 17.27 ? 87  ALA A C   1 
ATOM   682  O  O   . ALA A 1 87  ? -12.025 -4.688  -0.476  1.00 16.76 ? 87  ALA A O   1 
ATOM   683  C  CB  . ALA A 1 87  ? -14.848 -5.906  -1.557  1.00 18.52 ? 87  ALA A CB  1 
ATOM   684  N  N   . SER A 1 88  ? -11.820 -6.676  -1.565  1.00 16.93 ? 88  SER A N   1 
ATOM   685  C  CA  . SER A 1 88  ? -10.622 -7.098  -0.847  1.00 16.14 ? 88  SER A CA  1 
ATOM   686  C  C   . SER A 1 88  ? -9.440  -6.173  -1.097  1.00 14.60 ? 88  SER A C   1 
ATOM   687  O  O   . SER A 1 88  ? -8.703  -5.818  -0.184  1.00 14.22 ? 88  SER A O   1 
ATOM   688  C  CB  . SER A 1 88  ? -10.229 -8.504  -1.299  1.00 16.83 ? 88  SER A CB  1 
ATOM   689  O  OG  . SER A 1 88  ? -11.084 -9.441  -0.721  1.00 24.59 ? 88  SER A OG  1 
ATOM   690  N  N   . VAL A 1 89  ? -9.245  -5.848  -2.373  1.00 15.67 ? 89  VAL A N   1 
ATOM   691  C  CA  . VAL A 1 89  ? -8.130  -5.013  -2.809  1.00 13.21 ? 89  VAL A CA  1 
ATOM   692  C  C   . VAL A 1 89  ? -8.322  -3.592  -2.275  1.00 14.61 ? 89  VAL A C   1 
ATOM   693  O  O   . VAL A 1 89  ? -7.352  -2.923  -1.788  1.00 13.07 ? 89  VAL A O   1 
ATOM   694  C  CB  . VAL A 1 89  ? -7.963  -5.073  -4.385  1.00 13.20 ? 89  VAL A CB  1 
ATOM   695  C  CG1 . VAL A 1 89  ? -6.894  -4.103  -4.804  1.00 12.39 ? 89  VAL A CG1 1 
ATOM   696  C  CG2 . VAL A 1 89  ? -7.603  -6.511  -4.834  1.00 12.27 ? 89  VAL A CG2 1 
ATOM   697  N  N   . CYS A 1 90  ? -9.575  -3.149  -2.320  1.00 11.28 ? 90  CYS A N   1 
ATOM   698  C  CA  . CYS A 1 90  ? -9.868  -1.822  -1.829  1.00 15.33 ? 90  CYS A CA  1 
ATOM   699  C  C   . CYS A 1 90  ? -9.547  -1.754  -0.331  1.00 14.32 ? 90  CYS A C   1 
ATOM   700  O  O   . CYS A 1 90  ? -8.998  -0.781  0.173   1.00 14.56 ? 90  CYS A O   1 
ATOM   701  C  CB  . CYS A 1 90  ? -11.356 -1.433  -2.090  1.00 14.96 ? 90  CYS A CB  1 
ATOM   702  S  SG  . CYS A 1 90  ? -11.687 0.318   -1.632  1.00 18.69 ? 90  CYS A SG  1 
ATOM   703  N  N   . ASP A 1 91  ? -9.833  -2.821  0.374   1.00 15.84 ? 91  ASP A N   1 
ATOM   704  C  CA  . ASP A 1 91  ? -9.594  -2.820  1.801   1.00 16.54 ? 91  ASP A CA  1 
ATOM   705  C  C   . ASP A 1 91  ? -8.140  -2.765  2.071   1.00 15.64 ? 91  ASP A C   1 
ATOM   706  O  O   . ASP A 1 91  ? -7.733  -1.977  2.888   1.00 14.72 ? 91  ASP A O   1 
ATOM   707  C  CB  . ASP A 1 91  ? -10.188 -4.077  2.416   1.00 24.38 ? 91  ASP A CB  1 
ATOM   708  C  CG  . ASP A 1 91  ? -11.081 -3.764  3.542   1.00 27.90 ? 91  ASP A CG  1 
ATOM   709  O  OD1 . ASP A 1 91  ? -12.149 -3.179  3.227   1.00 32.34 ? 91  ASP A OD1 1 
ATOM   710  O  OD2 . ASP A 1 91  ? -10.702 -4.074  4.714   1.00 31.76 ? 91  ASP A OD2 1 
ATOM   711  N  N   . CYS A 1 92  ? -7.366  -3.575  1.335   1.00 15.94 ? 92  CYS A N   1 
ATOM   712  C  CA  . CYS A 1 92  ? -5.904  -3.583  1.491   1.00 14.41 ? 92  CYS A CA  1 
ATOM   713  C  C   . CYS A 1 92  ? -5.310  -2.183  1.281   1.00 16.51 ? 92  CYS A C   1 
ATOM   714  O  O   . CYS A 1 92  ? -4.488  -1.751  2.090   1.00 13.86 ? 92  CYS A O   1 
ATOM   715  C  CB  . CYS A 1 92  ? -5.229  -4.551  0.525   1.00 14.13 ? 92  CYS A CB  1 
ATOM   716  S  SG  . CYS A 1 92  ? -5.730  -6.288  0.681   1.00 13.92 ? 92  CYS A SG  1 
ATOM   717  N  N   . ASP A 1 93  ? -5.733  -1.489  0.201   1.00 15.70 ? 93  ASP A N   1 
ATOM   718  C  CA  . ASP A 1 93  ? -5.238  -0.163  -0.130  1.00 12.84 ? 93  ASP A CA  1 
ATOM   719  C  C   . ASP A 1 93  ? -5.607  0.884   0.935   1.00 13.98 ? 93  ASP A C   1 
ATOM   720  O  O   . ASP A 1 93  ? -4.787  1.715   1.344   1.00 12.43 ? 93  ASP A O   1 
ATOM   721  C  CB  . ASP A 1 93  ? -5.805  0.246   -1.486  1.00 14.66 ? 93  ASP A CB  1 
ATOM   722  C  CG  . ASP A 1 93  ? -5.120  -0.465  -2.672  1.00 15.16 ? 93  ASP A CG  1 
ATOM   723  O  OD1 . ASP A 1 93  ? -4.197  -1.278  -2.422  1.00 12.48 ? 93  ASP A OD1 1 
ATOM   724  O  OD2 . ASP A 1 93  ? -5.519  -0.196  -3.860  1.00 14.33 ? 93  ASP A OD2 1 
ATOM   725  N  N   . ARG A 1 94  ? -6.863  0.822   1.388   1.00 14.93 ? 94  ARG A N   1 
ATOM   726  C  CA  . ARG A 1 94  ? -7.390  1.727   2.422   1.00 16.54 ? 94  ARG A CA  1 
ATOM   727  C  C   . ARG A 1 94  ? -6.573  1.635   3.696   1.00 14.09 ? 94  ARG A C   1 
ATOM   728  O  O   . ARG A 1 94  ? -6.035  2.641   4.144   1.00 14.48 ? 94  ARG A O   1 
ATOM   729  C  CB  . ARG A 1 94  ? -8.870  1.407   2.744   1.00 17.09 ? 94  ARG A CB  1 
ATOM   730  C  CG  . ARG A 1 94  ? -9.470  2.332   3.790   1.00 22.27 ? 94  ARG A CG  1 
ATOM   731  C  CD  . ARG A 1 94  ? -10.868 1.914   4.226   1.00 24.43 ? 94  ARG A CD  1 
ATOM   732  N  NE  . ARG A 1 94  ? -10.846 1.189   5.505   1.00 32.46 ? 94  ARG A NE  1 
ATOM   733  C  CZ  . ARG A 1 94  ? -11.160 -0.095  5.616   1.00 33.66 ? 94  ARG A CZ  1 
ATOM   734  N  NH1 . ARG A 1 94  ? -11.524 -0.763  4.526   1.00 36.58 ? 94  ARG A NH1 1 
ATOM   735  N  NH2 . ARG A 1 94  ? -11.126 -0.713  6.793   1.00 35.42 ? 94  ARG A NH2 1 
ATOM   736  N  N   . LEU A 1 95  ? -6.477  0.426   4.277   1.00 14.26 ? 95  LEU A N   1 
ATOM   737  C  CA  . LEU A 1 95  ? -5.711  0.209   5.511   1.00 15.34 ? 95  LEU A CA  1 
ATOM   738  C  C   . LEU A 1 95  ? -4.231  0.690   5.404   1.00 15.68 ? 95  LEU A C   1 
ATOM   739  O  O   . LEU A 1 95  ? -3.717  1.355   6.321   1.00 13.98 ? 95  LEU A O   1 
ATOM   740  C  CB  . LEU A 1 95  ? -5.804  -1.260  5.924   1.00 15.60 ? 95  LEU A CB  1 
ATOM   741  C  CG  . LEU A 1 95  ? -7.211  -1.827  6.135   1.00 17.77 ? 95  LEU A CG  1 
ATOM   742  C  CD1 . LEU A 1 95  ? -7.165  -3.307  6.377   1.00 18.30 ? 95  LEU A CD1 1 
ATOM   743  C  CD2 . LEU A 1 95  ? -7.866  -1.167  7.307   1.00 21.84 ? 95  LEU A CD2 1 
ATOM   744  N  N   . ALA A 1 96  ? -3.558  0.377   4.286   1.00 14.06 ? 96  ALA A N   1 
ATOM   745  C  CA  . ALA A 1 96  ? -2.197  0.849   4.056   1.00 13.05 ? 96  ALA A CA  1 
ATOM   746  C  C   . ALA A 1 96  ? -2.145  2.399   4.006   1.00 14.35 ? 96  ALA A C   1 
ATOM   747  O  O   . ALA A 1 96  ? -1.283  2.997   4.659   1.00 10.92 ? 96  ALA A O   1 
ATOM   748  C  CB  . ALA A 1 96  ? -1.641  0.287   2.711   1.00 16.96 ? 96  ALA A CB  1 
ATOM   749  N  N   . ALA A 1 97  ? -3.048  3.053   3.252   1.00 10.80 ? 97  ALA A N   1 
ATOM   750  C  CA  . ALA A 1 97  ? -3.030  4.522   3.167   1.00 13.55 ? 97  ALA A CA  1 
ATOM   751  C  C   . ALA A 1 97  ? -3.126  5.175   4.549   1.00 13.77 ? 97  ALA A C   1 
ATOM   752  O  O   . ALA A 1 97  ? -2.454  6.184   4.853   1.00 14.26 ? 97  ALA A O   1 
ATOM   753  C  CB  . ALA A 1 97  ? -4.197  5.055   2.237   1.00 12.92 ? 97  ALA A CB  1 
ATOM   754  N  N   . ILE A 1 98  ? -4.028  4.643   5.360   1.00 14.43 ? 98  ILE A N   1 
ATOM   755  C  CA  . ILE A 1 98  ? -4.194  5.124   6.724   1.00 16.12 ? 98  ILE A CA  1 
ATOM   756  C  C   . ILE A 1 98  ? -2.919  4.773   7.540   1.00 15.74 ? 98  ILE A C   1 
ATOM   757  O  O   . ILE A 1 98  ? -2.443  5.613   8.307   1.00 15.01 ? 98  ILE A O   1 
ATOM   758  C  CB  . ILE A 1 98  ? -5.419  4.468   7.349   1.00 17.23 ? 98  ILE A CB  1 
ATOM   759  C  CG1 . ILE A 1 98  ? -6.649  4.845   6.546   1.00 16.72 ? 98  ILE A CG1 1 
ATOM   760  C  CG2 . ILE A 1 98  ? -5.518  4.810   8.861   1.00 18.62 ? 98  ILE A CG2 1 
ATOM   761  C  CD1 . ILE A 1 98  ? -7.852  4.204   7.115   1.00 19.98 ? 98  ILE A CD1 1 
ATOM   762  N  N   . CYS A 1 99  ? -2.362  3.568   7.349   1.00 13.31 ? 99  CYS A N   1 
ATOM   763  C  CA  . CYS A 1 99  ? -1.124  3.159   8.062   1.00 12.91 ? 99  CYS A CA  1 
ATOM   764  C  C   . CYS A 1 99  ? 0.056   4.143   7.728   1.00 12.21 ? 99  CYS A C   1 
ATOM   765  O  O   . CYS A 1 99  ? 0.736   4.652   8.607   1.00 9.54  ? 99  CYS A O   1 
ATOM   766  C  CB  . CYS A 1 99  ? -0.767  1.690   7.698   1.00 8.58  ? 99  CYS A CB  1 
ATOM   767  S  SG  . CYS A 1 99  ? 0.554   0.931   8.730   1.00 14.68 ? 99  CYS A SG  1 
ATOM   768  N  N   . PHE A 1 100 ? 0.185   4.492   6.448   1.00 13.27 ? 100 PHE A N   1 
ATOM   769  C  CA  . PHE A 1 100 ? 1.215   5.390   5.957   1.00 13.45 ? 100 PHE A CA  1 
ATOM   770  C  C   . PHE A 1 100 ? 1.062   6.766   6.550   1.00 14.55 ? 100 PHE A C   1 
ATOM   771  O  O   . PHE A 1 100 ? 2.048   7.453   6.673   1.00 17.08 ? 100 PHE A O   1 
ATOM   772  C  CB  . PHE A 1 100 ? 1.116   5.580   4.432   1.00 13.73 ? 100 PHE A CB  1 
ATOM   773  C  CG  . PHE A 1 100 ? 1.447   4.365   3.622   1.00 15.65 ? 100 PHE A CG  1 
ATOM   774  C  CD1 . PHE A 1 100 ? 1.675   3.134   4.228   1.00 17.60 ? 100 PHE A CD1 1 
ATOM   775  C  CD2 . PHE A 1 100 ? 1.519   4.466   2.216   1.00 16.41 ? 100 PHE A CD2 1 
ATOM   776  C  CE1 . PHE A 1 100 ? 1.976   1.999   3.466   1.00 17.66 ? 100 PHE A CE1 1 
ATOM   777  C  CE2 . PHE A 1 100 ? 1.803   3.385   1.471   1.00 14.74 ? 100 PHE A CE2 1 
ATOM   778  C  CZ  . PHE A 1 100 ? 2.038   2.122   2.094   1.00 17.25 ? 100 PHE A CZ  1 
ATOM   779  N  N   . ALA A 1 101 ? -0.176  7.207   6.804   1.00 15.36 ? 101 ALA A N   1 
ATOM   780  C  CA  . ALA A 1 101 ? -0.429  8.552   7.353   1.00 15.80 ? 101 ALA A CA  1 
ATOM   781  C  C   . ALA A 1 101 ? 0.107   8.731   8.777   1.00 14.44 ? 101 ALA A C   1 
ATOM   782  O  O   . ALA A 1 101 ? 0.562   9.820   9.147   1.00 15.31 ? 101 ALA A O   1 
ATOM   783  C  CB  . ALA A 1 101 ? -1.955  8.882   7.273   1.00 16.71 ? 101 ALA A CB  1 
ATOM   784  N  N   . GLY A 1 102 ? 0.041   7.660   9.570   1.00 14.31 ? 102 GLY A N   1 
ATOM   785  C  CA  . GLY A 1 102 ? 0.519   7.710   10.951  1.00 14.58 ? 102 GLY A CA  1 
ATOM   786  C  C   . GLY A 1 102 ? 2.009   7.430   11.177  1.00 14.77 ? 102 GLY A C   1 
ATOM   787  O  O   . GLY A 1 102 ? 2.591   7.949   12.080  1.00 14.89 ? 102 GLY A O   1 
ATOM   788  N  N   . ALA A 1 103 ? 2.617   6.593   10.367  1.00 15.21 ? 103 ALA A N   1 
ATOM   789  C  CA  . ALA A 1 103 ? 4.010   6.234   10.525  1.00 14.93 ? 103 ALA A CA  1 
ATOM   790  C  C   . ALA A 1 103 ? 4.990   7.320   10.163  1.00 17.61 ? 103 ALA A C   1 
ATOM   791  O  O   . ALA A 1 103 ? 4.850   8.026   9.157   1.00 17.42 ? 103 ALA A O   1 
ATOM   792  C  CB  . ALA A 1 103 ? 4.327   4.974   9.687   1.00 17.75 ? 103 ALA A CB  1 
ATOM   793  N  N   . PRO A 1 104 ? 6.023   7.488   10.989  1.00 19.71 ? 104 PRO A N   1 
ATOM   794  C  CA  . PRO A 1 104 ? 6.967   8.542   10.595  1.00 19.86 ? 104 PRO A CA  1 
ATOM   795  C  C   . PRO A 1 104 ? 7.794   8.092   9.357   1.00 19.43 ? 104 PRO A C   1 
ATOM   796  O  O   . PRO A 1 104 ? 8.012   6.904   9.146   1.00 21.66 ? 104 PRO A O   1 
ATOM   797  C  CB  . PRO A 1 104 ? 7.823   8.742   11.854  1.00 21.05 ? 104 PRO A CB  1 
ATOM   798  C  CG  . PRO A 1 104 ? 7.603   7.446   12.670  1.00 20.73 ? 104 PRO A CG  1 
ATOM   799  C  CD  . PRO A 1 104 ? 6.169   7.098   12.410  1.00 19.49 ? 104 PRO A CD  1 
ATOM   800  N  N   . TYR A 1 105 ? 8.209   9.037   8.523   1.00 18.10 ? 105 TYR A N   1 
ATOM   801  C  CA  . TYR A 1 105 ? 8.996   8.721   7.328   1.00 18.54 ? 105 TYR A CA  1 
ATOM   802  C  C   . TYR A 1 105 ? 10.471  9.017   7.582   1.00 18.12 ? 105 TYR A C   1 
ATOM   803  O  O   . TYR A 1 105 ? 10.822  10.180  7.813   1.00 19.62 ? 105 TYR A O   1 
ATOM   804  C  CB  . TYR A 1 105 ? 8.544   9.564   6.134   1.00 16.97 ? 105 TYR A CB  1 
ATOM   805  C  CG  . TYR A 1 105 ? 9.178   9.176   4.836   1.00 15.80 ? 105 TYR A CG  1 
ATOM   806  C  CD1 . TYR A 1 105 ? 10.423  9.698   4.436   1.00 15.49 ? 105 TYR A CD1 1 
ATOM   807  C  CD2 . TYR A 1 105 ? 8.486   8.343   3.950   1.00 13.68 ? 105 TYR A CD2 1 
ATOM   808  C  CE1 . TYR A 1 105 ? 10.946  9.408   3.177   1.00 15.66 ? 105 TYR A CE1 1 
ATOM   809  C  CE2 . TYR A 1 105 ? 8.986   8.043   2.693   1.00 16.82 ? 105 TYR A CE2 1 
ATOM   810  C  CZ  . TYR A 1 105 ? 10.218  8.575   2.299   1.00 16.21 ? 105 TYR A CZ  1 
ATOM   811  O  OH  . TYR A 1 105 ? 10.691  8.205   1.063   1.00 15.76 ? 105 TYR A OH  1 
ATOM   812  N  N   . ASN A 1 106 ? 11.309  7.980   7.562   1.00 18.27 ? 106 ASN A N   1 
ATOM   813  C  CA  . ASN A 1 106 ? 12.747  8.107   7.787   1.00 19.43 ? 106 ASN A CA  1 
ATOM   814  C  C   . ASN A 1 106 ? 13.466  8.220   6.412   1.00 19.26 ? 106 ASN A C   1 
ATOM   815  O  O   . ASN A 1 106 ? 13.516  7.267   5.625   1.00 17.17 ? 106 ASN A O   1 
ATOM   816  C  CB  . ASN A 1 106 ? 13.210  6.909   8.658   1.00 20.56 ? 106 ASN A CB  1 
ATOM   817  C  CG  . ASN A 1 106 ? 14.714  6.916   9.014   1.00 24.76 ? 106 ASN A CG  1 
ATOM   818  O  OD1 . ASN A 1 106 ? 15.510  7.722   8.475   1.00 30.06 ? 106 ASN A OD1 1 
ATOM   819  N  ND2 . ASN A 1 106 ? 15.123  5.950   9.862   1.00 21.51 ? 106 ASN A ND2 1 
ATOM   820  N  N   . ASP A 1 107 ? 13.939  9.428   6.106   1.00 19.32 ? 107 ASP A N   1 
ATOM   821  C  CA  . ASP A 1 107 ? 14.604  9.731   4.835   1.00 23.17 ? 107 ASP A CA  1 
ATOM   822  C  C   . ASP A 1 107 ? 15.748  8.807   4.518   1.00 22.72 ? 107 ASP A C   1 
ATOM   823  O  O   . ASP A 1 107 ? 16.090  8.603   3.343   1.00 25.56 ? 107 ASP A O   1 
ATOM   824  C  CB  . ASP A 1 107 ? 15.088  11.168  4.796   1.00 28.40 ? 107 ASP A CB  1 
ATOM   825  C  CG  . ASP A 1 107 ? 13.953  12.173  4.469   1.00 32.66 ? 107 ASP A CG  1 
ATOM   826  O  OD1 . ASP A 1 107 ? 12.843  11.742  4.065   1.00 35.52 ? 107 ASP A OD1 1 
ATOM   827  O  OD2 . ASP A 1 107 ? 14.183  13.416  4.585   1.00 36.50 ? 107 ASP A OD2 1 
ATOM   828  N  N   . ASN A 1 108 ? 16.326  8.235   5.571   1.00 21.96 ? 108 ASN A N   1 
ATOM   829  C  CA  . ASN A 1 108 ? 17.425  7.292   5.450   1.00 21.41 ? 108 ASN A CA  1 
ATOM   830  C  C   . ASN A 1 108 ? 16.990  5.893   4.950   1.00 20.49 ? 108 ASN A C   1 
ATOM   831  O  O   . ASN A 1 108 ? 17.825  5.071   4.590   1.00 18.33 ? 108 ASN A O   1 
ATOM   832  C  CB  . ASN A 1 108 ? 18.149  7.188   6.780   1.00 26.78 ? 108 ASN A CB  1 
ATOM   833  C  CG  . ASN A 1 108 ? 18.980  8.431   7.088   1.00 32.33 ? 108 ASN A CG  1 
ATOM   834  O  OD1 . ASN A 1 108 ? 19.166  9.314   6.238   1.00 33.17 ? 108 ASN A OD1 1 
ATOM   835  N  ND2 . ASN A 1 108 ? 19.509  8.495   8.315   1.00 37.37 ? 108 ASN A ND2 1 
ATOM   836  N  N   . ASN A 1 109 ? 15.689  5.614   4.942   1.00 16.59 ? 109 ASN A N   1 
ATOM   837  C  CA  . ASN A 1 109 ? 15.226  4.302   4.477   1.00 15.92 ? 109 ASN A CA  1 
ATOM   838  C  C   . ASN A 1 109 ? 14.721  4.339   3.052   1.00 14.94 ? 109 ASN A C   1 
ATOM   839  O  O   . ASN A 1 109 ? 14.280  3.310   2.526   1.00 15.58 ? 109 ASN A O   1 
ATOM   840  C  CB  . ASN A 1 109 ? 14.140  3.716   5.412   1.00 15.89 ? 109 ASN A CB  1 
ATOM   841  C  CG  . ASN A 1 109 ? 14.691  3.351   6.778   1.00 13.87 ? 109 ASN A CG  1 
ATOM   842  O  OD1 . ASN A 1 109 ? 14.033  3.520   7.818   1.00 17.11 ? 109 ASN A OD1 1 
ATOM   843  N  ND2 . ASN A 1 109 ? 15.905  2.859   6.784   1.00 13.73 ? 109 ASN A ND2 1 
ATOM   844  N  N   . TYR A 1 110 ? 14.859  5.493   2.417   1.00 14.75 ? 110 TYR A N   1 
ATOM   845  C  CA  . TYR A 1 110 ? 14.418  5.685   1.043   1.00 16.82 ? 110 TYR A CA  1 
ATOM   846  C  C   . TYR A 1 110 ? 15.429  5.177   0.029   1.00 17.02 ? 110 TYR A C   1 
ATOM   847  O  O   . TYR A 1 110 ? 16.596  5.475   0.157   1.00 19.03 ? 110 TYR A O   1 
ATOM   848  C  CB  . TYR A 1 110 ? 14.189  7.175   0.790   1.00 19.38 ? 110 TYR A CB  1 
ATOM   849  C  CG  . TYR A 1 110 ? 13.758  7.498   -0.653  1.00 20.87 ? 110 TYR A CG  1 
ATOM   850  C  CD1 . TYR A 1 110 ? 12.559  7.014   -1.177  1.00 17.61 ? 110 TYR A CD1 1 
ATOM   851  C  CD2 . TYR A 1 110 ? 14.606  8.236   -1.502  1.00 24.49 ? 110 TYR A CD2 1 
ATOM   852  C  CE1 . TYR A 1 110 ? 12.233  7.238   -2.465  1.00 18.22 ? 110 TYR A CE1 1 
ATOM   853  C  CE2 . TYR A 1 110 ? 14.275  8.472   -2.813  1.00 23.79 ? 110 TYR A CE2 1 
ATOM   854  C  CZ  . TYR A 1 110 ? 13.104  7.969   -3.281  1.00 25.33 ? 110 TYR A CZ  1 
ATOM   855  O  OH  . TYR A 1 110 ? 12.833  8.216   -4.593  1.00 28.25 ? 110 TYR A OH  1 
ATOM   856  N  N   . ASN A 1 111 ? 14.999  4.372   -0.940  1.00 18.21 ? 111 ASN A N   1 
ATOM   857  C  CA  . ASN A 1 111 ? 15.907  3.925   -2.006  1.00 20.44 ? 111 ASN A CA  1 
ATOM   858  C  C   . ASN A 1 111 ? 17.172  3.302   -1.347  1.00 21.35 ? 111 ASN A C   1 
ATOM   859  O  O   . ASN A 1 111 ? 18.286  3.751   -1.569  1.00 21.15 ? 111 ASN A O   1 
ATOM   860  C  CB  . ASN A 1 111 ? 16.220  5.196   -2.885  1.00 21.71 ? 111 ASN A CB  1 
ATOM   861  C  CG  . ASN A 1 111 ? 17.303  4.982   -3.977  1.00 23.70 ? 111 ASN A CG  1 
ATOM   862  O  OD1 . ASN A 1 111 ? 18.289  5.742   -4.032  1.00 26.39 ? 111 ASN A OD1 1 
ATOM   863  N  ND2 . ASN A 1 111 ? 17.069  4.048   -4.906  1.00 22.63 ? 111 ASN A ND2 1 
ATOM   864  N  N   . ILE A 1 112 ? 16.970  2.279   -0.527  1.00 19.74 ? 112 ILE A N   1 
ATOM   865  C  CA  . ILE A 1 112 ? 18.073  1.620   0.144   1.00 19.79 ? 112 ILE A CA  1 
ATOM   866  C  C   . ILE A 1 112 ? 18.597  0.487   -0.709  1.00 21.22 ? 112 ILE A C   1 
ATOM   867  O  O   . ILE A 1 112 ? 18.004  0.107   -1.734  1.00 20.74 ? 112 ILE A O   1 
ATOM   868  C  CB  . ILE A 1 112 ? 17.702  0.980   1.535   1.00 23.00 ? 112 ILE A CB  1 
ATOM   869  C  CG1 . ILE A 1 112 ? 16.492  0.024   1.378   1.00 24.44 ? 112 ILE A CG1 1 
ATOM   870  C  CG2 . ILE A 1 112 ? 17.501  2.026   2.579   1.00 19.62 ? 112 ILE A CG2 1 
ATOM   871  C  CD1 . ILE A 1 112 ? 16.528  -1.195  2.231   1.00 29.01 ? 112 ILE A CD1 1 
ATOM   872  N  N   . ASP A 1 113 ? 19.719  -0.072  -0.249  1.00 21.27 ? 113 ASP A N   1 
ATOM   873  C  CA  . ASP A 1 113 ? 20.396  -1.177  -0.886  1.00 22.01 ? 113 ASP A CA  1 
ATOM   874  C  C   . ASP A 1 113 ? 19.767  -2.456  -0.322  1.00 21.41 ? 113 ASP A C   1 
ATOM   875  O  O   . ASP A 1 113 ? 20.020  -2.853  0.837   1.00 19.94 ? 113 ASP A O   1 
ATOM   876  C  CB  . ASP A 1 113 ? 21.879  -1.135  -0.552  1.00 25.88 ? 113 ASP A CB  1 
ATOM   877  C  CG  . ASP A 1 113 ? 22.689  -2.039  -1.439  1.00 30.04 ? 113 ASP A CG  1 
ATOM   878  O  OD1 . ASP A 1 113 ? 22.316  -3.231  -1.631  1.00 31.41 ? 113 ASP A OD1 1 
ATOM   879  O  OD2 . ASP A 1 113 ? 23.715  -1.535  -1.928  1.00 33.23 ? 113 ASP A OD2 1 
ATOM   880  N  N   . LEU A 1 114 ? 18.957  -3.098  -1.153  1.00 21.58 ? 114 LEU A N   1 
ATOM   881  C  CA  . LEU A 1 114 ? 18.263  -4.315  -0.789  1.00 22.12 ? 114 LEU A CA  1 
ATOM   882  C  C   . LEU A 1 114 ? 19.188  -5.404  -0.390  1.00 23.60 ? 114 LEU A C   1 
ATOM   883  O  O   . LEU A 1 114 ? 18.859  -6.158  0.501   1.00 24.87 ? 114 LEU A O   1 
ATOM   884  C  CB  . LEU A 1 114 ? 17.319  -4.786  -1.885  1.00 21.47 ? 114 LEU A CB  1 
ATOM   885  C  CG  . LEU A 1 114 ? 16.404  -3.597  -2.180  1.00 20.80 ? 114 LEU A CG  1 
ATOM   886  C  CD1 . LEU A 1 114 ? 15.960  -3.617  -3.603  1.00 22.71 ? 114 LEU A CD1 1 
ATOM   887  C  CD2 . LEU A 1 114 ? 15.241  -3.550  -1.188  1.00 19.26 ? 114 LEU A CD2 1 
ATOM   888  N  N   . LYS A 1 115 ? 20.352  -5.476  -1.011  1.00 22.78 ? 115 LYS A N   1 
ATOM   889  C  CA  . LYS A 1 115 ? 21.284  -6.499  -0.619  1.00 25.81 ? 115 LYS A CA  1 
ATOM   890  C  C   . LYS A 1 115 ? 21.824  -6.272  0.808   1.00 24.82 ? 115 LYS A C   1 
ATOM   891  O  O   . LYS A 1 115 ? 21.966  -7.218  1.564   1.00 25.11 ? 115 LYS A O   1 
ATOM   892  C  CB  . LYS A 1 115 ? 22.435  -6.538  -1.619  1.00 30.24 ? 115 LYS A CB  1 
ATOM   893  C  CG  . LYS A 1 115 ? 22.195  -7.445  -2.791  1.00 33.79 ? 115 LYS A CG  1 
ATOM   894  C  CD  . LYS A 1 115 ? 23.537  -7.755  -3.521  1.00 37.81 ? 115 LYS A CD  1 
ATOM   895  C  CE  . LYS A 1 115 ? 23.883  -6.700  -4.606  1.00 42.00 ? 115 LYS A CE  1 
ATOM   896  N  NZ  . LYS A 1 115 ? 23.958  -5.220  -4.187  1.00 44.44 ? 115 LYS A NZ  1 
ATOM   897  N  N   . ALA A 1 116 ? 22.038  -5.007  1.178   1.00 23.71 ? 116 ALA A N   1 
ATOM   898  C  CA  . ALA A 1 116 ? 22.602  -4.639  2.469   1.00 24.13 ? 116 ALA A CA  1 
ATOM   899  C  C   . ALA A 1 116 ? 21.650  -4.620  3.676   1.00 26.32 ? 116 ALA A C   1 
ATOM   900  O  O   . ALA A 1 116 ? 22.080  -4.773  4.815   1.00 24.71 ? 116 ALA A O   1 
ATOM   901  C  CB  . ALA A 1 116 ? 23.287  -3.290  2.349   1.00 25.36 ? 116 ALA A CB  1 
ATOM   902  N  N   . ARG A 1 117 ? 20.358  -4.398  3.430   1.00 25.11 ? 117 ARG A N   1 
ATOM   903  C  CA  . ARG A 1 117 ? 19.373  -4.311  4.500   1.00 23.24 ? 117 ARG A CA  1 
ATOM   904  C  C   . ARG A 1 117 ? 18.335  -5.384  4.521   1.00 23.89 ? 117 ARG A C   1 
ATOM   905  O  O   . ARG A 1 117 ? 17.690  -5.604  5.538   1.00 22.27 ? 117 ARG A O   1 
ATOM   906  C  CB  . ARG A 1 117 ? 18.577  -3.019  4.357   1.00 24.58 ? 117 ARG A CB  1 
ATOM   907  C  CG  . ARG A 1 117 ? 19.412  -1.775  4.384   1.00 25.07 ? 117 ARG A CG  1 
ATOM   908  C  CD  . ARG A 1 117 ? 19.681  -1.348  5.814   1.00 23.11 ? 117 ARG A CD  1 
ATOM   909  N  NE  . ARG A 1 117 ? 19.883  0.083   5.853   1.00 21.90 ? 117 ARG A NE  1 
ATOM   910  C  CZ  . ARG A 1 117 ? 18.928  0.943   6.139   1.00 20.11 ? 117 ARG A CZ  1 
ATOM   911  N  NH1 . ARG A 1 117 ? 17.704  0.510   6.436   1.00 16.25 ? 117 ARG A NH1 1 
ATOM   912  N  NH2 . ARG A 1 117 ? 19.185  2.243   6.052   1.00 21.07 ? 117 ARG A NH2 1 
ATOM   913  N  N   . CYS A 1 118 ? 18.143  -6.066  3.408   1.00 24.28 ? 118 CYS A N   1 
ATOM   914  C  CA  . CYS A 1 118 ? 17.047  -7.025  3.358   1.00 30.15 ? 118 CYS A CA  1 
ATOM   915  C  C   . CYS A 1 118 ? 17.355  -8.513  3.434   1.00 35.21 ? 118 CYS A C   1 
ATOM   916  O  O   . CYS A 1 118 ? 16.880  -9.326  2.645   1.00 35.94 ? 118 CYS A O   1 
ATOM   917  C  CB  . CYS A 1 118 ? 16.093  -6.632  2.208   1.00 25.14 ? 118 CYS A CB  1 
ATOM   918  S  SG  . CYS A 1 118 ? 15.698  -4.840  2.396   1.00 17.22 ? 118 CYS A SG  1 
ATOM   919  N  N   . GLN A 1 119 ? 17.901  -8.825  4.603   1.00 43.39 ? 119 GLN A N   1 
ATOM   920  C  CA  . GLN A 1 119 ? 18.347  -10.148 5.036   1.00 49.56 ? 119 GLN A CA  1 
ATOM   921  C  C   . GLN A 1 119 ? 19.406  -10.724 4.116   1.00 49.82 ? 119 GLN A C   1 
ATOM   922  O  O   . GLN A 1 119 ? 19.172  -10.881 2.888   1.00 50.05 ? 119 GLN A O   1 
ATOM   923  C  CB  . GLN A 1 119 ? 17.169  -11.108 5.267   1.00 54.13 ? 119 GLN A CB  1 
ATOM   924  C  CG  . GLN A 1 119 ? 17.381  -12.043 6.500   1.00 62.51 ? 119 GLN A CG  1 
ATOM   925  C  CD  . GLN A 1 119 ? 17.868  -11.294 7.764   1.00 67.81 ? 119 GLN A CD  1 
ATOM   926  O  OE1 . GLN A 1 119 ? 19.014  -11.487 8.244   1.00 69.86 ? 119 GLN A OE1 1 
ATOM   927  N  NE2 . GLN A 1 119 ? 16.988  -10.459 8.327   1.00 70.34 ? 119 GLN A NE2 1 
ATOM   928  O  OXT . GLN A 1 119 ? 20.518  -10.919 4.669   1.00 51.25 ? 119 GLN A OXT 1 
HETATM 929  NA NA  . NA  B 2 .   ? 7.653   1.044   16.587  0.25 2.42  ? 200 NA  A NA  1 
HETATM 930  O  O   . HOH C 3 .   ? 8.774   -12.889 3.484   1.00 45.49 ? 201 HOH A O   1 
HETATM 931  O  O   . HOH C 3 .   ? 6.073   -11.285 5.702   1.00 43.88 ? 202 HOH A O   1 
HETATM 932  O  O   . HOH C 3 .   ? 2.417   -4.608  -1.717  1.00 32.08 ? 203 HOH A O   1 
HETATM 933  O  O   . HOH C 3 .   ? -0.278  -8.376  -6.079  1.00 36.51 ? 204 HOH A O   1 
HETATM 934  O  O   . HOH C 3 .   ? -5.083  -1.510  -6.365  1.00 13.37 ? 205 HOH A O   1 
HETATM 935  O  O   . HOH C 3 .   ? -13.161 -15.267 -9.073  1.00 33.16 ? 206 HOH A O   1 
HETATM 936  O  O   . HOH C 3 .   ? -2.128  -13.883 -9.257  1.00 28.92 ? 207 HOH A O   1 
HETATM 937  O  O   . HOH C 3 .   ? -5.116  -14.162 -8.575  1.00 19.33 ? 208 HOH A O   1 
HETATM 938  O  O   . HOH C 3 .   ? -8.384  -8.813  -11.401 1.00 16.28 ? 209 HOH A O   1 
HETATM 939  O  O   . HOH C 3 .   ? -13.714 8.394   -6.227  1.00 36.43 ? 210 HOH A O   1 
HETATM 940  O  O   . HOH C 3 .   ? -14.096 -11.401 -7.783  1.00 23.46 ? 211 HOH A O   1 
HETATM 941  O  O   . HOH C 3 .   ? -13.963 -3.327  0.891   1.00 26.65 ? 212 HOH A O   1 
HETATM 942  O  O   . HOH C 3 .   ? -3.220  -3.277  4.068   1.00 18.68 ? 213 HOH A O   1 
HETATM 943  O  O   . HOH C 3 .   ? -0.934  -1.899  5.559   1.00 12.78 ? 214 HOH A O   1 
HETATM 944  O  O   . HOH C 3 .   ? -2.265  -1.613  7.965   1.00 33.66 ? 215 HOH A O   1 
HETATM 945  O  O   . HOH C 3 .   ? 4.552   8.321   6.059   1.00 38.39 ? 216 HOH A O   1 
HETATM 946  O  O   . HOH C 3 .   ? 0.114   14.937  4.392   1.00 45.96 ? 217 HOH A O   1 
HETATM 947  O  O   . HOH C 3 .   ? -0.384  13.276  6.608   1.00 26.92 ? 218 HOH A O   1 
HETATM 948  O  O   . HOH C 3 .   ? 8.391   4.553   10.361  1.00 16.86 ? 219 HOH A O   1 
HETATM 949  O  O   . HOH C 3 .   ? 17.679  -9.196  -0.191  1.00 38.74 ? 220 HOH A O   1 
HETATM 950  O  O   . HOH C 3 .   ? 20.957  3.075   3.816   1.00 33.89 ? 221 HOH A O   1 
HETATM 951  O  O   . HOH C 3 .   ? 17.399  -1.927  8.464   1.00 15.89 ? 222 HOH A O   1 
HETATM 952  O  O   . HOH C 3 .   ? 16.223  -4.592  8.208   1.00 18.90 ? 223 HOH A O   1 
HETATM 953  O  O   . HOH C 3 .   ? -4.148  -5.037  5.732   1.00 28.44 ? 224 HOH A O   1 
HETATM 954  O  O   . HOH C 3 .   ? -2.373  -8.513  6.065   1.00 33.94 ? 225 HOH A O   1 
HETATM 955  O  O   . HOH C 3 .   ? 6.802   -5.401  -2.137  1.00 32.29 ? 226 HOH A O   1 
HETATM 956  O  O   . HOH C 3 .   ? 1.805   -9.835  -3.299  1.00 41.52 ? 227 HOH A O   1 
HETATM 957  O  O   . HOH C 3 .   ? -3.625  -16.218 -12.686 1.00 33.27 ? 228 HOH A O   1 
HETATM 958  O  O   . HOH C 3 .   ? 0.090   9.782   -3.952  1.00 31.35 ? 229 HOH A O   1 
HETATM 959  O  O   . HOH C 3 .   ? 5.872   -14.616 -4.473  1.00 32.09 ? 230 HOH A O   1 
HETATM 960  O  O   . HOH C 3 .   ? 10.762  10.798  -4.813  1.00 34.73 ? 231 HOH A O   1 
HETATM 961  O  O   . HOH C 3 .   ? 7.516   14.959  -1.218  1.00 35.92 ? 232 HOH A O   1 
HETATM 962  O  O   . HOH C 3 .   ? 3.756   -1.013  -1.143  1.00 34.46 ? 233 HOH A O   1 
HETATM 963  O  O   . HOH C 3 .   ? -7.276  -9.486  1.291   1.00 21.38 ? 234 HOH A O   1 
HETATM 964  O  O   . HOH C 3 .   ? 16.749  -4.842  10.733  1.00 22.66 ? 235 HOH A O   1 
HETATM 965  O  O   . HOH C 3 .   ? 14.726  -3.573  11.875  1.00 16.76 ? 236 HOH A O   1 
HETATM 966  O  O   . HOH C 3 .   ? 11.564  -3.692  12.576  1.00 37.15 ? 237 HOH A O   1 
HETATM 967  O  O   . HOH C 3 .   ? 17.856  5.717   10.516  1.00 31.01 ? 238 HOH A O   1 
HETATM 968  O  O   . HOH C 3 .   ? 5.342   -0.287  -7.362  1.00 46.23 ? 239 HOH A O   1 
HETATM 969  O  O   . HOH C 3 .   ? 16.142  0.840   -3.626  1.00 18.27 ? 240 HOH A O   1 
HETATM 970  O  O   . HOH C 3 .   ? -0.140  -9.443  7.829   1.00 41.18 ? 241 HOH A O   1 
HETATM 971  O  O   . HOH C 3 .   ? 4.127   3.885   -10.160 1.00 41.02 ? 242 HOH A O   1 
HETATM 972  O  O   . HOH C 3 .   ? -11.193 5.794   -9.181  1.00 35.67 ? 243 HOH A O   1 
HETATM 973  O  O   . HOH C 3 .   ? -10.745 -4.173  -13.412 1.00 22.61 ? 244 HOH A O   1 
HETATM 974  O  O   . HOH C 3 .   ? 16.857  -7.943  6.986   1.00 26.78 ? 245 HOH A O   1 
HETATM 975  O  O   . HOH C 3 .   ? 19.573  -11.113 -0.360  1.00 51.36 ? 246 HOH A O   1 
HETATM 976  O  O   . HOH C 3 .   ? 3.297   3.147   12.961  1.00 31.00 ? 247 HOH A O   1 
HETATM 977  O  O   . HOH C 3 .   ? 15.393  -1.185  12.238  1.00 17.91 ? 248 HOH A O   1 
HETATM 978  O  O   . HOH C 3 .   ? 5.317   4.292   14.870  1.00 22.43 ? 249 HOH A O   1 
HETATM 979  O  O   . HOH C 3 .   ? 3.988   -0.637  13.653  1.00 38.78 ? 250 HOH A O   1 
HETATM 980  O  O   . HOH C 3 .   ? 3.240   0.184   11.175  1.00 26.72 ? 251 HOH A O   1 
HETATM 981  O  O   . HOH C 3 .   ? 2.332   -4.389  12.178  1.00 49.49 ? 252 HOH A O   1 
HETATM 982  O  O   . HOH C 3 .   ? -1.617  -5.168  11.004  1.00 37.69 ? 253 HOH A O   1 
HETATM 983  O  O   . HOH C 3 .   ? 5.187   -9.800  2.793   1.00 39.63 ? 254 HOH A O   1 
HETATM 984  O  O   . HOH C 3 .   ? -9.224  -13.775 0.113   1.00 42.49 ? 255 HOH A O   1 
HETATM 985  O  O   . HOH C 3 .   ? -6.017  -16.339 -10.682 1.00 34.05 ? 256 HOH A O   1 
HETATM 986  O  O   . HOH C 3 .   ? 4.107   -2.591  -12.212 1.00 45.62 ? 257 HOH A O   1 
HETATM 987  O  O   . HOH C 3 .   ? -15.565 -1.564  -9.255  1.00 34.81 ? 258 HOH A O   1 
HETATM 988  O  O   . HOH C 3 .   ? -19.277 1.669   -8.898  1.00 36.94 ? 259 HOH A O   1 
HETATM 989  O  O   . HOH C 3 .   ? -14.582 1.404   3.743   1.00 25.78 ? 260 HOH A O   1 
HETATM 990  O  O   . HOH C 3 .   ? -4.552  11.730  7.106   1.00 33.37 ? 261 HOH A O   1 
HETATM 991  O  O   . HOH C 3 .   ? 21.389  1.134   1.794   1.00 37.74 ? 262 HOH A O   1 
HETATM 992  O  O   . HOH C 3 .   ? 12.973  -7.001  0.149   1.00 23.18 ? 263 HOH A O   1 
HETATM 993  O  O   . HOH C 3 .   ? 4.634   11.185  6.315   1.00 32.59 ? 264 HOH A O   1 
HETATM 994  O  O   . HOH C 3 .   ? 16.386  -12.785 1.584   1.00 44.26 ? 265 HOH A O   1 
HETATM 995  O  O   . HOH C 3 .   ? 4.376   -3.744  -4.338  1.00 48.66 ? 266 HOH A O   1 
HETATM 996  O  O   . HOH C 3 .   ? -19.846 -8.242  -7.476  1.00 40.93 ? 267 HOH A O   1 
HETATM 997  O  O   . HOH C 3 .   ? -8.588  -7.426  2.159   1.00 19.72 ? 268 HOH A O   1 
HETATM 998  O  O   . HOH C 3 .   ? -4.083  0.617   9.150   1.00 26.10 ? 269 HOH A O   1 
HETATM 999  O  O   . HOH C 3 .   ? 11.241  6.535   -6.061  1.00 33.77 ? 270 HOH A O   1 
HETATM 1000 O  O   . HOH C 3 .   ? 1.386   6.595   -10.844 1.00 41.28 ? 271 HOH A O   1 
HETATM 1001 O  O   . HOH C 3 .   ? -7.175  -19.265 -10.434 1.00 50.15 ? 272 HOH A O   1 
HETATM 1002 O  O   . HOH C 3 .   ? 0.656   11.344  -1.215  1.00 22.30 ? 273 HOH A O   1 
HETATM 1003 O  O   . HOH C 3 .   ? 9.633   4.256   12.907  1.00 24.79 ? 274 HOH A O   1 
HETATM 1004 O  O   . HOH C 3 .   ? 11.201  6.343   10.653  1.00 49.77 ? 275 HOH A O   1 
HETATM 1005 O  O   . HOH C 3 .   ? 8.880   4.429   15.606  0.33 25.67 ? 276 HOH A O   1 
HETATM 1006 O  O   . HOH C 3 .   ? -3.895  -3.872  8.479   1.00 29.61 ? 277 HOH A O   1 
HETATM 1007 O  O   . HOH C 3 .   ? -14.446 16.640  3.728   1.00 39.62 ? 278 HOH A O   1 
HETATM 1008 O  O   . HOH C 3 .   ? -11.444 19.341  5.977   0.33 26.96 ? 279 HOH A O   1 
HETATM 1009 O  O   . HOH C 3 .   ? 14.772  10.995  1.871   1.00 32.74 ? 280 HOH A O   1 
HETATM 1010 O  O   . HOH C 3 .   ? 18.412  -15.454 3.940   1.00 45.03 ? 281 HOH A O   1 
HETATM 1011 O  O   . HOH C 3 .   ? -5.896  15.642  -9.041  1.00 47.90 ? 282 HOH A O   1 
HETATM 1012 O  O   . HOH C 3 .   ? -5.644  15.568  0.553   1.00 45.61 ? 283 HOH A O   1 
HETATM 1013 O  O   . HOH C 3 .   ? 3.386   14.270  5.418   1.00 43.48 ? 284 HOH A O   1 
HETATM 1014 O  O   . HOH C 3 .   ? 11.419  -4.343  -8.284  1.00 34.21 ? 285 HOH A O   1 
HETATM 1015 O  O   . HOH C 3 .   ? -2.420  -1.179  -6.649  1.00 28.17 ? 286 HOH A O   1 
HETATM 1016 O  O   . HOH C 3 .   ? 12.433  10.538  0.148   1.00 35.70 ? 287 HOH A O   1 
HETATM 1017 O  O   . HOH C 3 .   ? 10.884  -12.153 5.286   1.00 46.05 ? 288 HOH A O   1 
HETATM 1018 O  O   . HOH C 3 .   ? 13.040  -13.094 4.314   1.00 44.66 ? 289 HOH A O   1 
HETATM 1019 O  O   . HOH C 3 .   ? 15.524  -14.550 4.473   1.00 50.33 ? 290 HOH A O   1 
HETATM 1020 O  O   . HOH C 3 .   ? 7.429   -4.466  16.136  1.00 33.16 ? 291 HOH A O   1 
HETATM 1021 O  O   . HOH C 3 .   ? 8.402   -1.949  16.392  1.00 41.25 ? 292 HOH A O   1 
HETATM 1022 O  O   . HOH C 3 .   ? 23.471  3.180   -0.159  1.00 41.17 ? 293 HOH A O   1 
HETATM 1023 O  O   . HOH C 3 .   ? 25.933  -11.085 3.572   1.00 41.37 ? 294 HOH A O   1 
HETATM 1024 O  O   . HOH C 3 .   ? 27.796  -4.560  -2.852  1.00 40.11 ? 295 HOH A O   1 
HETATM 1025 O  O   . HOH C 3 .   ? -15.888 -2.801  -0.911  1.00 37.04 ? 296 HOH A O   1 
HETATM 1026 O  O   . HOH C 3 .   ? 24.089  -8.039  3.724   1.00 52.57 ? 297 HOH A O   1 
HETATM 1027 O  O   . HOH C 3 .   ? 15.362  -7.675  -1.161  1.00 40.48 ? 298 HOH A O   1 
HETATM 1028 O  O   . HOH C 3 .   ? 19.620  1.667   -4.002  1.00 38.03 ? 299 HOH A O   1 
HETATM 1029 O  O   . HOH C 3 .   ? 19.639  10.532  3.989   1.00 44.92 ? 300 HOH A O   1 
HETATM 1030 O  O   . HOH C 3 .   ? 6.777   11.449  8.922   1.00 33.68 ? 301 HOH A O   1 
HETATM 1031 O  O   . HOH C 3 .   ? 13.291  4.119   -7.167  1.00 41.28 ? 302 HOH A O   1 
HETATM 1032 O  O   . HOH C 3 .   ? -5.058  14.211  4.345   1.00 47.12 ? 303 HOH A O   1 
HETATM 1033 O  O   . HOH C 3 .   ? -11.409 -9.854  -10.894 1.00 39.56 ? 304 HOH A O   1 
HETATM 1034 O  O   . HOH C 3 .   ? -9.728  -11.417 -14.069 1.00 31.37 ? 305 HOH A O   1 
HETATM 1035 O  O   . HOH C 3 .   ? -1.305  -14.527 2.027   1.00 40.07 ? 306 HOH A O   1 
HETATM 1036 O  O   . HOH C 3 .   ? -11.911 -12.041 -9.346  1.00 40.02 ? 307 HOH A O   1 
HETATM 1037 O  O   . HOH C 3 .   ? -6.242  -6.553  5.547   1.00 38.33 ? 308 HOH A O   1 
HETATM 1038 O  O   . HOH C 3 .   ? -9.282  7.471   5.508   1.00 28.17 ? 309 HOH A O   1 
HETATM 1039 O  O   . HOH C 3 .   ? -15.263 8.559   2.479   1.00 41.65 ? 310 HOH A O   1 
HETATM 1040 O  O   . HOH C 3 .   ? -11.270 3.585   6.939   1.00 46.44 ? 311 HOH A O   1 
HETATM 1041 O  O   . HOH C 3 .   ? 3.591   1.224   -2.213  1.00 36.91 ? 312 HOH A O   1 
HETATM 1042 O  O   . HOH C 3 .   ? -7.238  10.775  -4.417  1.00 43.50 ? 313 HOH A O   1 
HETATM 1043 O  O   . HOH C 3 .   ? -16.986 10.650  4.210   1.00 37.80 ? 314 HOH A O   1 
HETATM 1044 O  O   . HOH C 3 .   ? -15.669 9.988   7.454   1.00 40.95 ? 315 HOH A O   1 
HETATM 1045 O  O   . HOH C 3 .   ? -14.089 12.339  8.345   1.00 33.21 ? 316 HOH A O   1 
HETATM 1046 O  O   . HOH C 3 .   ? -5.687  12.901  -8.489  1.00 42.03 ? 317 HOH A O   1 
HETATM 1047 O  O   . HOH C 3 .   ? -12.438 13.741  6.364   1.00 36.64 ? 318 HOH A O   1 
HETATM 1048 O  O   . HOH C 3 .   ? 25.017  0.159   0.204   1.00 36.70 ? 319 HOH A O   1 
# 
